data_7CX0
#
_entry.id   7CX0
#
_cell.length_a   131.696
_cell.length_b   131.696
_cell.length_c   390.014
_cell.angle_alpha   90.000
_cell.angle_beta   90.000
_cell.angle_gamma   120.000
#
_symmetry.space_group_name_H-M   'P 61 2 2'
#
loop_
_entity.id
_entity.type
_entity.pdbx_description
1 polymer Decarboxylase
2 non-polymer "PYRIDOXAL-5'-PHOSPHATE"
3 non-polymer CARBIDOPA
4 water water
#
_entity_poly.entity_id   1
_entity_poly.type   'polypeptide(L)'
_entity_poly.pdbx_seq_one_letter_code
;MKNEKLAKGEMNLNALFIGDKAENGQLYKDLLIDLVDEHLGWRQNYMPQDMPVISSQERTSKSYEKTVNHMKDVLNEISS
RMRTHSVPWHTAGRYWGHMNSETLMPSLLAYNFAMLWNGNNVAYESSPATSQMEEEVGHEFAHLMSYKNGWGHIVADGSL
ANLEGLWYARNIKSLPFAMKEVKPELVAGKSDWELLNMPTKEIMDLLESAEDEIDEIKAHSARSGKHLQAIGKWLVPQTK
HYSWLKAADIIGIGLDQVIPVPVDHNYRMDINELEKIVRGLAEEQIPVLGVVGVVGSTEEGAVDSIDKIIALRDELMKDG
IYYYVHVDAAYGGYGRAIFLDEDNNFIPYEDLQDVHEEYGVFKEKKEHISREVYDAYKAIELAESVTIDPHKMGYIPYSA
GGIVIQDIRMRDVISYFATYVFEKGADIPALLGAYILEGSKAGATAASVWAAHHVLPLNVAGYGKLIGASIEGSHHFYNF
LNDLTFKVGDKEIEVHTLTHPDFNMVDYVFKEKGNDDLVAMNKLNHDVYDYASYVKGNIYNNEFITSHTDFAIPDYGNSP
LKFVNSLGFSDEEWNRAGKVTVLRAAVMTPYMNDKEEFDVYAPKIQAALQEKLEQIYDVK
;
_entity_poly.pdbx_strand_id   A,B,C
#
# COMPACT_ATOMS: atom_id res chain seq x y z
N LYS A 8 38.23 -1.92 -30.88
CA LYS A 8 39.53 -2.36 -31.44
C LYS A 8 40.62 -1.48 -30.83
N GLY A 9 40.53 -1.15 -29.54
CA GLY A 9 41.57 -0.37 -28.86
C GLY A 9 41.49 1.12 -29.13
N GLU A 10 42.04 1.60 -30.26
CA GLU A 10 42.09 3.05 -30.57
C GLU A 10 41.89 3.28 -32.08
N MET A 11 41.28 4.40 -32.49
CA MET A 11 40.94 4.61 -33.91
C MET A 11 41.33 6.01 -34.40
N ASN A 12 42.32 6.11 -35.28
CA ASN A 12 42.80 7.43 -35.78
C ASN A 12 41.75 8.09 -36.66
N LEU A 13 41.27 9.26 -36.22
CA LEU A 13 40.30 10.03 -37.02
C LEU A 13 41.07 10.73 -38.12
N ASN A 14 42.40 10.78 -37.98
CA ASN A 14 43.24 11.51 -38.96
C ASN A 14 43.39 10.68 -40.24
N ALA A 15 42.82 9.48 -40.26
CA ALA A 15 42.86 8.64 -41.47
C ALA A 15 41.46 8.56 -42.08
N LEU A 16 40.47 9.13 -41.41
CA LEU A 16 39.08 9.00 -41.88
C LEU A 16 38.67 10.27 -42.59
N PHE A 17 39.65 11.08 -42.97
CA PHE A 17 39.37 12.34 -43.69
C PHE A 17 40.44 12.52 -44.77
N ILE A 18 40.10 13.18 -45.88
CA ILE A 18 41.05 13.41 -47.00
C ILE A 18 42.14 14.33 -46.49
N GLY A 19 41.76 15.31 -45.68
CA GLY A 19 42.77 16.17 -45.09
C GLY A 19 42.67 17.62 -45.46
N ASP A 20 43.12 18.49 -44.55
CA ASP A 20 43.12 19.95 -44.77
C ASP A 20 44.13 20.31 -45.86
N LYS A 21 45.14 19.48 -46.06
CA LYS A 21 46.17 19.72 -47.07
C LYS A 21 46.29 18.45 -47.91
N ALA A 22 45.17 17.76 -48.15
CA ALA A 22 45.13 16.53 -48.98
C ALA A 22 46.21 15.55 -48.55
N GLU A 23 46.34 15.32 -47.25
CA GLU A 23 47.41 14.45 -46.75
C GLU A 23 47.05 13.01 -47.10
N ASN A 24 45.77 12.70 -47.12
CA ASN A 24 45.31 11.32 -47.38
C ASN A 24 44.59 11.29 -48.73
N GLY A 25 45.06 12.07 -49.68
CA GLY A 25 44.43 12.14 -51.01
C GLY A 25 44.70 10.94 -51.88
N GLN A 26 45.83 10.28 -51.70
CA GLN A 26 46.12 9.03 -52.44
C GLN A 26 45.25 7.92 -51.91
N LEU A 27 45.12 7.83 -50.59
CA LEU A 27 44.21 6.82 -50.00
C LEU A 27 42.81 7.03 -50.54
N TYR A 28 42.33 8.26 -50.55
CA TYR A 28 40.98 8.51 -51.13
C TYR A 28 40.95 8.04 -52.57
N LYS A 29 41.87 8.54 -53.39
CA LYS A 29 41.83 8.22 -54.84
C LYS A 29 41.97 6.72 -55.07
N ASP A 30 42.74 6.02 -54.25
CA ASP A 30 43.00 4.58 -54.52
C ASP A 30 41.80 3.74 -54.13
N LEU A 31 41.11 4.09 -53.06
CA LEU A 31 39.92 3.35 -52.62
C LEU A 31 38.77 3.74 -53.51
N LEU A 32 38.77 4.96 -54.01
CA LEU A 32 37.72 5.41 -54.97
C LEU A 32 37.84 4.56 -56.23
N ILE A 33 39.04 4.39 -56.75
CA ILE A 33 39.22 3.65 -58.03
C ILE A 33 38.95 2.18 -57.78
N ASP A 34 39.36 1.68 -56.62
CA ASP A 34 39.18 0.24 -56.30
C ASP A 34 37.69 -0.05 -56.27
N LEU A 35 36.90 0.89 -55.77
CA LEU A 35 35.43 0.70 -55.65
C LEU A 35 34.79 0.82 -57.03
N VAL A 36 35.10 1.86 -57.77
CA VAL A 36 34.59 1.99 -59.16
C VAL A 36 34.92 0.70 -59.93
N ASP A 37 36.10 0.13 -59.71
CA ASP A 37 36.53 -1.04 -60.50
C ASP A 37 35.70 -2.25 -60.12
N GLU A 38 35.24 -2.27 -58.88
CA GLU A 38 34.39 -3.39 -58.41
C GLU A 38 32.99 -3.27 -59.02
N HIS A 39 32.49 -2.06 -59.19
CA HIS A 39 31.17 -1.85 -59.83
C HIS A 39 31.22 -2.20 -61.30
N LEU A 40 32.31 -1.82 -61.96
CA LEU A 40 32.41 -2.05 -63.41
C LEU A 40 32.55 -3.55 -63.66
N GLY A 41 33.18 -4.26 -62.72
CA GLY A 41 33.28 -5.72 -62.83
C GLY A 41 31.93 -6.35 -62.66
N TRP A 42 31.13 -5.82 -61.76
CA TRP A 42 29.75 -6.33 -61.56
C TRP A 42 29.01 -6.13 -62.87
N ARG A 43 29.18 -4.98 -63.50
CA ARG A 43 28.41 -4.67 -64.71
C ARG A 43 28.81 -5.60 -65.86
N GLN A 44 30.11 -5.81 -66.04
CA GLN A 44 30.61 -6.62 -67.18
C GLN A 44 30.19 -8.07 -67.01
N ASN A 45 29.92 -8.48 -65.78
CA ASN A 45 29.71 -9.91 -65.51
C ASN A 45 28.24 -10.19 -65.17
N TYR A 46 27.40 -9.21 -65.48
CA TYR A 46 25.95 -9.45 -65.48
C TYR A 46 25.70 -9.75 -66.95
N MET A 47 25.05 -10.85 -67.31
CA MET A 47 24.88 -11.24 -68.73
C MET A 47 26.24 -11.14 -69.47
N PRO A 48 27.31 -11.92 -69.14
CA PRO A 48 28.60 -11.74 -69.78
C PRO A 48 28.67 -12.26 -71.22
N GLN A 49 27.60 -12.89 -71.70
CA GLN A 49 27.53 -13.43 -73.07
C GLN A 49 27.24 -12.27 -74.01
N ASP A 50 26.72 -11.19 -73.44
CA ASP A 50 26.39 -10.01 -74.26
C ASP A 50 27.69 -9.30 -74.60
N MET A 51 27.85 -8.91 -75.86
CA MET A 51 29.08 -8.24 -76.28
C MET A 51 28.85 -6.74 -76.16
N PRO A 52 29.89 -5.93 -75.87
CA PRO A 52 29.74 -4.50 -75.75
C PRO A 52 29.01 -3.84 -76.93
N VAL A 53 28.03 -3.00 -76.64
CA VAL A 53 27.23 -2.31 -77.69
C VAL A 53 28.07 -1.15 -78.21
N ILE A 54 28.73 -0.42 -77.31
CA ILE A 54 29.66 0.64 -77.76
C ILE A 54 30.89 -0.07 -78.33
N SER A 55 31.16 0.12 -79.63
CA SER A 55 32.23 -0.60 -80.32
C SER A 55 33.59 0.04 -80.13
N SER A 56 34.64 -0.68 -80.50
CA SER A 56 36.01 -0.17 -80.34
C SER A 56 36.20 1.00 -81.29
N GLN A 57 35.58 0.92 -82.46
CA GLN A 57 35.79 1.98 -83.47
C GLN A 57 34.96 3.21 -83.09
N GLU A 58 33.88 3.01 -82.35
CA GLU A 58 33.02 4.14 -81.92
C GLU A 58 33.79 4.95 -80.91
N ARG A 59 34.58 4.26 -80.09
CA ARG A 59 35.34 4.94 -79.04
C ARG A 59 36.60 5.59 -79.62
N THR A 60 36.86 5.42 -80.90
CA THR A 60 38.03 6.05 -81.57
C THR A 60 37.54 7.02 -82.64
N SER A 61 36.22 7.20 -82.74
CA SER A 61 35.61 8.06 -83.78
C SER A 61 35.74 9.54 -83.42
N LYS A 62 35.54 10.43 -84.41
CA LYS A 62 35.65 11.88 -84.16
C LYS A 62 34.37 12.34 -83.47
N SER A 63 33.27 11.63 -83.70
CA SER A 63 31.99 11.96 -83.03
C SER A 63 32.20 11.81 -81.54
N TYR A 64 32.88 10.74 -81.15
CA TYR A 64 33.14 10.46 -79.72
C TYR A 64 34.10 11.50 -79.16
N GLU A 65 35.18 11.79 -79.87
CA GLU A 65 36.22 12.71 -79.37
C GLU A 65 35.67 14.10 -79.20
N LYS A 66 34.83 14.54 -80.12
CA LYS A 66 34.23 15.89 -80.03
C LYS A 66 33.25 15.96 -78.86
N THR A 67 32.55 14.86 -78.59
CA THR A 67 31.60 14.82 -77.46
C THR A 67 32.39 14.80 -76.16
N VAL A 68 33.44 13.99 -76.10
CA VAL A 68 34.31 13.91 -74.89
C VAL A 68 35.00 15.25 -74.65
N ASN A 69 35.36 15.96 -75.70
CA ASN A 69 36.10 17.23 -75.52
C ASN A 69 35.12 18.28 -75.01
N HIS A 70 33.87 18.20 -75.43
CA HIS A 70 32.83 19.13 -74.93
C HIS A 70 32.55 18.85 -73.45
N MET A 71 32.47 17.58 -73.05
CA MET A 71 32.28 17.22 -71.62
C MET A 71 33.44 17.80 -70.84
N LYS A 72 34.64 17.62 -71.36
CA LYS A 72 35.86 18.13 -70.68
C LYS A 72 35.74 19.64 -70.50
N ASP A 73 35.22 20.34 -71.49
CA ASP A 73 35.09 21.82 -71.44
C ASP A 73 34.06 22.23 -70.39
N VAL A 74 32.97 21.47 -70.27
CA VAL A 74 31.90 21.78 -69.29
C VAL A 74 32.45 21.52 -67.89
N LEU A 75 33.09 20.38 -67.70
CA LEU A 75 33.65 20.02 -66.38
C LEU A 75 34.78 20.98 -66.05
N ASN A 76 35.45 21.50 -67.06
CA ASN A 76 36.52 22.50 -66.83
C ASN A 76 35.88 23.81 -66.35
N GLU A 77 34.68 24.12 -66.82
CA GLU A 77 33.99 25.35 -66.37
C GLU A 77 33.50 25.15 -64.94
N ILE A 78 32.94 23.97 -64.67
CA ILE A 78 32.54 23.70 -63.27
C ILE A 78 33.78 23.86 -62.39
N SER A 79 34.91 23.27 -62.80
CA SER A 79 36.16 23.36 -61.99
C SER A 79 36.53 24.81 -61.76
N SER A 80 36.49 25.66 -62.78
CA SER A 80 36.94 27.05 -62.61
C SER A 80 36.03 27.74 -61.61
N ARG A 81 34.73 27.68 -61.83
CA ARG A 81 33.79 28.38 -60.95
C ARG A 81 33.93 27.85 -59.53
N MET A 82 34.15 26.54 -59.37
CA MET A 82 34.20 25.96 -58.01
C MET A 82 35.51 26.32 -57.33
N ARG A 83 36.58 26.49 -58.08
CA ARG A 83 37.90 26.76 -57.47
C ARG A 83 38.07 28.27 -57.32
N THR A 84 37.14 29.03 -57.87
CA THR A 84 37.21 30.52 -57.75
C THR A 84 36.32 30.94 -56.57
N HIS A 85 35.05 30.55 -56.61
CA HIS A 85 34.10 31.04 -55.59
C HIS A 85 33.66 29.94 -54.62
N SER A 86 34.59 29.25 -53.97
CA SER A 86 34.15 28.28 -52.94
C SER A 86 34.91 28.54 -51.66
N VAL A 87 34.40 28.05 -50.54
CA VAL A 87 34.98 28.40 -49.21
C VAL A 87 35.91 27.31 -48.68
N PRO A 88 37.12 27.64 -48.14
CA PRO A 88 38.08 26.63 -47.71
C PRO A 88 37.99 26.20 -46.25
N TRP A 89 36.92 25.52 -45.86
CA TRP A 89 36.70 25.15 -44.44
C TRP A 89 37.42 23.86 -44.10
N HIS A 90 38.05 23.26 -45.10
CA HIS A 90 38.81 21.99 -44.90
C HIS A 90 39.99 22.29 -44.00
N THR A 91 40.42 23.56 -43.96
CA THR A 91 41.57 23.96 -43.13
C THR A 91 41.17 23.89 -41.66
N ALA A 92 42.13 23.65 -40.80
CA ALA A 92 41.83 23.50 -39.36
C ALA A 92 41.68 24.86 -38.70
N GLY A 93 42.79 25.45 -38.25
CA GLY A 93 42.70 26.68 -37.46
C GLY A 93 42.65 27.95 -38.24
N ARG A 94 41.85 28.01 -39.29
CA ARG A 94 41.68 29.27 -40.06
C ARG A 94 40.20 29.49 -40.33
N TYR A 95 39.40 28.43 -40.33
CA TYR A 95 37.94 28.56 -40.53
C TYR A 95 37.24 28.46 -39.18
N TRP A 96 36.56 29.52 -38.81
CA TRP A 96 35.86 29.57 -37.51
C TRP A 96 34.46 30.11 -37.75
N GLY A 97 33.66 29.41 -38.54
CA GLY A 97 32.33 29.92 -38.90
C GLY A 97 31.21 28.92 -38.82
N HIS A 98 30.48 28.68 -39.91
CA HIS A 98 29.26 27.83 -39.93
C HIS A 98 29.53 26.35 -39.71
N MET A 99 28.46 25.60 -39.44
CA MET A 99 28.56 24.14 -39.17
C MET A 99 28.96 23.40 -40.45
N ASN A 100 30.20 23.58 -40.90
CA ASN A 100 30.67 22.96 -42.16
C ASN A 100 32.17 22.73 -42.05
N SER A 101 32.60 21.48 -42.02
CA SER A 101 34.06 21.18 -42.06
C SER A 101 34.30 20.13 -43.13
N GLU A 102 35.22 19.21 -42.89
CA GLU A 102 35.46 18.13 -43.85
C GLU A 102 34.42 17.05 -43.60
N THR A 103 34.13 16.25 -44.62
CA THR A 103 33.16 15.15 -44.49
C THR A 103 33.94 13.84 -44.36
N LEU A 104 33.34 12.85 -43.69
CA LEU A 104 33.99 11.55 -43.49
C LEU A 104 34.30 10.87 -44.82
N MET A 105 35.57 10.60 -45.07
CA MET A 105 36.00 9.89 -46.30
C MET A 105 35.20 8.60 -46.48
N PRO A 106 35.00 7.69 -45.48
CA PRO A 106 34.21 6.50 -45.74
C PRO A 106 32.86 6.80 -46.39
N SER A 107 32.24 7.92 -46.04
CA SER A 107 30.89 8.27 -46.57
C SER A 107 31.00 8.78 -48.00
N LEU A 108 32.04 9.53 -48.34
CA LEU A 108 32.21 10.11 -49.69
C LEU A 108 32.51 8.97 -50.64
N LEU A 109 33.30 8.01 -50.17
CA LEU A 109 33.71 6.88 -51.00
C LEU A 109 32.50 6.01 -51.26
N ALA A 110 31.59 5.96 -50.30
CA ALA A 110 30.42 5.05 -50.42
C ALA A 110 29.31 5.69 -51.21
N TYR A 111 29.16 7.01 -51.14
CA TYR A 111 28.14 7.66 -51.98
C TYR A 111 28.53 7.43 -53.42
N ASN A 112 29.79 7.67 -53.77
CA ASN A 112 30.23 7.55 -55.18
C ASN A 112 30.03 6.12 -55.66
N PHE A 113 30.37 5.13 -54.84
CA PHE A 113 30.21 3.71 -55.21
C PHE A 113 28.74 3.42 -55.47
N ALA A 114 27.85 3.84 -54.60
CA ALA A 114 26.43 3.48 -54.71
C ALA A 114 25.73 4.31 -55.77
N MET A 115 26.23 5.52 -56.03
CA MET A 115 25.64 6.39 -57.07
C MET A 115 25.79 5.71 -58.42
N LEU A 116 26.72 4.77 -58.53
CA LEU A 116 26.97 4.11 -59.83
C LEU A 116 25.88 3.09 -60.08
N TRP A 117 25.12 2.75 -59.04
CA TRP A 117 23.95 1.85 -59.20
C TRP A 117 22.67 2.68 -59.31
N ASN A 118 22.70 3.95 -58.90
CA ASN A 118 21.52 4.87 -58.91
C ASN A 118 20.28 4.17 -58.36
N GLY A 119 20.35 3.75 -57.11
CA GLY A 119 19.20 3.08 -56.47
C GLY A 119 18.25 4.06 -55.84
N ASN A 120 16.95 3.79 -55.94
CA ASN A 120 15.92 4.63 -55.29
C ASN A 120 15.48 3.88 -54.05
N ASN A 121 15.49 4.51 -52.89
CA ASN A 121 15.19 3.80 -51.63
C ASN A 121 13.69 3.84 -51.34
N VAL A 122 12.92 4.47 -52.22
CA VAL A 122 11.44 4.59 -52.04
C VAL A 122 10.84 3.19 -52.19
N ALA A 123 11.58 2.28 -52.83
CA ALA A 123 11.06 0.92 -53.07
C ALA A 123 12.19 -0.11 -52.97
N TYR A 124 11.96 -1.19 -52.22
CA TYR A 124 12.96 -2.25 -52.06
C TYR A 124 13.35 -2.78 -53.43
N GLU A 125 12.40 -2.89 -54.34
CA GLU A 125 12.67 -3.49 -55.67
C GLU A 125 13.76 -2.69 -56.38
N SER A 126 13.81 -1.39 -56.16
CA SER A 126 14.79 -0.56 -56.88
C SER A 126 16.20 -0.89 -56.41
N SER A 127 16.46 -0.77 -55.11
CA SER A 127 17.77 -1.17 -54.57
C SER A 127 17.60 -1.90 -53.27
N PRO A 128 17.53 -3.27 -53.24
CA PRO A 128 17.31 -4.00 -52.00
C PRO A 128 18.43 -3.85 -50.97
N ALA A 129 19.63 -3.57 -51.42
CA ALA A 129 20.80 -3.49 -50.51
C ALA A 129 20.86 -2.14 -49.82
N THR A 130 20.66 -1.08 -50.59
CA THR A 130 20.65 0.29 -50.01
C THR A 130 19.41 0.44 -49.11
N SER A 131 18.35 -0.31 -49.39
CA SER A 131 17.09 -0.21 -48.62
C SER A 131 17.28 -0.85 -47.25
N GLN A 132 17.94 -1.99 -47.19
CA GLN A 132 18.23 -2.65 -45.90
C GLN A 132 19.14 -1.74 -45.10
N MET A 133 19.99 -0.99 -45.77
CA MET A 133 20.96 -0.15 -45.06
C MET A 133 20.20 0.99 -44.39
N GLU A 134 19.16 1.51 -45.04
CA GLU A 134 18.41 2.65 -44.49
C GLU A 134 17.65 2.20 -43.25
N GLU A 135 17.14 0.97 -43.27
CA GLU A 135 16.37 0.45 -42.13
C GLU A 135 17.33 0.27 -40.96
N GLU A 136 18.51 -0.22 -41.27
CA GLU A 136 19.53 -0.36 -40.21
C GLU A 136 19.83 1.04 -39.69
N VAL A 137 20.00 2.02 -40.58
CA VAL A 137 20.39 3.41 -40.14
C VAL A 137 19.33 3.98 -39.22
N GLY A 138 18.06 3.63 -39.45
CA GLY A 138 16.97 4.11 -38.58
C GLY A 138 16.92 3.36 -37.27
N HIS A 139 17.22 2.07 -37.32
CA HIS A 139 17.29 1.28 -36.07
C HIS A 139 18.52 1.74 -35.30
N GLU A 140 19.50 2.28 -36.01
CA GLU A 140 20.72 2.78 -35.37
C GLU A 140 20.43 4.14 -34.77
N PHE A 141 19.59 4.93 -35.44
CA PHE A 141 19.20 6.26 -34.94
C PHE A 141 18.39 6.09 -33.66
N ALA A 142 17.57 5.05 -33.61
CA ALA A 142 16.73 4.77 -32.43
C ALA A 142 17.60 4.39 -31.24
N HIS A 143 18.60 3.54 -31.47
CA HIS A 143 19.48 3.09 -30.37
C HIS A 143 20.43 4.22 -29.99
N LEU A 144 20.61 5.21 -30.85
CA LEU A 144 21.41 6.39 -30.46
C LEU A 144 20.56 7.17 -29.46
N MET A 145 19.27 7.25 -29.74
CA MET A 145 18.34 8.02 -28.88
C MET A 145 17.77 7.12 -27.78
N SER A 146 18.27 5.89 -27.62
CA SER A 146 17.86 4.93 -26.55
C SER A 146 16.39 4.57 -26.66
N TYR A 147 15.79 4.93 -27.77
CA TYR A 147 14.39 4.58 -28.03
C TYR A 147 14.35 3.07 -28.16
N LYS A 148 13.63 2.43 -27.25
CA LYS A 148 13.44 0.97 -27.40
C LYS A 148 12.21 0.80 -28.30
N ASN A 149 12.17 -0.23 -29.13
CA ASN A 149 11.07 -0.44 -30.11
C ASN A 149 10.85 0.85 -30.88
N GLY A 150 11.94 1.46 -31.33
CA GLY A 150 11.83 2.69 -32.12
C GLY A 150 12.22 2.47 -33.56
N TRP A 151 12.24 3.54 -34.34
CA TRP A 151 12.56 3.45 -35.78
C TRP A 151 13.06 4.81 -36.22
N GLY A 152 13.50 4.90 -37.46
CA GLY A 152 14.00 6.16 -38.00
C GLY A 152 14.19 6.02 -39.48
N HIS A 153 14.36 7.13 -40.18
CA HIS A 153 14.58 7.12 -41.64
C HIS A 153 15.41 8.34 -42.02
N ILE A 154 16.06 8.30 -43.17
CA ILE A 154 16.89 9.44 -43.63
C ILE A 154 15.96 10.47 -44.25
N VAL A 155 16.09 11.73 -43.91
CA VAL A 155 15.24 12.72 -44.61
C VAL A 155 16.18 13.55 -45.47
N ALA A 156 15.66 14.10 -46.54
CA ALA A 156 16.47 14.93 -47.42
C ALA A 156 17.22 15.96 -46.58
N ASP A 157 16.49 16.71 -45.78
CA ASP A 157 17.12 17.76 -44.93
C ASP A 157 16.45 17.75 -43.57
N GLY A 158 16.93 18.59 -42.67
CA GLY A 158 16.39 18.65 -41.30
C GLY A 158 15.14 19.50 -41.25
N SER A 159 14.97 20.37 -42.23
CA SER A 159 13.74 21.19 -42.29
C SER A 159 12.58 20.27 -42.68
N LEU A 160 12.85 19.29 -43.52
CA LEU A 160 11.79 18.37 -44.00
C LEU A 160 11.52 17.33 -42.91
N ALA A 161 12.48 17.11 -42.03
CA ALA A 161 12.27 16.17 -40.92
C ALA A 161 11.47 16.86 -39.82
N ASN A 162 11.70 18.15 -39.63
CA ASN A 162 10.95 18.93 -38.62
C ASN A 162 9.50 18.95 -39.11
N LEU A 163 9.31 19.07 -40.43
CA LEU A 163 7.95 19.03 -40.99
C LEU A 163 7.31 17.70 -40.67
N GLU A 164 8.03 16.60 -40.86
CA GLU A 164 7.44 15.25 -40.67
C GLU A 164 7.11 15.07 -39.20
N GLY A 165 7.86 15.72 -38.33
CA GLY A 165 7.53 15.66 -36.90
C GLY A 165 6.16 16.27 -36.65
N LEU A 166 5.94 17.46 -37.21
CA LEU A 166 4.63 18.13 -37.05
C LEU A 166 3.56 17.27 -37.72
N TRP A 167 3.90 16.60 -38.81
CA TRP A 167 2.93 15.70 -39.49
C TRP A 167 2.53 14.62 -38.50
N TYR A 168 3.52 14.05 -37.83
CA TYR A 168 3.25 12.97 -36.86
C TYR A 168 2.34 13.51 -35.76
N ALA A 169 2.73 14.60 -35.15
CA ALA A 169 1.96 15.12 -34.00
C ALA A 169 0.58 15.61 -34.45
N ARG A 170 0.53 16.33 -35.57
CA ARG A 170 -0.76 16.89 -36.05
C ARG A 170 -1.74 15.73 -36.18
N ASN A 171 -1.30 14.66 -36.81
CA ASN A 171 -2.20 13.52 -37.05
C ASN A 171 -2.42 12.76 -35.74
N ILE A 172 -1.50 12.87 -34.80
CA ILE A 172 -1.61 12.08 -33.55
C ILE A 172 -2.66 12.71 -32.64
N LYS A 173 -2.65 14.03 -32.49
CA LYS A 173 -3.62 14.71 -31.62
C LYS A 173 -5.01 14.61 -32.26
N SER A 174 -5.07 14.43 -33.58
CA SER A 174 -6.36 14.37 -34.30
C SER A 174 -6.99 13.00 -34.12
N LEU A 175 -6.21 12.03 -33.67
CA LEU A 175 -6.72 10.64 -33.59
C LEU A 175 -7.76 10.48 -32.48
N PRO A 176 -7.56 10.96 -31.24
CA PRO A 176 -8.60 10.88 -30.23
C PRO A 176 -9.98 11.30 -30.74
N PHE A 177 -10.10 12.51 -31.27
CA PHE A 177 -11.40 13.01 -31.75
C PHE A 177 -11.93 12.08 -32.83
N ALA A 178 -11.05 11.61 -33.70
CA ALA A 178 -11.47 10.76 -34.84
C ALA A 178 -11.87 9.38 -34.32
N MET A 179 -11.25 8.97 -33.24
CA MET A 179 -11.54 7.62 -32.73
C MET A 179 -13.00 7.65 -32.29
N LYS A 180 -13.41 8.75 -31.67
CA LYS A 180 -14.79 8.83 -31.15
C LYS A 180 -15.75 8.85 -32.34
N GLU A 181 -15.28 9.34 -33.48
CA GLU A 181 -16.18 9.50 -34.62
C GLU A 181 -16.25 8.21 -35.43
N VAL A 182 -15.50 7.19 -35.05
CA VAL A 182 -15.49 5.96 -35.89
C VAL A 182 -15.63 4.75 -34.98
N LYS A 183 -14.97 4.78 -33.84
CA LYS A 183 -15.13 3.69 -32.85
C LYS A 183 -15.16 4.35 -31.47
N PRO A 184 -16.24 5.06 -31.09
CA PRO A 184 -16.30 5.77 -29.82
C PRO A 184 -15.95 4.83 -28.66
N GLU A 185 -16.19 3.54 -28.87
CA GLU A 185 -15.89 2.52 -27.85
C GLU A 185 -14.46 2.69 -27.32
N LEU A 186 -13.51 3.07 -28.18
CA LEU A 186 -12.09 3.15 -27.75
C LEU A 186 -11.91 4.31 -26.77
N VAL A 187 -12.58 5.43 -27.03
CA VAL A 187 -12.37 6.65 -26.20
C VAL A 187 -13.62 6.89 -25.35
N ALA A 188 -14.24 5.82 -24.87
CA ALA A 188 -15.51 5.98 -24.12
C ALA A 188 -15.27 6.62 -22.77
N GLY A 189 -16.19 7.52 -22.38
CA GLY A 189 -16.08 8.15 -21.05
C GLY A 189 -14.97 9.16 -21.03
N LYS A 190 -14.69 9.78 -22.16
CA LYS A 190 -13.55 10.70 -22.23
C LYS A 190 -14.04 12.08 -22.67
N SER A 191 -13.74 13.10 -21.87
CA SER A 191 -14.18 14.48 -22.20
C SER A 191 -13.51 14.90 -23.50
N ASP A 192 -14.14 15.82 -24.23
CA ASP A 192 -13.48 16.35 -25.45
C ASP A 192 -12.07 16.84 -25.09
N TRP A 193 -11.89 17.44 -23.91
CA TRP A 193 -10.57 17.99 -23.53
C TRP A 193 -9.65 16.88 -23.04
N GLU A 194 -10.23 15.80 -22.51
CA GLU A 194 -9.35 14.69 -22.10
C GLU A 194 -8.84 13.95 -23.34
N LEU A 195 -9.53 14.13 -24.47
CA LEU A 195 -9.09 13.51 -25.73
C LEU A 195 -7.94 14.35 -26.29
N LEU A 196 -8.05 15.67 -26.18
CA LEU A 196 -7.00 16.57 -26.69
C LEU A 196 -5.88 16.70 -25.66
N ASN A 197 -5.82 15.81 -24.68
CA ASN A 197 -4.70 15.81 -23.70
C ASN A 197 -4.38 14.36 -23.38
N MET A 198 -4.68 13.48 -24.33
CA MET A 198 -4.37 12.03 -24.16
C MET A 198 -2.89 11.83 -24.45
N PRO A 199 -2.18 11.00 -23.66
CA PRO A 199 -0.79 10.70 -23.93
C PRO A 199 -0.61 9.95 -25.25
N THR A 200 0.53 10.13 -25.91
CA THR A 200 0.78 9.55 -27.25
C THR A 200 0.76 8.03 -27.19
N LYS A 201 1.27 7.44 -26.11
CA LYS A 201 1.25 5.97 -25.95
C LYS A 201 -0.18 5.46 -26.01
N GLU A 202 -1.09 6.09 -25.28
CA GLU A 202 -2.48 5.60 -25.23
C GLU A 202 -3.09 5.69 -26.62
N ILE A 203 -2.88 6.82 -27.30
CA ILE A 203 -3.49 7.01 -28.64
C ILE A 203 -2.99 5.88 -29.53
N MET A 204 -1.74 5.49 -29.36
CA MET A 204 -1.14 4.43 -30.21
C MET A 204 -1.70 3.08 -29.80
N ASP A 205 -1.73 2.83 -28.50
CA ASP A 205 -2.21 1.51 -27.99
C ASP A 205 -3.66 1.33 -28.43
N LEU A 206 -4.43 2.41 -28.40
CA LEU A 206 -5.85 2.34 -28.80
C LEU A 206 -5.93 2.04 -30.30
N LEU A 207 -5.17 2.78 -31.11
CA LEU A 207 -5.28 2.59 -32.58
C LEU A 207 -4.81 1.19 -32.96
N GLU A 208 -3.75 0.73 -32.31
CA GLU A 208 -3.18 -0.61 -32.63
C GLU A 208 -4.16 -1.70 -32.20
N SER A 209 -5.13 -1.35 -31.35
CA SER A 209 -6.13 -2.33 -30.88
C SER A 209 -7.23 -2.47 -31.93
N ALA A 210 -7.59 -1.39 -32.60
CA ALA A 210 -8.70 -1.41 -33.57
C ALA A 210 -8.20 -1.81 -34.95
N GLU A 211 -7.68 -3.03 -35.08
CA GLU A 211 -7.08 -3.50 -36.34
C GLU A 211 -7.93 -3.14 -37.56
N ASP A 212 -9.18 -3.59 -37.62
CA ASP A 212 -9.99 -3.39 -38.84
C ASP A 212 -10.61 -2.00 -38.89
N GLU A 213 -10.03 -1.03 -38.18
CA GLU A 213 -10.66 0.30 -38.12
C GLU A 213 -9.59 1.38 -38.27
N ILE A 214 -8.31 0.99 -38.21
CA ILE A 214 -7.20 2.00 -38.26
C ILE A 214 -7.38 2.87 -39.50
N ASP A 215 -7.69 2.24 -40.61
CA ASP A 215 -7.81 3.00 -41.88
C ASP A 215 -8.89 4.07 -41.73
N GLU A 216 -10.02 3.71 -41.12
CA GLU A 216 -11.13 4.67 -41.06
C GLU A 216 -10.82 5.73 -40.00
N ILE A 217 -10.29 5.31 -38.86
CA ILE A 217 -9.88 6.30 -37.84
C ILE A 217 -8.95 7.31 -38.51
N LYS A 218 -8.03 6.86 -39.35
CA LYS A 218 -7.03 7.76 -39.99
C LYS A 218 -7.71 8.60 -41.07
N ALA A 219 -8.78 8.09 -41.65
CA ALA A 219 -9.48 8.82 -42.73
C ALA A 219 -10.22 10.01 -42.13
N HIS A 220 -10.45 9.96 -40.82
CA HIS A 220 -11.16 11.05 -40.12
C HIS A 220 -10.12 11.82 -39.33
N SER A 221 -8.85 11.50 -39.55
CA SER A 221 -7.75 12.20 -38.84
C SER A 221 -7.45 13.51 -39.53
N ALA A 222 -6.35 14.16 -39.15
CA ALA A 222 -5.98 15.46 -39.74
C ALA A 222 -5.70 15.29 -41.22
N ARG A 223 -5.52 14.05 -41.67
CA ARG A 223 -5.29 13.76 -43.10
C ARG A 223 -6.50 14.18 -43.92
N SER A 224 -7.67 14.30 -43.27
CA SER A 224 -8.92 14.69 -43.97
C SER A 224 -8.94 16.20 -44.14
N GLY A 225 -8.33 16.92 -43.19
CA GLY A 225 -8.26 18.38 -43.29
C GLY A 225 -9.08 19.02 -42.20
N LYS A 226 -9.66 18.20 -41.34
CA LYS A 226 -10.56 18.75 -40.31
C LYS A 226 -9.87 18.77 -38.95
N HIS A 227 -10.28 19.68 -38.06
CA HIS A 227 -9.75 19.77 -36.68
C HIS A 227 -8.28 20.21 -36.65
N LEU A 228 -7.85 21.02 -37.63
CA LEU A 228 -6.42 21.38 -37.72
C LEU A 228 -6.16 22.57 -36.78
N GLN A 229 -7.19 23.33 -36.45
CA GLN A 229 -7.02 24.50 -35.57
C GLN A 229 -7.38 24.08 -34.15
N ALA A 230 -8.02 22.93 -34.02
CA ALA A 230 -8.50 22.47 -32.70
C ALA A 230 -7.43 21.61 -32.02
N ILE A 231 -6.46 21.12 -32.79
CA ILE A 231 -5.48 20.16 -32.20
C ILE A 231 -4.51 20.89 -31.28
N GLY A 232 -4.33 22.19 -31.46
CA GLY A 232 -3.50 22.89 -30.49
C GLY A 232 -2.54 23.92 -31.05
N LYS A 233 -1.65 24.40 -30.18
CA LYS A 233 -0.69 25.44 -30.59
C LYS A 233 0.72 24.85 -30.44
N TRP A 234 1.54 24.98 -31.48
CA TRP A 234 2.92 24.46 -31.47
C TRP A 234 3.81 25.42 -30.69
N LEU A 235 4.49 24.90 -29.66
CA LEU A 235 5.34 25.76 -28.81
C LEU A 235 6.79 25.54 -29.19
N VAL A 236 7.49 26.61 -29.55
CA VAL A 236 8.89 26.48 -30.03
C VAL A 236 9.73 27.52 -29.28
N PRO A 237 11.05 27.33 -29.13
CA PRO A 237 11.89 28.34 -28.52
C PRO A 237 11.88 29.58 -29.42
N GLN A 238 12.11 30.76 -28.86
CA GLN A 238 12.01 32.00 -29.67
C GLN A 238 13.19 32.05 -30.62
N THR A 239 14.30 31.45 -30.24
CA THR A 239 15.53 31.41 -31.07
C THR A 239 15.46 30.18 -31.97
N LYS A 240 14.28 29.84 -32.46
CA LYS A 240 14.08 28.61 -33.25
C LYS A 240 14.53 28.80 -34.69
N HIS A 241 14.41 27.74 -35.48
CA HIS A 241 14.78 27.83 -36.91
C HIS A 241 13.55 28.08 -37.75
N TYR A 242 13.68 28.81 -38.87
CA TYR A 242 12.52 29.17 -39.72
C TYR A 242 11.86 27.92 -40.31
N SER A 243 12.53 26.78 -40.26
CA SER A 243 11.94 25.51 -40.71
C SER A 243 10.65 25.30 -39.93
N TRP A 244 10.66 25.66 -38.66
CA TRP A 244 9.48 25.44 -37.79
C TRP A 244 8.36 26.40 -38.19
N LEU A 245 8.70 27.64 -38.47
CA LEU A 245 7.65 28.56 -38.96
C LEU A 245 7.09 27.97 -40.25
N LYS A 246 7.97 27.61 -41.18
CA LYS A 246 7.55 27.05 -42.48
C LYS A 246 6.75 25.76 -42.26
N ALA A 247 7.10 24.97 -41.25
CA ALA A 247 6.42 23.68 -41.02
C ALA A 247 4.96 23.94 -40.68
N ALA A 248 4.72 24.90 -39.80
CA ALA A 248 3.33 25.24 -39.42
C ALA A 248 2.56 25.68 -40.64
N ASP A 249 3.12 26.59 -41.43
CA ASP A 249 2.45 27.06 -42.66
C ASP A 249 2.04 25.86 -43.53
N ILE A 250 2.95 24.93 -43.77
CA ILE A 250 2.66 23.82 -44.72
C ILE A 250 1.71 22.79 -44.11
N ILE A 251 1.96 22.35 -42.88
CA ILE A 251 1.15 21.26 -42.28
C ILE A 251 -0.32 21.68 -42.19
N GLY A 252 -0.57 22.96 -42.00
CA GLY A 252 -1.97 23.43 -41.98
C GLY A 252 -2.33 24.20 -40.71
N ILE A 253 -1.70 23.84 -39.59
CA ILE A 253 -1.98 24.54 -38.31
C ILE A 253 -1.80 26.05 -38.51
N GLY A 254 -0.86 26.46 -39.37
CA GLY A 254 -0.69 27.89 -39.68
C GLY A 254 0.31 28.56 -38.77
N LEU A 255 0.88 29.66 -39.23
CA LEU A 255 1.92 30.37 -38.45
C LEU A 255 1.30 31.00 -37.21
N ASP A 256 -0.01 31.23 -37.23
CA ASP A 256 -0.67 31.96 -36.12
C ASP A 256 -0.81 31.04 -34.91
N GLN A 257 -0.75 29.73 -35.14
CA GLN A 257 -0.85 28.76 -34.02
C GLN A 257 0.55 28.39 -33.54
N VAL A 258 1.53 29.28 -33.73
CA VAL A 258 2.90 29.03 -33.21
C VAL A 258 3.17 30.05 -32.12
N ILE A 259 3.52 29.57 -30.93
CA ILE A 259 3.79 30.48 -29.78
C ILE A 259 5.28 30.44 -29.46
N PRO A 260 6.04 31.56 -29.57
CA PRO A 260 7.42 31.57 -29.12
C PRO A 260 7.58 31.45 -27.60
N VAL A 261 8.34 30.46 -27.14
CA VAL A 261 8.62 30.36 -25.69
C VAL A 261 9.93 31.08 -25.43
N PRO A 262 9.99 32.07 -24.51
CA PRO A 262 11.20 32.84 -24.30
C PRO A 262 12.38 32.02 -23.80
N VAL A 263 13.58 32.47 -24.14
CA VAL A 263 14.81 31.74 -23.73
C VAL A 263 15.47 32.51 -22.60
N ASP A 264 16.41 31.87 -21.91
CA ASP A 264 17.12 32.53 -20.78
C ASP A 264 18.36 33.22 -21.31
N HIS A 265 19.25 33.63 -20.40
CA HIS A 265 20.46 34.37 -20.81
C HIS A 265 21.52 33.39 -21.31
N ASN A 266 21.22 32.09 -21.26
CA ASN A 266 22.14 31.08 -21.83
C ASN A 266 21.53 30.66 -23.17
N TYR A 267 20.48 31.23 -23.47
CA TYR A 267 19.77 31.18 -24.77
C TYR A 267 19.07 29.83 -24.97
N ARG A 268 18.79 29.18 -23.72
CA ARG A 268 18.04 27.92 -23.65
C ARG A 268 16.61 28.26 -23.20
N MET A 269 15.62 27.50 -23.67
CA MET A 269 14.19 27.78 -23.34
C MET A 269 14.02 28.01 -21.84
N ASP A 270 13.27 29.05 -21.44
CA ASP A 270 12.97 29.27 -20.00
C ASP A 270 11.87 28.30 -19.60
N ILE A 271 12.23 27.23 -18.89
CA ILE A 271 11.22 26.19 -18.55
C ILE A 271 10.14 26.81 -17.68
N ASN A 272 10.52 27.74 -16.80
CA ASN A 272 9.49 28.43 -15.97
C ASN A 272 8.54 29.12 -16.93
N GLU A 273 9.07 29.81 -17.93
CA GLU A 273 8.16 30.58 -18.83
C GLU A 273 7.32 29.59 -19.63
N LEU A 274 7.90 28.46 -20.01
CA LEU A 274 7.13 27.43 -20.73
C LEU A 274 5.95 27.02 -19.86
N GLU A 275 6.22 26.72 -18.58
CA GLU A 275 5.15 26.32 -17.64
C GLU A 275 4.04 27.36 -17.68
N LYS A 276 4.41 28.63 -17.62
CA LYS A 276 3.40 29.72 -17.59
C LYS A 276 2.54 29.63 -18.85
N ILE A 277 3.19 29.60 -20.01
CA ILE A 277 2.46 29.54 -21.30
C ILE A 277 1.57 28.29 -21.30
N VAL A 278 2.14 27.12 -21.01
CA VAL A 278 1.33 25.86 -21.11
C VAL A 278 0.16 25.91 -20.13
N ARG A 279 0.41 26.21 -18.86
CA ARG A 279 -0.66 26.16 -17.83
C ARG A 279 -1.76 27.16 -18.16
N GLY A 280 -1.39 28.33 -18.63
CA GLY A 280 -2.38 29.37 -18.95
C GLY A 280 -3.22 29.00 -20.15
N LEU A 281 -2.61 28.35 -21.14
CA LEU A 281 -3.33 28.02 -22.39
C LEU A 281 -4.26 26.86 -22.06
N ALA A 282 -3.92 26.12 -21.02
CA ALA A 282 -4.74 24.96 -20.60
C ALA A 282 -5.90 25.46 -19.75
N GLU A 283 -5.70 26.59 -19.07
CA GLU A 283 -6.82 27.19 -18.31
C GLU A 283 -7.74 27.79 -19.38
N GLU A 284 -7.19 28.14 -20.53
CA GLU A 284 -7.99 28.74 -21.62
C GLU A 284 -8.59 27.59 -22.39
N GLN A 285 -8.29 26.36 -21.96
CA GLN A 285 -8.78 25.13 -22.64
C GLN A 285 -8.30 25.09 -24.09
N ILE A 286 -7.10 25.58 -24.36
CA ILE A 286 -6.49 25.46 -25.72
C ILE A 286 -5.33 24.47 -25.57
N PRO A 287 -5.25 23.34 -26.32
CA PRO A 287 -4.18 22.37 -26.09
C PRO A 287 -2.82 22.76 -26.65
N VAL A 288 -1.77 22.08 -26.21
CA VAL A 288 -0.43 22.27 -26.82
C VAL A 288 -0.31 21.15 -27.84
N LEU A 289 -0.34 21.46 -29.14
CA LEU A 289 -0.10 20.40 -30.16
C LEU A 289 1.21 19.75 -29.76
N GLY A 290 2.18 20.57 -29.37
CA GLY A 290 3.44 20.01 -28.88
C GLY A 290 4.46 21.07 -28.57
N VAL A 291 5.54 20.69 -27.90
CA VAL A 291 6.65 21.62 -27.57
C VAL A 291 7.90 21.13 -28.31
N VAL A 292 8.63 22.05 -28.93
CA VAL A 292 9.88 21.67 -29.65
C VAL A 292 11.09 21.97 -28.77
N GLY A 293 11.88 20.95 -28.46
CA GLY A 293 13.12 21.16 -27.69
C GLY A 293 14.31 21.18 -28.61
N VAL A 294 15.26 22.06 -28.37
CA VAL A 294 16.39 22.20 -29.34
C VAL A 294 17.70 21.79 -28.70
N VAL A 295 18.33 20.74 -29.23
CA VAL A 295 19.70 20.37 -28.77
C VAL A 295 20.67 20.83 -29.85
N GLY A 296 21.32 21.96 -29.63
CA GLY A 296 22.19 22.52 -30.67
C GLY A 296 21.53 23.67 -31.39
N SER A 297 21.61 24.87 -30.83
CA SER A 297 20.92 26.04 -31.41
C SER A 297 21.62 26.48 -32.70
N THR A 298 20.86 27.06 -33.62
CA THR A 298 21.39 27.51 -34.92
C THR A 298 22.51 28.52 -34.72
N GLU A 299 22.33 29.44 -33.79
CA GLU A 299 23.32 30.53 -33.66
C GLU A 299 24.12 30.48 -32.36
N GLU A 300 23.82 29.57 -31.44
CA GLU A 300 24.56 29.64 -30.14
C GLU A 300 25.04 28.25 -29.69
N GLY A 301 24.60 27.18 -30.36
CA GLY A 301 24.97 25.83 -29.92
C GLY A 301 24.43 25.54 -28.55
N ALA A 302 23.20 25.99 -28.29
CA ALA A 302 22.61 25.82 -26.95
C ALA A 302 21.77 24.56 -26.88
N VAL A 303 21.87 23.86 -25.77
CA VAL A 303 21.11 22.60 -25.58
C VAL A 303 19.97 22.91 -24.60
N ASP A 304 18.71 22.78 -25.07
CA ASP A 304 17.53 23.05 -24.21
C ASP A 304 17.42 21.93 -23.19
N SER A 305 16.86 22.25 -22.03
CA SER A 305 16.74 21.26 -20.95
C SER A 305 15.58 20.32 -21.25
N ILE A 306 15.82 19.34 -22.10
CA ILE A 306 14.79 18.32 -22.42
C ILE A 306 14.45 17.65 -21.10
N ASP A 307 15.42 17.55 -20.20
CA ASP A 307 15.21 16.92 -18.88
C ASP A 307 14.05 17.62 -18.18
N LYS A 308 14.11 18.94 -18.16
CA LYS A 308 13.09 19.73 -17.43
C LYS A 308 11.83 19.89 -18.27
N ILE A 309 11.96 19.85 -19.58
CA ILE A 309 10.75 19.91 -20.44
C ILE A 309 9.95 18.65 -20.16
N ILE A 310 10.61 17.51 -20.07
CA ILE A 310 9.85 16.23 -19.90
C ILE A 310 9.40 16.12 -18.44
N ALA A 311 10.24 16.54 -17.50
CA ALA A 311 9.83 16.54 -16.08
C ALA A 311 8.53 17.34 -15.94
N LEU A 312 8.49 18.52 -16.55
CA LEU A 312 7.27 19.35 -16.50
C LEU A 312 6.11 18.57 -17.09
N ARG A 313 6.30 17.90 -18.22
CA ARG A 313 5.15 17.21 -18.86
C ARG A 313 4.53 16.27 -17.84
N ASP A 314 5.36 15.49 -17.16
CA ASP A 314 4.88 14.52 -16.14
C ASP A 314 4.06 15.27 -15.09
N GLU A 315 4.56 16.41 -14.63
CA GLU A 315 3.89 17.16 -13.55
C GLU A 315 2.54 17.71 -14.03
N LEU A 316 2.42 18.01 -15.33
CA LEU A 316 1.17 18.63 -15.83
C LEU A 316 0.17 17.52 -16.14
N MET A 317 0.64 16.29 -16.25
CA MET A 317 -0.25 15.16 -16.63
C MET A 317 -1.13 14.86 -15.44
N LYS A 318 -0.64 15.21 -14.26
CA LYS A 318 -1.44 15.01 -13.04
C LYS A 318 -2.64 15.93 -13.13
N ASP A 319 -2.49 17.05 -13.85
CA ASP A 319 -3.59 18.04 -13.99
C ASP A 319 -4.26 17.81 -15.34
N GLY A 320 -3.97 16.66 -15.97
CA GLY A 320 -4.64 16.32 -17.25
C GLY A 320 -4.15 17.14 -18.42
N ILE A 321 -2.89 17.57 -18.41
CA ILE A 321 -2.30 18.30 -19.57
C ILE A 321 -1.13 17.50 -20.13
N TYR A 322 -1.20 17.07 -21.39
CA TYR A 322 -0.08 16.37 -22.05
C TYR A 322 0.35 17.14 -23.29
N TYR A 323 1.66 17.14 -23.57
CA TYR A 323 2.15 17.76 -24.84
C TYR A 323 3.10 16.80 -25.55
N TYR A 324 3.10 16.84 -26.87
CA TYR A 324 4.07 16.04 -27.65
C TYR A 324 5.41 16.76 -27.53
N VAL A 325 6.50 16.01 -27.44
CA VAL A 325 7.85 16.64 -27.42
C VAL A 325 8.64 16.17 -28.64
N HIS A 326 9.02 17.09 -29.52
CA HIS A 326 9.92 16.75 -30.64
C HIS A 326 11.26 17.45 -30.38
N VAL A 327 12.34 16.70 -30.48
CA VAL A 327 13.69 17.29 -30.24
C VAL A 327 14.33 17.67 -31.56
N ASP A 328 14.68 18.94 -31.73
CA ASP A 328 15.40 19.40 -32.94
C ASP A 328 16.88 19.24 -32.64
N ALA A 329 17.42 18.06 -32.91
CA ALA A 329 18.83 17.76 -32.68
C ALA A 329 19.52 17.69 -34.03
N ALA A 330 19.08 18.52 -34.96
CA ALA A 330 19.70 18.56 -36.30
C ALA A 330 21.20 18.73 -36.09
N TYR A 331 21.56 19.64 -35.20
CA TYR A 331 22.99 19.93 -34.97
C TYR A 331 23.58 18.97 -33.96
N GLY A 332 23.01 18.84 -32.78
CA GLY A 332 23.67 18.05 -31.73
C GLY A 332 23.25 16.61 -31.60
N GLY A 333 22.44 16.10 -32.51
CA GLY A 333 21.90 14.74 -32.34
C GLY A 333 22.97 13.69 -32.29
N TYR A 334 23.88 13.72 -33.25
CA TYR A 334 25.00 12.76 -33.25
C TYR A 334 25.77 12.94 -31.95
N GLY A 335 25.70 14.14 -31.37
CA GLY A 335 26.40 14.45 -30.10
C GLY A 335 26.09 13.50 -28.98
N ARG A 336 25.01 12.72 -29.06
CA ARG A 336 24.60 11.85 -27.94
C ARG A 336 25.56 10.67 -27.83
N ALA A 337 26.32 10.39 -28.87
CA ALA A 337 27.22 9.22 -28.90
C ALA A 337 28.31 9.40 -27.86
N ILE A 338 28.57 10.63 -27.47
CA ILE A 338 29.64 10.93 -26.48
C ILE A 338 29.18 10.43 -25.10
N PHE A 339 27.99 9.86 -25.02
CA PHE A 339 27.49 9.47 -23.68
C PHE A 339 27.13 7.99 -23.66
N LEU A 340 27.37 7.28 -24.74
CA LEU A 340 26.92 5.87 -24.81
C LEU A 340 28.11 4.92 -24.81
N ASP A 341 28.04 3.84 -24.03
CA ASP A 341 29.14 2.85 -23.98
C ASP A 341 29.02 1.87 -25.15
N GLU A 342 29.95 0.93 -25.24
CA GLU A 342 29.95 -0.04 -26.36
C GLU A 342 28.77 -0.99 -26.20
N ASP A 343 28.08 -0.92 -25.07
CA ASP A 343 26.86 -1.74 -24.87
C ASP A 343 25.66 -0.82 -24.96
N ASN A 344 25.82 0.39 -25.51
CA ASN A 344 24.71 1.37 -25.73
C ASN A 344 24.05 1.79 -24.43
N ASN A 345 24.77 1.75 -23.32
CA ASN A 345 24.20 2.26 -22.04
C ASN A 345 24.69 3.68 -21.82
N PHE A 346 23.84 4.57 -21.33
CA PHE A 346 24.24 5.97 -21.01
C PHE A 346 25.23 5.95 -19.86
N ILE A 347 26.45 6.43 -20.10
CA ILE A 347 27.53 6.39 -19.08
C ILE A 347 27.13 7.25 -17.90
N PRO A 348 27.24 6.81 -16.62
CA PRO A 348 26.96 7.71 -15.50
C PRO A 348 27.90 8.92 -15.51
N TYR A 349 27.38 10.09 -15.16
CA TYR A 349 28.17 11.35 -15.21
C TYR A 349 29.42 11.27 -14.34
N GLU A 350 29.34 10.55 -13.24
CA GLU A 350 30.50 10.51 -12.32
C GLU A 350 31.63 9.78 -13.03
N ASP A 351 31.30 9.06 -14.10
CA ASP A 351 32.33 8.22 -14.75
C ASP A 351 32.70 8.81 -16.11
N LEU A 352 31.94 9.79 -16.59
CA LEU A 352 32.16 10.37 -17.94
C LEU A 352 33.62 10.72 -18.15
N GLN A 353 34.21 11.53 -17.29
CA GLN A 353 35.60 12.00 -17.52
C GLN A 353 36.55 10.81 -17.57
N ASP A 354 36.25 9.76 -16.84
CA ASP A 354 37.19 8.60 -16.75
C ASP A 354 37.03 7.76 -18.01
N VAL A 355 35.79 7.60 -18.47
CA VAL A 355 35.51 6.78 -19.68
C VAL A 355 36.05 7.53 -20.90
N HIS A 356 35.97 8.85 -20.86
CA HIS A 356 36.43 9.67 -22.01
C HIS A 356 37.96 9.68 -22.07
N GLU A 357 38.64 9.38 -20.97
CA GLU A 357 40.12 9.28 -21.01
C GLU A 357 40.49 7.90 -21.52
N GLU A 358 39.69 6.91 -21.15
CA GLU A 358 39.94 5.51 -21.56
C GLU A 358 39.70 5.37 -23.07
N TYR A 359 38.85 6.22 -23.65
CA TYR A 359 38.49 6.05 -25.09
C TYR A 359 39.09 7.15 -25.97
N GLY A 360 39.74 8.15 -25.38
CA GLY A 360 40.41 9.19 -26.17
C GLY A 360 39.45 10.25 -26.65
N VAL A 361 38.26 10.27 -26.07
CA VAL A 361 37.24 11.28 -26.45
C VAL A 361 37.83 12.63 -26.13
N PHE A 362 38.35 12.78 -24.92
CA PHE A 362 38.98 14.06 -24.50
C PHE A 362 40.42 13.77 -24.10
N LYS A 363 41.34 14.67 -24.45
CA LYS A 363 42.77 14.45 -24.18
C LYS A 363 43.15 14.98 -22.80
N GLU A 364 42.42 15.97 -22.29
CA GLU A 364 42.71 16.55 -20.95
C GLU A 364 41.62 16.10 -19.99
N LYS A 365 41.97 15.56 -18.82
CA LYS A 365 40.94 15.01 -17.91
C LYS A 365 40.32 16.13 -17.08
N LYS A 366 39.29 16.78 -17.61
CA LYS A 366 38.58 17.87 -16.89
C LYS A 366 37.11 17.81 -17.26
N GLU A 367 36.28 18.62 -16.63
CA GLU A 367 34.85 18.67 -17.04
C GLU A 367 34.77 19.36 -18.39
N HIS A 368 34.06 18.75 -19.33
CA HIS A 368 33.86 19.34 -20.67
C HIS A 368 32.37 19.41 -20.91
N ILE A 369 31.62 18.50 -20.29
CA ILE A 369 30.15 18.45 -20.47
C ILE A 369 29.47 18.71 -19.13
N SER A 370 28.59 19.71 -19.06
CA SER A 370 27.89 20.02 -17.81
C SER A 370 26.86 18.93 -17.53
N ARG A 371 26.53 18.71 -16.26
CA ARG A 371 25.51 17.70 -15.94
C ARG A 371 24.17 18.15 -16.50
N GLU A 372 24.03 19.44 -16.76
CA GLU A 372 22.73 19.96 -17.24
C GLU A 372 22.56 19.58 -18.70
N VAL A 373 23.65 19.46 -19.46
CA VAL A 373 23.60 19.07 -20.89
C VAL A 373 23.51 17.54 -20.94
N TYR A 374 24.18 16.87 -20.02
CA TYR A 374 24.10 15.40 -19.94
C TYR A 374 22.64 15.03 -19.69
N ASP A 375 22.03 15.69 -18.71
CA ASP A 375 20.65 15.34 -18.31
C ASP A 375 19.71 15.61 -19.47
N ALA A 376 20.00 16.64 -20.26
CA ALA A 376 19.14 16.98 -21.41
C ALA A 376 19.27 15.91 -22.47
N TYR A 377 20.51 15.57 -22.81
CA TYR A 377 20.76 14.52 -23.83
C TYR A 377 20.12 13.22 -23.37
N LYS A 378 20.12 12.91 -22.08
CA LYS A 378 19.58 11.61 -21.62
C LYS A 378 18.08 11.54 -21.86
N ALA A 379 17.36 12.62 -21.56
CA ALA A 379 15.89 12.61 -21.62
C ALA A 379 15.36 12.69 -23.05
N ILE A 380 16.25 12.64 -24.02
CA ILE A 380 15.77 12.63 -25.44
C ILE A 380 15.03 11.31 -25.64
N GLU A 381 15.29 10.33 -24.78
CA GLU A 381 14.66 8.99 -24.93
C GLU A 381 13.21 8.98 -24.48
N LEU A 382 12.73 10.06 -23.88
CA LEU A 382 11.35 10.09 -23.34
C LEU A 382 10.52 10.94 -24.28
N ALA A 383 11.16 11.52 -25.28
CA ALA A 383 10.46 12.35 -26.28
C ALA A 383 9.86 11.44 -27.33
N GLU A 384 9.08 11.99 -28.24
CA GLU A 384 8.38 11.12 -29.21
C GLU A 384 9.17 11.07 -30.51
N SER A 385 9.79 12.18 -30.91
CA SER A 385 10.50 12.23 -32.21
C SER A 385 11.70 13.16 -32.13
N VAL A 386 12.70 12.91 -32.98
CA VAL A 386 13.95 13.74 -32.97
C VAL A 386 14.39 14.01 -34.39
N THR A 387 14.70 15.26 -34.70
CA THR A 387 15.30 15.58 -36.01
C THR A 387 16.81 15.44 -35.81
N ILE A 388 17.47 14.63 -36.65
CA ILE A 388 18.94 14.43 -36.54
C ILE A 388 19.53 14.65 -37.93
N ASP A 389 20.56 15.46 -38.05
CA ASP A 389 21.08 15.76 -39.39
C ASP A 389 22.47 15.15 -39.56
N PRO A 390 22.62 13.99 -40.23
CA PRO A 390 23.93 13.45 -40.54
C PRO A 390 24.82 14.45 -41.28
N HIS A 391 24.22 15.31 -42.11
CA HIS A 391 24.97 16.31 -42.91
C HIS A 391 25.46 17.44 -42.03
N LYS A 392 25.35 17.25 -40.72
CA LYS A 392 25.88 18.26 -39.79
C LYS A 392 26.95 17.57 -38.95
N MET A 393 26.65 17.20 -37.71
CA MET A 393 27.68 16.63 -36.82
C MET A 393 27.82 15.13 -37.01
N GLY A 394 27.24 14.59 -38.08
CA GLY A 394 27.49 13.20 -38.45
C GLY A 394 28.60 13.20 -39.47
N TYR A 395 29.02 14.37 -39.92
CA TYR A 395 30.12 14.54 -40.89
C TYR A 395 29.81 13.77 -42.17
N ILE A 396 28.54 13.54 -42.43
CA ILE A 396 28.13 12.83 -43.66
C ILE A 396 27.86 13.92 -44.71
N PRO A 397 28.17 13.70 -46.01
CA PRO A 397 27.99 14.73 -47.00
C PRO A 397 26.53 15.10 -47.30
N TYR A 398 26.30 16.36 -47.63
CA TYR A 398 24.95 16.84 -48.00
C TYR A 398 24.50 16.09 -49.23
N SER A 399 23.17 15.89 -49.41
CA SER A 399 22.01 16.16 -48.50
C SER A 399 21.64 14.93 -47.70
N ALA A 400 21.81 14.99 -46.39
CA ALA A 400 21.40 13.86 -45.54
C ALA A 400 20.91 14.35 -44.19
N GLY A 401 19.59 14.31 -44.00
CA GLY A 401 19.02 14.63 -42.68
C GLY A 401 18.40 13.37 -42.14
N GLY A 402 17.65 13.46 -41.05
CA GLY A 402 17.10 12.24 -40.44
C GLY A 402 16.01 12.47 -39.40
N ILE A 403 15.10 11.50 -39.26
CA ILE A 403 14.08 11.57 -38.21
C ILE A 403 14.13 10.27 -37.43
N VAL A 404 13.82 10.33 -36.14
CA VAL A 404 13.76 9.09 -35.34
C VAL A 404 12.50 9.14 -34.47
N ILE A 405 11.75 8.04 -34.45
CA ILE A 405 10.49 7.96 -33.66
C ILE A 405 10.67 6.98 -32.50
N GLN A 406 10.12 7.27 -31.32
CA GLN A 406 10.23 6.43 -30.10
C GLN A 406 9.48 5.11 -30.24
N ASP A 407 8.46 5.09 -31.08
CA ASP A 407 7.62 3.89 -31.25
C ASP A 407 7.45 3.69 -32.75
N ILE A 408 7.89 2.55 -33.26
CA ILE A 408 7.81 2.21 -34.70
C ILE A 408 6.35 2.25 -35.12
N ARG A 409 5.43 1.97 -34.18
CA ARG A 409 4.00 1.86 -34.53
C ARG A 409 3.47 3.22 -34.97
N MET A 410 4.15 4.28 -34.54
CA MET A 410 3.71 5.66 -34.88
C MET A 410 3.70 5.83 -36.39
N ARG A 411 4.47 5.03 -37.13
CA ARG A 411 4.58 5.26 -38.59
C ARG A 411 3.22 5.04 -39.24
N ASP A 412 2.30 4.39 -38.51
CA ASP A 412 0.98 4.05 -39.10
C ASP A 412 0.06 5.26 -39.11
N VAL A 413 0.42 6.33 -38.41
CA VAL A 413 -0.40 7.58 -38.41
C VAL A 413 -0.08 8.37 -39.66
N ILE A 414 1.02 8.05 -40.33
CA ILE A 414 1.48 8.79 -41.55
C ILE A 414 1.37 7.77 -42.69
N SER A 415 1.30 6.51 -42.32
CA SER A 415 1.29 5.43 -43.34
C SER A 415 0.26 5.62 -44.42
N TYR A 416 0.68 5.53 -45.68
CA TYR A 416 -0.29 5.49 -46.79
C TYR A 416 -0.12 4.07 -47.33
N PHE A 417 -1.00 3.60 -48.20
CA PHE A 417 -0.80 2.27 -48.82
C PHE A 417 -1.47 2.31 -50.18
N ASP A 427 9.48 -5.76 -40.04
CA ASP A 427 10.11 -6.11 -41.34
C ASP A 427 10.47 -4.83 -42.08
N ILE A 428 11.41 -4.92 -43.02
CA ILE A 428 11.82 -3.74 -43.83
C ILE A 428 10.62 -3.30 -44.67
N PRO A 429 10.19 -2.01 -44.67
CA PRO A 429 9.13 -1.58 -45.56
C PRO A 429 9.48 -1.94 -47.00
N ALA A 430 8.50 -2.38 -47.78
CA ALA A 430 8.75 -2.65 -49.20
C ALA A 430 8.44 -1.37 -49.98
N LEU A 431 7.87 -0.40 -49.30
CA LEU A 431 7.61 0.92 -49.92
C LEU A 431 7.81 1.96 -48.83
N LEU A 432 9.06 2.37 -48.61
CA LEU A 432 9.38 3.33 -47.53
C LEU A 432 8.64 4.62 -47.82
N GLY A 433 8.25 4.83 -49.07
CA GLY A 433 7.58 6.09 -49.46
C GLY A 433 6.21 6.19 -48.86
N ALA A 434 5.76 5.09 -48.27
CA ALA A 434 4.42 5.06 -47.66
C ALA A 434 4.60 5.15 -46.15
N TYR A 435 5.79 5.51 -45.70
CA TYR A 435 6.07 5.61 -44.26
C TYR A 435 6.85 6.89 -44.05
N ILE A 436 7.00 7.66 -45.12
CA ILE A 436 7.81 8.91 -45.04
C ILE A 436 7.08 10.07 -45.71
N LEU A 437 7.55 11.30 -45.52
CA LEU A 437 6.94 12.50 -46.12
C LEU A 437 7.41 12.65 -47.55
N GLU A 438 8.67 12.29 -47.80
CA GLU A 438 9.24 12.50 -49.16
C GLU A 438 8.92 11.31 -50.06
N GLY A 439 9.44 11.33 -51.27
CA GLY A 439 9.26 10.20 -52.19
C GLY A 439 10.57 9.63 -52.61
N SER A 440 10.87 9.71 -53.90
CA SER A 440 12.16 9.19 -54.43
C SER A 440 13.34 9.72 -53.62
N LYS A 441 14.24 8.83 -53.23
CA LYS A 441 15.42 9.19 -52.41
C LYS A 441 16.60 8.34 -52.85
N ALA A 442 17.81 8.84 -52.68
CA ALA A 442 19.01 8.10 -53.11
C ALA A 442 19.40 7.02 -52.12
N GLY A 443 19.72 5.83 -52.61
CA GLY A 443 20.22 4.79 -51.72
C GLY A 443 21.67 5.02 -51.48
N ALA A 444 22.26 5.87 -52.29
CA ALA A 444 23.65 6.26 -52.06
C ALA A 444 23.72 7.06 -50.78
N THR A 445 22.67 7.83 -50.49
CA THR A 445 22.62 8.62 -49.23
C THR A 445 22.64 7.65 -48.06
N ALA A 446 21.93 6.54 -48.19
CA ALA A 446 21.89 5.53 -47.12
C ALA A 446 23.25 4.85 -46.96
N ALA A 447 23.88 4.48 -48.06
CA ALA A 447 25.21 3.84 -48.01
C ALA A 447 26.22 4.79 -47.39
N SER A 448 26.05 6.09 -47.58
CA SER A 448 26.96 7.10 -47.01
C SER A 448 26.82 7.12 -45.49
N VAL A 449 25.60 7.06 -45.00
CA VAL A 449 25.35 7.13 -43.55
C VAL A 449 25.72 5.78 -42.93
N TRP A 450 25.32 4.69 -43.55
CA TRP A 450 25.63 3.35 -43.03
C TRP A 450 27.14 3.17 -42.92
N ALA A 451 27.90 3.61 -43.91
CA ALA A 451 29.37 3.47 -43.89
C ALA A 451 29.94 4.21 -42.71
N ALA A 452 29.39 5.38 -42.44
CA ALA A 452 29.94 6.21 -41.35
C ALA A 452 29.55 5.57 -40.01
N HIS A 453 28.35 5.05 -39.93
CA HIS A 453 27.87 4.44 -38.67
C HIS A 453 28.62 3.13 -38.44
N HIS A 454 29.28 2.61 -39.46
CA HIS A 454 29.94 1.28 -39.33
C HIS A 454 31.44 1.44 -39.14
N VAL A 455 32.02 2.51 -39.68
CA VAL A 455 33.46 2.80 -39.43
C VAL A 455 33.51 3.47 -38.06
N LEU A 456 32.56 4.37 -37.81
CA LEU A 456 32.48 5.06 -36.50
C LEU A 456 31.25 4.57 -35.76
N PRO A 457 31.34 3.62 -34.79
CA PRO A 457 30.17 3.26 -34.02
C PRO A 457 29.50 4.48 -33.36
N LEU A 458 28.18 4.47 -33.26
CA LEU A 458 27.45 5.57 -32.60
C LEU A 458 27.61 5.46 -31.08
N ASN A 459 28.86 5.46 -30.62
CA ASN A 459 29.17 5.36 -29.18
C ASN A 459 30.52 6.04 -28.91
N VAL A 460 31.13 5.77 -27.76
CA VAL A 460 32.39 6.44 -27.38
C VAL A 460 33.57 5.87 -28.16
N ALA A 461 33.36 4.76 -28.86
CA ALA A 461 34.46 4.10 -29.60
C ALA A 461 34.54 4.66 -31.02
N GLY A 462 33.55 5.44 -31.43
CA GLY A 462 33.58 6.06 -32.75
C GLY A 462 33.23 7.51 -32.72
N TYR A 463 31.98 7.84 -32.97
CA TYR A 463 31.53 9.25 -33.06
C TYR A 463 31.83 10.04 -31.80
N GLY A 464 31.94 9.36 -30.66
CA GLY A 464 32.23 10.04 -29.38
C GLY A 464 33.58 10.73 -29.45
N LYS A 465 34.58 10.06 -30.00
CA LYS A 465 35.95 10.60 -30.10
C LYS A 465 35.96 11.78 -31.08
N LEU A 466 35.11 11.73 -32.10
CA LEU A 466 35.07 12.82 -33.11
C LEU A 466 34.37 14.05 -32.51
N ILE A 467 33.24 13.83 -31.84
CA ILE A 467 32.46 14.95 -31.24
C ILE A 467 33.27 15.50 -30.09
N GLY A 468 33.98 14.63 -29.37
CA GLY A 468 34.82 15.09 -28.26
C GLY A 468 35.91 16.00 -28.75
N ALA A 469 36.51 15.67 -29.88
CA ALA A 469 37.56 16.52 -30.45
C ALA A 469 36.98 17.85 -30.93
N SER A 470 35.79 17.83 -31.49
CA SER A 470 35.11 19.08 -31.91
C SER A 470 34.93 19.95 -30.67
N ILE A 471 34.42 19.36 -29.60
CA ILE A 471 34.15 20.12 -28.35
C ILE A 471 35.47 20.59 -27.72
N GLU A 472 36.49 19.75 -27.68
CA GLU A 472 37.73 20.18 -26.99
C GLU A 472 38.39 21.30 -27.80
N GLY A 473 38.22 21.27 -29.12
CA GLY A 473 38.78 22.33 -29.97
C GLY A 473 37.99 23.61 -29.81
N SER A 474 36.69 23.49 -29.53
CA SER A 474 35.84 24.67 -29.30
C SER A 474 36.26 25.31 -28.00
N HIS A 475 36.67 24.49 -27.03
CA HIS A 475 37.00 25.00 -25.68
C HIS A 475 38.34 25.72 -25.73
N HIS A 476 39.25 25.24 -26.56
CA HIS A 476 40.57 25.89 -26.67
C HIS A 476 40.41 27.24 -27.36
N PHE A 477 39.48 27.35 -28.30
CA PHE A 477 39.21 28.63 -28.99
C PHE A 477 38.53 29.57 -28.01
N TYR A 478 37.62 29.03 -27.22
CA TYR A 478 36.90 29.84 -26.22
C TYR A 478 37.93 30.43 -25.27
N ASN A 479 38.83 29.60 -24.79
CA ASN A 479 39.84 30.06 -23.81
C ASN A 479 40.83 31.01 -24.48
N PHE A 480 41.03 30.87 -25.79
CA PHE A 480 41.96 31.75 -26.54
C PHE A 480 41.33 33.12 -26.71
N LEU A 481 40.05 33.15 -27.03
CA LEU A 481 39.37 34.43 -27.31
C LEU A 481 39.13 35.20 -26.02
N ASN A 482 39.06 34.52 -24.87
CA ASN A 482 38.68 35.19 -23.61
C ASN A 482 39.85 36.00 -23.04
N ASP A 483 40.99 35.99 -23.70
CA ASP A 483 42.15 36.79 -23.25
C ASP A 483 42.74 37.51 -24.45
N LEU A 484 41.91 37.79 -25.46
CA LEU A 484 42.48 38.39 -26.68
C LEU A 484 42.30 39.89 -26.65
N THR A 485 43.42 40.62 -26.62
CA THR A 485 43.37 42.09 -26.67
C THR A 485 44.30 42.52 -27.80
N PHE A 486 43.93 43.55 -28.54
CA PHE A 486 44.76 43.99 -29.69
C PHE A 486 45.25 45.41 -29.44
N LYS A 487 45.72 46.09 -30.48
CA LYS A 487 46.26 47.46 -30.35
C LYS A 487 46.32 48.06 -31.75
N VAL A 488 45.25 48.74 -32.17
CA VAL A 488 45.18 49.27 -33.56
C VAL A 488 45.34 50.79 -33.54
N GLY A 489 46.56 51.30 -33.48
CA GLY A 489 46.81 52.75 -33.55
C GLY A 489 46.06 53.52 -32.48
N ASP A 490 46.52 53.44 -31.23
CA ASP A 490 45.81 54.12 -30.11
C ASP A 490 44.34 53.71 -30.10
N LYS A 491 44.05 52.42 -30.23
CA LYS A 491 42.66 51.92 -30.14
C LYS A 491 42.74 50.45 -29.71
N GLU A 492 42.58 50.17 -28.42
CA GLU A 492 42.72 48.78 -27.92
C GLU A 492 41.38 48.06 -28.05
N ILE A 493 41.34 46.97 -28.82
CA ILE A 493 40.06 46.23 -29.04
C ILE A 493 40.14 44.89 -28.29
N GLU A 494 39.14 44.62 -27.47
CA GLU A 494 39.15 43.38 -26.66
C GLU A 494 38.08 42.44 -27.19
N VAL A 495 38.36 41.14 -27.14
CA VAL A 495 37.38 40.14 -27.61
C VAL A 495 36.62 39.63 -26.39
N HIS A 496 35.32 39.45 -26.53
CA HIS A 496 34.51 38.91 -25.42
C HIS A 496 33.58 37.82 -25.94
N THR A 497 33.51 36.71 -25.22
CA THR A 497 32.67 35.57 -25.65
C THR A 497 31.27 35.73 -25.08
N LEU A 498 30.26 35.23 -25.79
CA LEU A 498 28.83 35.36 -25.36
C LEU A 498 28.58 34.50 -24.12
N THR A 499 28.61 33.17 -24.28
CA THR A 499 28.31 32.25 -23.17
C THR A 499 29.24 31.04 -23.23
N HIS A 500 29.33 30.28 -22.14
CA HIS A 500 30.14 29.04 -22.17
C HIS A 500 29.46 28.08 -23.14
N PRO A 501 30.16 27.48 -24.15
CA PRO A 501 29.50 26.64 -25.12
C PRO A 501 28.80 25.44 -24.49
N ASP A 502 27.57 25.15 -24.91
CA ASP A 502 26.86 23.95 -24.41
C ASP A 502 27.25 22.77 -25.31
N PHE A 503 27.76 23.05 -26.50
CA PHE A 503 28.24 22.00 -27.43
C PHE A 503 29.57 22.45 -28.02
N ASN A 504 29.58 22.89 -29.28
CA ASN A 504 30.85 23.26 -29.96
C ASN A 504 30.74 24.58 -30.69
N MET A 505 29.72 25.38 -30.40
CA MET A 505 29.62 26.71 -31.03
C MET A 505 30.06 27.76 -30.02
N VAL A 506 31.11 28.50 -30.34
CA VAL A 506 31.58 29.61 -29.47
C VAL A 506 31.21 30.90 -30.16
N ASP A 507 30.36 31.70 -29.52
CA ASP A 507 29.95 33.01 -30.08
C ASP A 507 30.82 34.07 -29.42
N TYR A 508 31.12 35.14 -30.13
CA TYR A 508 32.05 36.13 -29.58
C TYR A 508 31.83 37.50 -30.21
N VAL A 509 32.35 38.55 -29.57
CA VAL A 509 32.21 39.92 -30.11
C VAL A 509 33.55 40.64 -29.96
N PHE A 510 33.73 41.73 -30.70
CA PHE A 510 34.95 42.56 -30.56
C PHE A 510 34.47 43.91 -30.04
N LYS A 511 35.22 44.55 -29.16
CA LYS A 511 34.75 45.82 -28.53
C LYS A 511 35.90 46.78 -28.32
N GLU A 512 35.68 48.07 -28.55
CA GLU A 512 36.71 49.07 -28.22
C GLU A 512 36.63 49.31 -26.71
N LYS A 513 37.77 49.26 -26.00
CA LYS A 513 37.83 49.41 -24.53
C LYS A 513 36.82 50.41 -23.97
N GLY A 514 36.70 51.59 -24.58
CA GLY A 514 35.81 52.62 -24.01
C GLY A 514 34.80 53.14 -24.99
N ASN A 515 34.21 52.29 -25.82
CA ASN A 515 33.13 52.76 -26.71
C ASN A 515 31.83 52.22 -26.12
N ASP A 516 30.96 53.12 -25.66
CA ASP A 516 29.71 52.69 -25.01
C ASP A 516 28.60 52.78 -26.05
N ASP A 517 28.97 52.79 -27.32
CA ASP A 517 27.97 52.83 -28.42
C ASP A 517 27.85 51.40 -28.94
N LEU A 518 26.71 50.77 -28.67
CA LEU A 518 26.52 49.37 -29.07
C LEU A 518 26.44 49.34 -30.60
N VAL A 519 25.94 50.43 -31.18
CA VAL A 519 25.79 50.50 -32.65
C VAL A 519 27.21 50.51 -33.22
N ALA A 520 28.18 50.92 -32.42
CA ALA A 520 29.58 50.99 -32.88
C ALA A 520 30.24 49.62 -32.71
N MET A 521 29.81 48.83 -31.73
CA MET A 521 30.34 47.46 -31.57
C MET A 521 29.68 46.64 -32.67
N ASN A 522 28.42 46.94 -32.97
CA ASN A 522 27.68 46.14 -33.96
C ASN A 522 28.22 46.46 -35.33
N LYS A 523 28.95 47.56 -35.44
CA LYS A 523 29.58 47.94 -36.72
C LYS A 523 31.00 47.40 -36.71
N LEU A 524 31.67 47.41 -35.55
CA LEU A 524 33.01 46.78 -35.47
C LEU A 524 32.83 45.33 -35.90
N ASN A 525 31.91 44.60 -35.26
CA ASN A 525 31.74 43.15 -35.53
C ASN A 525 31.23 42.93 -36.95
N HIS A 526 30.42 43.83 -37.49
CA HIS A 526 29.99 43.67 -38.91
C HIS A 526 31.20 43.84 -39.83
N ASP A 527 32.14 44.70 -39.43
CA ASP A 527 33.28 45.00 -40.32
C ASP A 527 34.30 43.86 -40.21
N VAL A 528 34.38 43.25 -39.04
CA VAL A 528 35.31 42.11 -38.84
C VAL A 528 34.81 41.00 -39.76
N TYR A 529 33.51 40.77 -39.76
CA TYR A 529 32.95 39.73 -40.66
C TYR A 529 33.20 40.12 -42.09
N ASP A 530 32.88 41.36 -42.46
CA ASP A 530 32.98 41.76 -43.88
C ASP A 530 34.34 41.34 -44.41
N TYR A 531 35.37 41.57 -43.61
CA TYR A 531 36.73 41.25 -44.05
C TYR A 531 36.93 39.73 -43.95
N ALA A 532 36.36 39.09 -42.94
CA ALA A 532 36.51 37.64 -42.73
C ALA A 532 35.45 36.88 -43.52
N SER A 533 35.17 37.34 -44.72
CA SER A 533 34.16 36.66 -45.57
C SER A 533 34.38 36.97 -47.05
N TYR A 534 33.48 36.47 -47.89
CA TYR A 534 33.54 36.73 -49.34
C TYR A 534 33.14 38.17 -49.61
N VAL A 535 32.61 38.85 -48.60
CA VAL A 535 32.10 40.22 -48.83
C VAL A 535 33.26 41.07 -49.34
N LYS A 536 34.40 41.01 -48.65
CA LYS A 536 35.53 41.87 -49.07
C LYS A 536 36.74 40.99 -49.39
N GLY A 537 37.14 40.91 -50.66
CA GLY A 537 38.37 40.19 -51.02
C GLY A 537 38.12 38.88 -51.71
N ASN A 538 39.18 38.16 -52.04
CA ASN A 538 39.03 36.80 -52.64
C ASN A 538 39.04 35.78 -51.49
N ILE A 539 38.11 34.83 -51.50
CA ILE A 539 37.97 33.87 -50.37
C ILE A 539 39.10 32.83 -50.38
N TYR A 540 39.81 32.68 -51.49
CA TYR A 540 40.97 31.75 -51.52
C TYR A 540 42.17 32.42 -50.85
N ASN A 541 42.03 33.68 -50.45
CA ASN A 541 43.16 34.41 -49.85
C ASN A 541 42.78 34.98 -48.50
N ASN A 542 41.68 34.51 -47.91
CA ASN A 542 41.27 34.97 -46.56
C ASN A 542 41.99 34.16 -45.48
N GLU A 543 42.73 34.83 -44.59
CA GLU A 543 43.54 34.14 -43.56
C GLU A 543 42.70 33.75 -42.34
N PHE A 544 41.51 34.32 -42.20
CA PHE A 544 40.58 33.97 -41.09
C PHE A 544 39.17 34.19 -41.63
N ILE A 545 38.32 33.18 -41.54
CA ILE A 545 36.91 33.29 -42.00
C ILE A 545 36.01 32.96 -40.80
N THR A 546 35.01 33.82 -40.53
CA THR A 546 34.04 33.58 -39.42
C THR A 546 32.62 33.85 -39.92
N SER A 547 31.61 33.58 -39.09
CA SER A 547 30.19 33.81 -39.45
C SER A 547 29.60 34.95 -38.61
N HIS A 548 28.48 35.53 -39.03
CA HIS A 548 27.85 36.65 -38.30
C HIS A 548 26.36 36.43 -38.11
N THR A 549 25.83 36.93 -37.00
CA THR A 549 24.38 36.84 -36.72
C THR A 549 23.98 38.07 -35.91
N ASP A 550 22.80 38.60 -36.16
CA ASP A 550 22.31 39.74 -35.35
C ASP A 550 21.33 39.16 -34.34
N PHE A 551 21.46 39.56 -33.08
CA PHE A 551 20.51 39.10 -32.03
C PHE A 551 19.52 40.24 -31.80
N ALA A 552 18.38 40.20 -32.48
CA ALA A 552 17.40 41.32 -32.42
C ALA A 552 16.35 41.08 -31.33
N ILE A 553 15.93 42.15 -30.66
CA ILE A 553 14.88 42.07 -29.60
C ILE A 553 13.62 41.38 -30.13
N PRO A 554 13.07 41.67 -31.35
CA PRO A 554 11.91 40.91 -31.83
C PRO A 554 12.01 39.40 -31.70
N ASP A 555 13.20 38.84 -31.77
CA ASP A 555 13.31 37.35 -31.76
C ASP A 555 14.06 36.86 -30.53
N TYR A 556 14.96 37.66 -29.97
CA TYR A 556 15.79 37.17 -28.85
C TYR A 556 15.31 37.79 -27.54
N GLY A 557 14.50 38.83 -27.64
CA GLY A 557 14.02 39.53 -26.44
C GLY A 557 15.14 40.20 -25.70
N ASN A 558 15.11 40.11 -24.38
CA ASN A 558 16.15 40.76 -23.56
C ASN A 558 17.09 39.64 -23.08
N SER A 559 17.05 38.53 -23.80
CA SER A 559 17.99 37.42 -23.48
C SER A 559 19.45 37.87 -23.61
N PRO A 560 19.87 38.70 -24.61
CA PRO A 560 21.25 39.19 -24.62
C PRO A 560 21.52 40.37 -23.69
N LEU A 561 20.55 40.81 -22.88
CA LEU A 561 20.76 42.02 -22.05
C LEU A 561 21.91 41.79 -21.09
N LYS A 562 21.89 40.67 -20.39
CA LYS A 562 22.95 40.38 -19.40
C LYS A 562 24.31 40.50 -20.08
N PHE A 563 24.44 39.98 -21.30
CA PHE A 563 25.71 40.02 -22.05
C PHE A 563 26.07 41.46 -22.40
N VAL A 564 25.13 42.19 -23.00
CA VAL A 564 25.42 43.58 -23.46
C VAL A 564 25.83 44.43 -22.24
N ASN A 565 25.22 44.18 -21.09
CA ASN A 565 25.50 44.97 -19.87
C ASN A 565 26.87 44.57 -19.32
N SER A 566 27.20 43.30 -19.45
CA SER A 566 28.51 42.80 -18.96
C SER A 566 29.62 43.50 -19.74
N LEU A 567 29.33 43.91 -20.97
CA LEU A 567 30.37 44.54 -21.80
C LEU A 567 30.39 46.03 -21.51
N GLY A 568 29.47 46.51 -20.67
CA GLY A 568 29.49 47.92 -20.26
C GLY A 568 28.49 48.77 -21.00
N PHE A 569 27.48 48.16 -21.60
CA PHE A 569 26.45 48.99 -22.25
C PHE A 569 25.22 49.10 -21.35
N SER A 570 24.35 50.05 -21.65
CA SER A 570 23.17 50.30 -20.79
C SER A 570 21.93 49.66 -21.38
N ASP A 571 20.88 49.57 -20.58
CA ASP A 571 19.62 48.93 -21.03
C ASP A 571 18.93 49.86 -22.02
N GLU A 572 19.38 51.11 -22.08
CA GLU A 572 18.79 52.08 -23.02
C GLU A 572 19.56 51.98 -24.32
N GLU A 573 20.88 51.81 -24.24
CA GLU A 573 21.70 51.69 -25.46
C GLU A 573 21.29 50.40 -26.15
N TRP A 574 20.83 49.42 -25.36
CA TRP A 574 20.38 48.13 -25.91
C TRP A 574 19.09 48.37 -26.67
N ASN A 575 18.18 49.13 -26.07
CA ASN A 575 16.86 49.35 -26.71
C ASN A 575 17.04 50.34 -27.86
N ARG A 576 18.16 51.07 -27.85
CA ARG A 576 18.44 52.04 -28.92
C ARG A 576 18.96 51.29 -30.13
N ALA A 577 19.96 50.43 -29.93
CA ALA A 577 20.55 49.66 -31.04
C ALA A 577 19.50 48.68 -31.55
N GLY A 578 18.75 48.08 -30.63
CA GLY A 578 17.72 47.10 -31.00
C GLY A 578 18.32 45.74 -31.21
N LYS A 579 19.65 45.61 -31.08
CA LYS A 579 20.30 44.31 -31.41
C LYS A 579 21.77 44.29 -31.04
N VAL A 580 22.38 43.12 -31.12
CA VAL A 580 23.86 42.98 -30.93
C VAL A 580 24.34 42.07 -32.05
N THR A 581 25.35 42.51 -32.81
CA THR A 581 25.92 41.68 -33.88
C THR A 581 26.95 40.75 -33.23
N VAL A 582 26.71 39.44 -33.27
CA VAL A 582 27.62 38.46 -32.62
C VAL A 582 28.36 37.68 -33.70
N LEU A 583 29.62 37.34 -33.45
CA LEU A 583 30.37 36.51 -34.41
C LEU A 583 30.25 35.05 -33.96
N ARG A 584 30.09 34.13 -34.91
CA ARG A 584 29.81 32.72 -34.53
C ARG A 584 30.86 31.76 -35.10
N ALA A 585 31.29 30.80 -34.28
CA ALA A 585 32.26 29.78 -34.71
C ALA A 585 31.78 28.42 -34.25
N ALA A 586 31.26 27.62 -35.17
CA ALA A 586 30.88 26.23 -34.83
C ALA A 586 32.11 25.39 -35.10
N VAL A 587 32.93 25.17 -34.08
CA VAL A 587 34.21 24.45 -34.28
C VAL A 587 33.92 22.99 -34.58
N MET A 588 33.90 22.63 -35.86
CA MET A 588 33.62 21.24 -36.29
C MET A 588 34.93 20.61 -36.77
N THR A 589 36.01 21.38 -36.84
CA THR A 589 37.33 20.83 -37.22
C THR A 589 37.71 19.78 -36.19
N PRO A 590 38.23 18.58 -36.54
CA PRO A 590 38.64 17.64 -35.53
C PRO A 590 40.14 17.70 -35.28
N TYR A 591 40.81 18.77 -35.69
CA TYR A 591 42.29 18.81 -35.59
C TYR A 591 42.76 19.71 -34.47
N MET A 592 41.86 20.44 -33.81
CA MET A 592 42.31 21.45 -32.81
C MET A 592 42.03 20.97 -31.39
N ASN A 593 41.84 19.67 -31.19
CA ASN A 593 41.60 19.08 -29.86
C ASN A 593 42.89 19.06 -29.05
N ASP A 594 44.03 19.07 -29.74
CA ASP A 594 45.34 19.03 -29.06
C ASP A 594 45.79 20.45 -28.88
N LYS A 595 46.07 20.84 -27.63
CA LYS A 595 46.45 22.25 -27.35
C LYS A 595 47.70 22.56 -28.16
N GLU A 596 48.53 21.56 -28.43
CA GLU A 596 49.80 21.80 -29.11
C GLU A 596 49.53 22.20 -30.56
N GLU A 597 48.58 21.52 -31.19
CA GLU A 597 48.27 21.82 -32.61
C GLU A 597 47.51 23.15 -32.65
N PHE A 598 46.73 23.44 -31.62
CA PHE A 598 45.99 24.71 -31.58
C PHE A 598 46.98 25.84 -31.40
N ASP A 599 48.03 25.59 -30.62
CA ASP A 599 48.98 26.68 -30.30
C ASP A 599 49.80 27.00 -31.54
N VAL A 600 49.66 26.23 -32.61
CA VAL A 600 50.36 26.59 -33.87
C VAL A 600 49.48 27.59 -34.59
N TYR A 601 48.18 27.34 -34.58
CA TYR A 601 47.25 28.20 -35.35
C TYR A 601 46.81 29.40 -34.51
N ALA A 602 47.12 29.39 -33.21
CA ALA A 602 46.79 30.55 -32.37
C ALA A 602 47.49 31.81 -32.88
N PRO A 603 48.84 31.90 -33.00
CA PRO A 603 49.46 33.12 -33.48
C PRO A 603 48.99 33.43 -34.89
N LYS A 604 48.56 32.42 -35.63
CA LYS A 604 48.20 32.67 -37.04
C LYS A 604 46.84 33.34 -37.07
N ILE A 605 46.03 33.15 -36.04
CA ILE A 605 44.68 33.77 -35.97
C ILE A 605 44.87 35.19 -35.44
N GLN A 606 45.69 35.36 -34.41
CA GLN A 606 45.87 36.69 -33.80
C GLN A 606 46.48 37.63 -34.83
N ALA A 607 47.45 37.13 -35.59
CA ALA A 607 48.15 37.97 -36.59
C ALA A 607 47.15 38.35 -37.66
N ALA A 608 46.28 37.41 -38.01
CA ALA A 608 45.32 37.69 -39.10
C ALA A 608 44.35 38.74 -38.58
N LEU A 609 43.87 38.57 -37.36
CA LEU A 609 42.84 39.50 -36.84
C LEU A 609 43.44 40.88 -36.69
N GLN A 610 44.68 40.99 -36.19
CA GLN A 610 45.34 42.32 -36.08
C GLN A 610 45.25 43.00 -37.42
N GLU A 611 45.76 42.37 -38.47
CA GLU A 611 45.78 43.02 -39.80
C GLU A 611 44.36 43.39 -40.16
N LYS A 612 43.41 42.50 -39.91
CA LYS A 612 42.00 42.73 -40.31
C LYS A 612 41.49 43.99 -39.64
N LEU A 613 41.75 44.12 -38.34
CA LEU A 613 41.24 45.28 -37.58
C LEU A 613 42.01 46.51 -38.04
N GLU A 614 43.27 46.32 -38.42
CA GLU A 614 44.14 47.46 -38.83
C GLU A 614 43.68 47.96 -40.19
N GLN A 615 43.04 47.12 -40.98
CA GLN A 615 42.50 47.59 -42.27
C GLN A 615 41.19 48.33 -41.99
N ILE A 616 40.43 47.85 -41.02
CA ILE A 616 39.09 48.45 -40.70
C ILE A 616 39.25 49.89 -40.25
N TYR A 617 40.24 50.17 -39.40
CA TYR A 617 40.32 51.52 -38.79
C TYR A 617 41.17 52.51 -39.58
N ASP A 618 42.11 52.06 -40.41
CA ASP A 618 43.01 53.02 -41.08
C ASP A 618 42.54 53.27 -42.50
N LEU B 6 -42.16 -3.25 3.82
CA LEU B 6 -41.99 -1.78 3.76
C LEU B 6 -41.94 -1.36 2.29
N ALA B 7 -42.12 -0.08 2.00
CA ALA B 7 -42.17 0.38 0.61
C ALA B 7 -40.81 0.85 0.13
N LYS B 8 -40.73 1.25 -1.13
CA LYS B 8 -39.45 1.77 -1.66
C LYS B 8 -39.12 3.08 -0.95
N GLY B 9 -38.03 3.08 -0.17
CA GLY B 9 -37.59 4.29 0.55
C GLY B 9 -38.50 4.69 1.69
N GLU B 10 -39.14 3.71 2.35
CA GLU B 10 -40.02 4.02 3.50
C GLU B 10 -39.30 3.65 4.81
N MET B 11 -38.06 3.19 4.71
CA MET B 11 -37.32 2.89 5.95
C MET B 11 -37.00 4.19 6.67
N ASN B 12 -37.64 4.46 7.80
CA ASN B 12 -37.27 5.64 8.60
C ASN B 12 -36.03 5.26 9.41
N LEU B 13 -34.89 5.83 9.06
CA LEU B 13 -33.62 5.53 9.75
C LEU B 13 -33.66 6.18 11.14
N ASN B 14 -34.69 6.96 11.43
CA ASN B 14 -34.77 7.69 12.73
C ASN B 14 -35.33 6.77 13.80
N ALA B 15 -35.78 5.59 13.42
CA ALA B 15 -36.38 4.63 14.37
C ALA B 15 -35.37 3.54 14.64
N LEU B 16 -34.18 3.65 14.06
CA LEU B 16 -33.20 2.55 14.19
C LEU B 16 -32.02 3.03 15.03
N PHE B 17 -32.19 4.15 15.73
CA PHE B 17 -31.12 4.68 16.60
C PHE B 17 -31.76 5.26 17.88
N ILE B 18 -31.12 5.09 19.03
CA ILE B 18 -31.63 5.62 20.33
C ILE B 18 -31.80 7.13 20.19
N GLY B 19 -30.82 7.78 19.56
CA GLY B 19 -31.00 9.21 19.29
C GLY B 19 -29.87 10.07 19.80
N ASP B 20 -29.72 11.24 19.20
CA ASP B 20 -28.67 12.21 19.59
C ASP B 20 -28.99 12.75 20.97
N LYS B 21 -30.27 12.82 21.30
CA LYS B 21 -30.71 13.32 22.62
C LYS B 21 -31.67 12.30 23.20
N ALA B 22 -31.46 11.01 22.91
CA ALA B 22 -32.26 9.89 23.46
C ALA B 22 -33.74 10.06 23.18
N GLU B 23 -34.10 10.41 21.96
CA GLU B 23 -35.52 10.63 21.59
C GLU B 23 -36.21 9.27 21.53
N ASN B 24 -35.48 8.23 21.15
CA ASN B 24 -36.04 6.87 21.08
C ASN B 24 -35.42 6.02 22.18
N GLY B 25 -35.24 6.60 23.36
CA GLY B 25 -34.61 5.88 24.48
C GLY B 25 -35.60 5.04 25.24
N GLN B 26 -36.90 5.32 25.14
CA GLN B 26 -37.93 4.48 25.80
C GLN B 26 -38.16 3.25 24.94
N LEU B 27 -38.17 3.42 23.62
CA LEU B 27 -38.32 2.28 22.69
C LEU B 27 -37.21 1.30 23.00
N TYR B 28 -35.97 1.79 23.09
CA TYR B 28 -34.81 0.92 23.39
C TYR B 28 -35.06 0.22 24.71
N LYS B 29 -35.39 0.98 25.75
CA LYS B 29 -35.55 0.41 27.10
C LYS B 29 -36.67 -0.63 27.11
N ASP B 30 -37.78 -0.34 26.46
CA ASP B 30 -38.92 -1.27 26.42
C ASP B 30 -38.52 -2.54 25.66
N LEU B 31 -37.87 -2.38 24.51
CA LEU B 31 -37.49 -3.54 23.66
C LEU B 31 -36.40 -4.35 24.34
N LEU B 32 -35.61 -3.71 25.20
CA LEU B 32 -34.48 -4.39 25.86
C LEU B 32 -35.05 -5.28 26.95
N ILE B 33 -36.05 -4.77 27.65
CA ILE B 33 -36.63 -5.53 28.79
C ILE B 33 -37.47 -6.66 28.20
N ASP B 34 -38.15 -6.40 27.10
CA ASP B 34 -38.96 -7.45 26.45
C ASP B 34 -38.02 -8.58 26.09
N LEU B 35 -36.83 -8.27 25.58
CA LEU B 35 -35.90 -9.31 25.14
C LEU B 35 -35.31 -10.01 26.36
N VAL B 36 -35.03 -9.28 27.43
CA VAL B 36 -34.42 -9.88 28.65
C VAL B 36 -35.45 -10.80 29.28
N ASP B 37 -36.73 -10.41 29.20
CA ASP B 37 -37.80 -11.21 29.85
C ASP B 37 -37.95 -12.50 29.06
N GLU B 38 -37.75 -12.43 27.75
CA GLU B 38 -37.89 -13.61 26.87
C GLU B 38 -36.74 -14.58 27.15
N HIS B 39 -35.56 -14.07 27.46
CA HIS B 39 -34.41 -14.93 27.82
C HIS B 39 -34.65 -15.54 29.18
N LEU B 40 -35.09 -14.74 30.14
CA LEU B 40 -35.29 -15.20 31.54
C LEU B 40 -36.35 -16.30 31.56
N GLY B 41 -37.34 -16.20 30.68
CA GLY B 41 -38.40 -17.22 30.62
C GLY B 41 -37.89 -18.51 30.03
N TRP B 42 -36.97 -18.43 29.10
CA TRP B 42 -36.36 -19.65 28.52
C TRP B 42 -35.56 -20.36 29.60
N ARG B 43 -34.97 -19.61 30.51
CA ARG B 43 -34.16 -20.21 31.59
C ARG B 43 -35.09 -20.87 32.59
N GLN B 44 -36.17 -20.19 32.95
CA GLN B 44 -37.08 -20.71 34.00
C GLN B 44 -37.83 -21.92 33.49
N ASN B 45 -37.99 -22.02 32.18
CA ASN B 45 -38.80 -23.13 31.65
C ASN B 45 -37.90 -24.25 31.13
N TYR B 46 -36.63 -24.25 31.51
CA TYR B 46 -35.76 -25.42 31.21
C TYR B 46 -35.78 -26.21 32.50
N MET B 47 -36.25 -27.44 32.47
CA MET B 47 -36.44 -28.25 33.70
C MET B 47 -37.21 -27.41 34.73
N PRO B 48 -38.46 -27.01 34.48
CA PRO B 48 -39.20 -26.17 35.41
C PRO B 48 -39.55 -26.91 36.70
N GLN B 49 -39.40 -28.23 36.71
CA GLN B 49 -39.65 -29.04 37.92
C GLN B 49 -38.61 -28.64 38.96
N ASP B 50 -37.57 -27.94 38.53
CA ASP B 50 -36.48 -27.60 39.45
C ASP B 50 -36.85 -26.35 40.24
N MET B 51 -36.62 -26.40 41.55
CA MET B 51 -36.90 -25.22 42.39
C MET B 51 -35.65 -24.34 42.38
N PRO B 52 -35.77 -22.98 42.38
CA PRO B 52 -34.62 -22.11 42.48
C PRO B 52 -33.59 -22.49 43.55
N VAL B 53 -32.30 -22.43 43.19
CA VAL B 53 -31.20 -22.71 44.17
C VAL B 53 -31.02 -21.47 45.03
N ILE B 54 -31.12 -20.29 44.44
CA ILE B 54 -31.05 -19.04 45.25
C ILE B 54 -32.41 -18.85 45.90
N SER B 55 -32.47 -18.96 47.23
CA SER B 55 -33.72 -18.88 48.00
C SER B 55 -34.20 -17.44 48.21
N SER B 56 -35.45 -17.27 48.65
CA SER B 56 -36.03 -15.92 48.88
C SER B 56 -35.43 -15.33 50.14
N GLN B 57 -35.13 -16.20 51.11
CA GLN B 57 -34.48 -15.73 52.35
C GLN B 57 -33.06 -15.28 52.02
N GLU B 58 -32.43 -15.92 51.03
CA GLU B 58 -31.04 -15.59 50.67
C GLU B 58 -31.02 -14.20 50.09
N ARG B 59 -32.00 -13.89 49.26
CA ARG B 59 -32.04 -12.58 48.56
C ARG B 59 -32.41 -11.43 49.51
N THR B 60 -32.69 -11.74 50.78
CA THR B 60 -33.11 -10.71 51.75
C THR B 60 -32.13 -10.71 52.94
N SER B 61 -31.10 -11.55 52.87
CA SER B 61 -30.08 -11.62 53.94
C SER B 61 -29.18 -10.39 53.91
N LYS B 62 -28.47 -10.14 55.01
CA LYS B 62 -27.58 -8.96 55.13
C LYS B 62 -26.39 -9.13 54.19
N SER B 63 -25.87 -10.34 54.08
CA SER B 63 -24.72 -10.64 53.19
C SER B 63 -25.05 -10.31 51.75
N TYR B 64 -26.23 -10.71 51.28
CA TYR B 64 -26.65 -10.50 49.87
C TYR B 64 -26.79 -9.00 49.64
N GLU B 65 -27.41 -8.31 50.58
CA GLU B 65 -27.61 -6.85 50.45
C GLU B 65 -26.26 -6.16 50.44
N LYS B 66 -25.35 -6.58 51.31
CA LYS B 66 -24.04 -5.91 51.41
C LYS B 66 -23.26 -6.13 50.12
N THR B 67 -23.45 -7.30 49.50
CA THR B 67 -22.78 -7.62 48.22
C THR B 67 -23.45 -6.83 47.10
N VAL B 68 -24.77 -6.66 47.18
CA VAL B 68 -25.51 -5.91 46.13
C VAL B 68 -25.10 -4.45 46.25
N ASN B 69 -24.87 -4.00 47.47
CA ASN B 69 -24.50 -2.58 47.67
C ASN B 69 -23.08 -2.40 47.15
N HIS B 70 -22.24 -3.43 47.24
CA HIS B 70 -20.84 -3.39 46.73
C HIS B 70 -20.84 -3.35 45.19
N MET B 71 -21.64 -4.21 44.56
CA MET B 71 -21.75 -4.21 43.08
C MET B 71 -22.27 -2.85 42.64
N LYS B 72 -23.23 -2.30 43.38
CA LYS B 72 -23.82 -1.00 43.01
C LYS B 72 -22.76 0.07 43.09
N ASP B 73 -21.88 -0.01 44.08
CA ASP B 73 -20.81 0.98 44.26
C ASP B 73 -19.81 0.90 43.10
N VAL B 74 -19.43 -0.30 42.70
CA VAL B 74 -18.48 -0.51 41.57
C VAL B 74 -19.13 -0.03 40.29
N LEU B 75 -20.42 -0.27 40.12
CA LEU B 75 -21.14 0.14 38.89
C LEU B 75 -21.28 1.66 38.88
N ASN B 76 -21.28 2.28 40.05
CA ASN B 76 -21.39 3.75 40.14
C ASN B 76 -20.03 4.39 39.81
N GLU B 77 -18.93 3.70 40.09
CA GLU B 77 -17.59 4.21 39.72
C GLU B 77 -17.44 4.07 38.22
N ILE B 78 -17.93 2.97 37.65
CA ILE B 78 -17.91 2.83 36.18
C ILE B 78 -18.72 3.98 35.61
N SER B 79 -19.89 4.26 36.19
CA SER B 79 -20.76 5.33 35.69
C SER B 79 -20.05 6.67 35.72
N SER B 80 -19.45 7.00 36.86
CA SER B 80 -18.70 8.28 36.99
C SER B 80 -17.61 8.36 35.94
N ARG B 81 -16.76 7.36 35.87
CA ARG B 81 -15.63 7.40 34.92
C ARG B 81 -16.16 7.56 33.49
N MET B 82 -17.16 6.78 33.10
CA MET B 82 -17.64 6.81 31.71
C MET B 82 -18.35 8.12 31.40
N ARG B 83 -18.94 8.76 32.39
CA ARG B 83 -19.74 9.96 32.08
C ARG B 83 -18.86 11.20 32.21
N THR B 84 -17.62 11.01 32.66
CA THR B 84 -16.68 12.14 32.74
C THR B 84 -15.77 12.15 31.51
N HIS B 85 -15.13 11.03 31.22
CA HIS B 85 -14.13 11.00 30.12
C HIS B 85 -14.60 10.15 28.94
N SER B 86 -15.77 10.42 28.39
CA SER B 86 -16.20 9.70 27.16
C SER B 86 -16.57 10.72 26.09
N VAL B 87 -16.38 10.38 24.83
CA VAL B 87 -16.59 11.37 23.76
C VAL B 87 -18.05 11.42 23.35
N PRO B 88 -18.69 12.61 23.37
CA PRO B 88 -20.10 12.75 23.03
C PRO B 88 -20.47 12.75 21.55
N TRP B 89 -20.02 11.75 20.78
CA TRP B 89 -20.26 11.72 19.31
C TRP B 89 -21.71 11.37 18.98
N HIS B 90 -22.52 11.02 19.98
CA HIS B 90 -23.96 10.72 19.79
C HIS B 90 -24.64 11.93 19.16
N THR B 91 -24.08 13.13 19.36
CA THR B 91 -24.67 14.38 18.83
C THR B 91 -24.60 14.39 17.32
N ALA B 92 -25.41 15.24 16.70
CA ALA B 92 -25.44 15.31 15.23
C ALA B 92 -24.33 16.24 14.75
N GLY B 93 -24.63 17.53 14.60
CA GLY B 93 -23.64 18.45 14.00
C GLY B 93 -22.67 19.07 14.97
N ARG B 94 -22.07 18.26 15.85
CA ARG B 94 -21.03 18.80 16.76
C ARG B 94 -19.83 17.85 16.76
N TYR B 95 -19.99 16.62 16.26
CA TYR B 95 -18.83 15.71 16.16
C TYR B 95 -18.48 15.53 14.69
N TRP B 96 -17.31 16.03 14.31
CA TRP B 96 -16.83 15.88 12.92
C TRP B 96 -15.41 15.36 13.04
N GLY B 97 -15.26 14.12 13.48
CA GLY B 97 -13.91 13.59 13.71
C GLY B 97 -13.69 12.18 13.22
N HIS B 98 -13.66 11.21 14.12
CA HIS B 98 -13.28 9.83 13.72
C HIS B 98 -14.46 9.06 13.12
N MET B 99 -14.17 7.84 12.69
CA MET B 99 -15.22 6.95 12.13
C MET B 99 -16.06 6.49 13.30
N ASN B 100 -16.80 7.41 13.93
CA ASN B 100 -17.52 7.02 15.17
C ASN B 100 -18.80 7.81 15.30
N SER B 101 -19.94 7.13 15.25
CA SER B 101 -21.24 7.81 15.51
C SER B 101 -22.06 6.88 16.39
N GLU B 102 -23.37 6.95 16.26
CA GLU B 102 -24.26 6.07 17.04
C GLU B 102 -24.28 4.72 16.36
N THR B 103 -24.54 3.68 17.14
CA THR B 103 -24.65 2.33 16.56
C THR B 103 -26.13 2.00 16.40
N LEU B 104 -26.46 1.13 15.47
CA LEU B 104 -27.87 0.78 15.16
C LEU B 104 -28.51 0.16 16.39
N MET B 105 -29.65 0.72 16.82
CA MET B 105 -30.39 0.20 17.99
C MET B 105 -30.69 -1.30 17.83
N PRO B 106 -31.19 -1.82 16.70
CA PRO B 106 -31.38 -3.26 16.56
C PRO B 106 -30.15 -4.10 16.89
N SER B 107 -28.95 -3.57 16.65
CA SER B 107 -27.70 -4.32 16.91
C SER B 107 -27.34 -4.31 18.40
N LEU B 108 -27.58 -3.20 19.08
CA LEU B 108 -27.33 -3.12 20.54
C LEU B 108 -28.26 -4.12 21.20
N LEU B 109 -29.52 -4.07 20.82
CA LEU B 109 -30.55 -4.94 21.43
C LEU B 109 -30.16 -6.40 21.25
N ALA B 110 -29.72 -6.77 20.05
CA ALA B 110 -29.40 -8.17 19.75
C ALA B 110 -28.17 -8.65 20.50
N TYR B 111 -27.18 -7.79 20.67
CA TYR B 111 -25.98 -8.17 21.43
C TYR B 111 -26.39 -8.55 22.85
N ASN B 112 -27.06 -7.65 23.57
CA ASN B 112 -27.36 -7.92 24.99
C ASN B 112 -28.27 -9.12 25.14
N PHE B 113 -29.21 -9.26 24.22
CA PHE B 113 -30.09 -10.45 24.21
C PHE B 113 -29.23 -11.70 24.16
N ALA B 114 -28.37 -11.81 23.16
CA ALA B 114 -27.60 -13.05 22.94
C ALA B 114 -26.47 -13.23 23.95
N MET B 115 -25.97 -12.13 24.51
CA MET B 115 -24.89 -12.18 25.52
C MET B 115 -25.39 -12.96 26.73
N LEU B 116 -26.67 -12.90 27.00
CA LEU B 116 -27.27 -13.57 28.18
C LEU B 116 -27.15 -15.09 28.00
N TRP B 117 -26.96 -15.55 26.78
CA TRP B 117 -26.73 -16.99 26.53
C TRP B 117 -25.22 -17.26 26.51
N ASN B 118 -24.39 -16.22 26.34
CA ASN B 118 -22.91 -16.35 26.24
C ASN B 118 -22.52 -17.49 25.32
N GLY B 119 -22.85 -17.36 24.04
CA GLY B 119 -22.52 -18.41 23.07
C GLY B 119 -21.15 -18.23 22.46
N ASN B 120 -20.47 -19.32 22.15
CA ASN B 120 -19.12 -19.27 21.55
C ASN B 120 -19.25 -19.78 20.12
N ASN B 121 -18.93 -18.94 19.15
CA ASN B 121 -19.16 -19.29 17.73
C ASN B 121 -17.98 -20.08 17.18
N VAL B 122 -17.02 -20.43 18.03
CA VAL B 122 -15.84 -21.25 17.61
C VAL B 122 -16.35 -22.64 17.27
N ALA B 123 -17.50 -22.99 17.82
CA ALA B 123 -18.07 -24.34 17.59
C ALA B 123 -19.59 -24.27 17.57
N TYR B 124 -20.20 -24.93 16.59
CA TYR B 124 -21.67 -24.99 16.48
C TYR B 124 -22.24 -25.52 17.80
N GLU B 125 -21.58 -26.51 18.40
CA GLU B 125 -22.10 -27.15 19.64
C GLU B 125 -22.38 -26.12 20.73
N SER B 126 -21.61 -25.05 20.79
CA SER B 126 -21.79 -24.07 21.88
C SER B 126 -23.04 -23.25 21.64
N SER B 127 -23.21 -22.75 20.42
CA SER B 127 -24.43 -21.99 20.10
C SER B 127 -24.83 -22.24 18.65
N PRO B 128 -25.62 -23.31 18.35
CA PRO B 128 -26.08 -23.56 17.00
C PRO B 128 -26.76 -22.36 16.34
N ALA B 129 -27.54 -21.62 17.12
CA ALA B 129 -28.32 -20.50 16.57
C ALA B 129 -27.41 -19.37 16.10
N THR B 130 -26.41 -19.05 16.89
CA THR B 130 -25.53 -17.90 16.54
C THR B 130 -24.54 -18.31 15.46
N SER B 131 -24.18 -19.58 15.41
CA SER B 131 -23.25 -20.08 14.38
C SER B 131 -23.96 -20.02 13.03
N GLN B 132 -25.24 -20.34 13.01
CA GLN B 132 -26.02 -20.27 11.77
C GLN B 132 -26.11 -18.82 11.34
N MET B 133 -26.32 -17.92 12.30
CA MET B 133 -26.48 -16.50 11.98
C MET B 133 -25.19 -15.98 11.35
N GLU B 134 -24.05 -16.52 11.78
CA GLU B 134 -22.74 -16.05 11.27
C GLU B 134 -22.49 -16.62 9.88
N GLU B 135 -22.95 -17.85 9.62
CA GLU B 135 -22.80 -18.42 8.26
C GLU B 135 -23.59 -17.56 7.31
N GLU B 136 -24.77 -17.17 7.73
CA GLU B 136 -25.65 -16.34 6.89
C GLU B 136 -24.99 -14.98 6.70
N VAL B 137 -24.33 -14.46 7.73
CA VAL B 137 -23.71 -13.12 7.66
C VAL B 137 -22.60 -13.16 6.61
N GLY B 138 -21.89 -14.26 6.54
CA GLY B 138 -20.77 -14.38 5.60
C GLY B 138 -21.26 -14.51 4.18
N HIS B 139 -22.40 -15.17 4.00
CA HIS B 139 -22.97 -15.28 2.65
C HIS B 139 -23.50 -13.91 2.26
N GLU B 140 -23.94 -13.14 3.23
CA GLU B 140 -24.47 -11.78 2.96
C GLU B 140 -23.29 -10.89 2.62
N PHE B 141 -22.12 -11.22 3.15
CA PHE B 141 -20.88 -10.43 2.91
C PHE B 141 -20.41 -10.75 1.50
N ALA B 142 -20.50 -12.01 1.12
CA ALA B 142 -20.05 -12.45 -0.22
C ALA B 142 -20.94 -11.82 -1.28
N HIS B 143 -22.23 -11.74 -1.00
CA HIS B 143 -23.19 -11.16 -1.98
C HIS B 143 -23.04 -9.64 -2.02
N LEU B 144 -22.59 -9.04 -0.92
CA LEU B 144 -22.32 -7.58 -0.94
C LEU B 144 -21.17 -7.36 -1.91
N MET B 145 -20.19 -8.25 -1.89
CA MET B 145 -19.03 -8.14 -2.80
C MET B 145 -19.36 -8.79 -4.14
N SER B 146 -20.64 -9.04 -4.41
CA SER B 146 -21.12 -9.67 -5.68
C SER B 146 -20.34 -10.93 -6.04
N TYR B 147 -19.81 -11.64 -5.05
CA TYR B 147 -19.11 -12.93 -5.28
C TYR B 147 -20.15 -14.02 -5.50
N LYS B 148 -19.87 -14.99 -6.38
CA LYS B 148 -20.85 -16.05 -6.73
C LYS B 148 -20.82 -17.18 -5.70
N ASN B 149 -19.79 -18.03 -5.75
CA ASN B 149 -19.64 -19.10 -4.74
C ASN B 149 -18.56 -18.67 -3.77
N GLY B 150 -18.82 -17.60 -3.02
CA GLY B 150 -17.84 -17.09 -2.04
C GLY B 150 -18.29 -17.35 -0.63
N TRP B 151 -17.57 -16.79 0.33
CA TRP B 151 -17.87 -17.02 1.77
C TRP B 151 -17.31 -15.85 2.56
N GLY B 152 -17.55 -15.81 3.86
CA GLY B 152 -16.99 -14.77 4.72
C GLY B 152 -17.19 -15.13 6.17
N HIS B 153 -16.53 -14.42 7.07
CA HIS B 153 -16.61 -14.69 8.53
C HIS B 153 -16.41 -13.40 9.30
N ILE B 154 -16.90 -13.34 10.54
CA ILE B 154 -16.76 -12.12 11.39
C ILE B 154 -15.39 -12.17 12.06
N VAL B 155 -14.57 -11.18 11.83
CA VAL B 155 -13.25 -11.17 12.52
C VAL B 155 -13.39 -10.24 13.71
N ALA B 156 -12.47 -10.31 14.65
CA ALA B 156 -12.53 -9.47 15.86
C ALA B 156 -12.39 -8.02 15.45
N ASP B 157 -11.35 -7.72 14.70
CA ASP B 157 -11.15 -6.35 14.17
C ASP B 157 -10.77 -6.48 12.70
N GLY B 158 -10.55 -5.36 12.02
CA GLY B 158 -10.17 -5.38 10.60
C GLY B 158 -8.68 -5.54 10.45
N SER B 159 -7.94 -5.30 11.52
CA SER B 159 -6.47 -5.51 11.49
C SER B 159 -6.24 -7.00 11.34
N LEU B 160 -7.03 -7.79 12.05
CA LEU B 160 -6.84 -9.25 12.04
C LEU B 160 -7.45 -9.81 10.77
N ALA B 161 -8.40 -9.10 10.19
CA ALA B 161 -8.97 -9.55 8.91
C ALA B 161 -7.88 -9.34 7.86
N ASN B 162 -7.16 -8.25 7.98
CA ASN B 162 -6.07 -7.94 7.03
C ASN B 162 -5.03 -9.04 7.14
N LEU B 163 -4.76 -9.49 8.36
CA LEU B 163 -3.76 -10.55 8.59
C LEU B 163 -4.29 -11.87 8.06
N GLU B 164 -5.58 -12.13 8.15
CA GLU B 164 -6.15 -13.36 7.57
C GLU B 164 -6.01 -13.30 6.05
N GLY B 165 -6.13 -12.12 5.45
CA GLY B 165 -5.94 -12.01 4.00
C GLY B 165 -4.51 -12.33 3.61
N LEU B 166 -3.55 -11.83 4.38
CA LEU B 166 -2.12 -12.10 4.09
C LEU B 166 -1.86 -13.57 4.33
N TRP B 167 -2.41 -14.14 5.39
CA TRP B 167 -2.27 -15.59 5.63
C TRP B 167 -2.69 -16.33 4.38
N TYR B 168 -3.87 -16.00 3.87
CA TYR B 168 -4.40 -16.66 2.66
C TYR B 168 -3.40 -16.48 1.52
N ALA B 169 -3.07 -15.24 1.20
CA ALA B 169 -2.18 -14.94 0.07
C ALA B 169 -0.84 -15.67 0.18
N ARG B 170 -0.24 -15.67 1.36
CA ARG B 170 1.08 -16.30 1.54
C ARG B 170 0.94 -17.81 1.31
N ASN B 171 -0.12 -18.41 1.83
CA ASN B 171 -0.29 -19.87 1.72
C ASN B 171 -0.66 -20.21 0.27
N ILE B 172 -1.40 -19.33 -0.39
CA ILE B 172 -1.85 -19.59 -1.79
C ILE B 172 -0.65 -19.55 -2.73
N LYS B 173 0.28 -18.62 -2.54
CA LYS B 173 1.43 -18.49 -3.46
C LYS B 173 2.38 -19.67 -3.25
N SER B 174 2.35 -20.27 -2.07
CA SER B 174 3.29 -21.37 -1.75
C SER B 174 2.72 -22.68 -2.25
N LEU B 175 1.41 -22.71 -2.51
CA LEU B 175 0.78 -23.99 -2.90
C LEU B 175 1.42 -24.55 -4.17
N PRO B 176 1.59 -23.83 -5.30
CA PRO B 176 2.29 -24.38 -6.45
C PRO B 176 3.64 -25.04 -6.12
N PHE B 177 4.53 -24.35 -5.41
CA PHE B 177 5.88 -24.90 -5.15
C PHE B 177 5.75 -26.22 -4.41
N ALA B 178 4.73 -26.31 -3.56
CA ALA B 178 4.52 -27.52 -2.74
C ALA B 178 3.86 -28.55 -3.62
N MET B 179 3.08 -28.08 -4.57
CA MET B 179 2.38 -28.99 -5.49
C MET B 179 3.45 -29.73 -6.29
N LYS B 180 4.57 -29.06 -6.58
CA LYS B 180 5.67 -29.68 -7.35
C LYS B 180 6.47 -30.60 -6.42
N GLU B 181 6.40 -30.39 -5.11
CA GLU B 181 7.25 -31.18 -4.20
C GLU B 181 6.53 -32.45 -3.78
N VAL B 182 5.21 -32.50 -3.93
CA VAL B 182 4.44 -33.67 -3.42
C VAL B 182 3.82 -34.40 -4.61
N LYS B 183 3.37 -33.66 -5.61
CA LYS B 183 2.66 -34.31 -6.73
C LYS B 183 2.90 -33.52 -8.03
N PRO B 184 4.08 -33.57 -8.69
CA PRO B 184 4.33 -32.70 -9.84
C PRO B 184 3.34 -32.88 -10.98
N GLU B 185 2.70 -34.03 -11.11
CA GLU B 185 1.80 -34.28 -12.27
C GLU B 185 0.77 -33.15 -12.40
N LEU B 186 0.49 -32.44 -11.32
CA LEU B 186 -0.53 -31.37 -11.32
C LEU B 186 0.07 -30.12 -11.94
N VAL B 187 1.36 -29.89 -11.68
CA VAL B 187 2.00 -28.62 -12.11
C VAL B 187 3.07 -28.97 -13.15
N ALA B 188 2.97 -30.18 -13.71
CA ALA B 188 3.93 -30.64 -14.74
C ALA B 188 4.03 -29.65 -15.89
N GLY B 189 5.26 -29.30 -16.26
CA GLY B 189 5.46 -28.40 -17.41
C GLY B 189 5.61 -26.97 -16.97
N LYS B 190 5.55 -26.71 -15.68
CA LYS B 190 5.58 -25.30 -15.23
C LYS B 190 6.97 -24.92 -14.72
N SER B 191 7.48 -23.78 -15.17
CA SER B 191 8.78 -23.27 -14.70
C SER B 191 8.59 -22.71 -13.31
N ASP B 192 9.68 -22.49 -12.59
CA ASP B 192 9.60 -21.97 -11.21
C ASP B 192 8.86 -20.63 -11.24
N TRP B 193 9.10 -19.81 -12.25
CA TRP B 193 8.43 -18.49 -12.36
C TRP B 193 6.95 -18.69 -12.66
N GLU B 194 6.61 -19.73 -13.42
CA GLU B 194 5.21 -19.92 -13.84
C GLU B 194 4.38 -20.29 -12.62
N LEU B 195 4.97 -21.12 -11.76
CA LEU B 195 4.30 -21.50 -10.49
C LEU B 195 4.04 -20.23 -9.70
N LEU B 196 5.07 -19.41 -9.51
CA LEU B 196 4.98 -18.20 -8.66
C LEU B 196 4.18 -17.10 -9.33
N ASN B 197 3.58 -17.37 -10.49
CA ASN B 197 2.72 -16.35 -11.12
C ASN B 197 1.48 -17.05 -11.67
N MET B 198 1.08 -18.14 -11.01
CA MET B 198 -0.12 -18.90 -11.42
C MET B 198 -1.34 -18.20 -10.84
N PRO B 199 -2.49 -18.05 -11.56
CA PRO B 199 -3.68 -17.45 -10.96
C PRO B 199 -4.31 -18.24 -9.81
N THR B 200 -4.81 -17.54 -8.80
CA THR B 200 -5.40 -18.19 -7.60
C THR B 200 -6.44 -19.23 -8.04
N LYS B 201 -7.26 -18.89 -9.02
CA LYS B 201 -8.35 -19.81 -9.46
C LYS B 201 -7.74 -21.13 -9.91
N GLU B 202 -6.65 -21.07 -10.67
CA GLU B 202 -6.01 -22.30 -11.20
C GLU B 202 -5.42 -23.08 -10.04
N ILE B 203 -4.72 -22.39 -9.15
CA ILE B 203 -4.12 -23.05 -7.97
C ILE B 203 -5.24 -23.79 -7.24
N MET B 204 -6.42 -23.19 -7.16
CA MET B 204 -7.54 -23.81 -6.39
C MET B 204 -8.08 -25.01 -7.15
N ASP B 205 -8.37 -24.84 -8.43
CA ASP B 205 -8.93 -25.94 -9.26
C ASP B 205 -8.01 -27.16 -9.16
N LEU B 206 -6.70 -26.94 -9.10
CA LEU B 206 -5.72 -28.06 -9.04
C LEU B 206 -5.70 -28.68 -7.65
N LEU B 207 -5.68 -27.85 -6.60
CA LEU B 207 -5.58 -28.41 -5.23
C LEU B 207 -6.79 -29.28 -4.98
N GLU B 208 -7.96 -28.78 -5.36
CA GLU B 208 -9.22 -29.51 -5.07
C GLU B 208 -9.30 -30.77 -5.92
N SER B 209 -8.45 -30.88 -6.94
CA SER B 209 -8.46 -32.07 -7.82
C SER B 209 -7.72 -33.21 -7.13
N ALA B 210 -6.80 -32.86 -6.22
CA ALA B 210 -5.97 -33.89 -5.55
C ALA B 210 -6.60 -34.29 -4.23
N GLU B 211 -7.86 -34.72 -4.25
CA GLU B 211 -8.61 -35.02 -3.02
C GLU B 211 -7.82 -35.87 -2.03
N ASP B 212 -7.13 -36.90 -2.51
CA ASP B 212 -6.47 -37.82 -1.55
C ASP B 212 -5.10 -37.31 -1.16
N GLU B 213 -4.75 -36.07 -1.51
CA GLU B 213 -3.38 -35.58 -1.24
C GLU B 213 -3.38 -34.15 -0.68
N ILE B 214 -4.51 -33.46 -0.69
CA ILE B 214 -4.60 -32.04 -0.25
C ILE B 214 -3.79 -31.78 1.02
N ASP B 215 -3.95 -32.60 2.04
CA ASP B 215 -3.30 -32.34 3.35
C ASP B 215 -1.79 -32.35 3.25
N GLU B 216 -1.21 -33.18 2.38
CA GLU B 216 0.27 -33.28 2.29
C GLU B 216 0.79 -32.06 1.52
N ILE B 217 0.05 -31.66 0.49
CA ILE B 217 0.44 -30.45 -0.28
C ILE B 217 0.46 -29.28 0.69
N LYS B 218 -0.55 -29.20 1.57
CA LYS B 218 -0.66 -28.05 2.51
C LYS B 218 0.40 -28.21 3.61
N ALA B 219 0.86 -29.43 3.84
CA ALA B 219 1.89 -29.66 4.87
C ALA B 219 3.21 -29.14 4.32
N HIS B 220 3.29 -29.00 3.00
CA HIS B 220 4.54 -28.54 2.36
C HIS B 220 4.33 -27.08 1.96
N SER B 221 3.19 -26.51 2.33
CA SER B 221 2.91 -25.08 2.01
C SER B 221 3.65 -24.17 2.99
N ALA B 222 3.37 -22.86 2.96
CA ALA B 222 4.10 -21.90 3.81
C ALA B 222 3.73 -22.16 5.25
N ARG B 223 2.66 -22.92 5.42
CA ARG B 223 2.27 -23.32 6.78
C ARG B 223 3.47 -24.00 7.44
N SER B 224 4.38 -24.56 6.64
CA SER B 224 5.53 -25.36 7.16
C SER B 224 6.68 -24.49 7.64
N GLY B 225 6.75 -23.24 7.21
CA GLY B 225 7.81 -22.35 7.72
C GLY B 225 8.88 -22.04 6.70
N LYS B 226 8.68 -22.49 5.46
CA LYS B 226 9.72 -22.33 4.41
C LYS B 226 9.19 -21.53 3.22
N HIS B 227 10.09 -20.91 2.43
CA HIS B 227 9.73 -20.17 1.20
C HIS B 227 9.06 -18.84 1.48
N LEU B 228 9.13 -18.34 2.71
CA LEU B 228 8.36 -17.12 3.03
C LEU B 228 8.97 -15.88 2.38
N GLN B 229 10.20 -16.00 1.88
CA GLN B 229 10.83 -14.84 1.18
C GLN B 229 10.72 -15.06 -0.32
N ALA B 230 10.50 -16.30 -0.73
CA ALA B 230 10.39 -16.63 -2.17
C ALA B 230 8.98 -16.37 -2.68
N ILE B 231 7.99 -16.26 -1.79
CA ILE B 231 6.57 -16.11 -2.23
C ILE B 231 6.40 -14.71 -2.81
N GLY B 232 7.28 -13.80 -2.46
CA GLY B 232 7.20 -12.48 -3.10
C GLY B 232 7.05 -11.32 -2.16
N LYS B 233 6.68 -10.16 -2.72
CA LYS B 233 6.58 -8.93 -1.91
C LYS B 233 5.12 -8.48 -1.82
N TRP B 234 4.74 -7.94 -0.67
CA TRP B 234 3.35 -7.47 -0.45
C TRP B 234 3.30 -6.00 -0.86
N LEU B 235 2.57 -5.70 -1.91
CA LEU B 235 2.56 -4.30 -2.41
C LEU B 235 1.39 -3.57 -1.78
N VAL B 236 1.67 -2.52 -1.00
CA VAL B 236 0.59 -1.80 -0.28
C VAL B 236 0.65 -0.32 -0.65
N PRO B 237 -0.46 0.42 -0.55
CA PRO B 237 -0.42 1.86 -0.79
C PRO B 237 0.44 2.51 0.28
N GLN B 238 0.97 3.70 0.00
CA GLN B 238 1.87 4.38 0.97
C GLN B 238 1.01 4.92 2.10
N THR B 239 -0.26 5.24 1.79
CA THR B 239 -1.21 5.69 2.82
C THR B 239 -1.79 4.46 3.50
N LYS B 240 -0.96 3.45 3.76
CA LYS B 240 -1.45 2.16 4.31
C LYS B 240 -1.81 2.29 5.78
N HIS B 241 -2.53 1.30 6.31
CA HIS B 241 -2.81 1.28 7.76
C HIS B 241 -1.77 0.38 8.40
N TYR B 242 -1.33 0.69 9.63
CA TYR B 242 -0.24 -0.07 10.24
C TYR B 242 -0.55 -1.57 10.28
N SER B 243 -1.82 -1.93 10.18
CA SER B 243 -2.23 -3.35 10.18
C SER B 243 -1.34 -4.12 9.23
N TRP B 244 -1.12 -3.56 8.05
CA TRP B 244 -0.36 -4.27 7.00
C TRP B 244 1.09 -4.48 7.44
N LEU B 245 1.71 -3.45 7.98
CA LEU B 245 3.11 -3.58 8.41
C LEU B 245 3.18 -4.66 9.49
N LYS B 246 2.24 -4.66 10.42
CA LYS B 246 2.24 -5.64 11.53
C LYS B 246 1.92 -7.01 10.95
N ALA B 247 1.08 -7.06 9.93
CA ALA B 247 0.66 -8.36 9.36
C ALA B 247 1.87 -9.04 8.74
N ALA B 248 2.70 -8.26 8.06
CA ALA B 248 3.94 -8.82 7.50
C ALA B 248 4.80 -9.35 8.64
N ASP B 249 5.07 -8.50 9.64
CA ASP B 249 5.83 -8.93 10.84
C ASP B 249 5.24 -10.25 11.35
N ILE B 250 3.94 -10.27 11.58
CA ILE B 250 3.31 -11.47 12.21
C ILE B 250 3.34 -12.65 11.26
N ILE B 251 2.93 -12.47 10.01
CA ILE B 251 2.79 -13.63 9.06
C ILE B 251 4.17 -14.20 8.71
N GLY B 252 5.24 -13.44 8.89
CA GLY B 252 6.59 -14.00 8.66
C GLY B 252 7.24 -13.55 7.38
N ILE B 253 6.49 -12.97 6.45
CA ILE B 253 7.10 -12.41 5.22
C ILE B 253 8.07 -11.34 5.68
N GLY B 254 7.69 -10.59 6.70
CA GLY B 254 8.61 -9.59 7.24
C GLY B 254 8.30 -8.22 6.72
N LEU B 255 8.80 -7.20 7.41
CA LEU B 255 8.52 -5.81 7.00
C LEU B 255 9.37 -5.49 5.77
N ASP B 256 10.44 -6.28 5.56
CA ASP B 256 11.38 -6.03 4.44
C ASP B 256 10.76 -6.46 3.12
N GLN B 257 9.72 -7.28 3.18
CA GLN B 257 9.07 -7.80 1.96
C GLN B 257 7.81 -6.99 1.69
N VAL B 258 7.69 -5.83 2.31
CA VAL B 258 6.51 -4.96 2.02
C VAL B 258 7.02 -3.72 1.27
N ILE B 259 6.35 -3.40 0.18
CA ILE B 259 6.82 -2.25 -0.64
C ILE B 259 5.72 -1.20 -0.68
N PRO B 260 6.00 0.01 -0.20
CA PRO B 260 5.04 1.09 -0.29
C PRO B 260 4.92 1.59 -1.72
N VAL B 261 3.76 1.41 -2.34
CA VAL B 261 3.56 1.99 -3.68
C VAL B 261 3.10 3.42 -3.48
N PRO B 262 3.49 4.38 -4.34
CA PRO B 262 3.17 5.77 -4.13
C PRO B 262 1.71 6.14 -4.39
N VAL B 263 1.30 7.31 -3.91
CA VAL B 263 -0.12 7.72 -4.03
C VAL B 263 -0.19 9.03 -4.80
N ASP B 264 -1.34 9.32 -5.41
CA ASP B 264 -1.49 10.55 -6.24
C ASP B 264 -1.88 11.74 -5.36
N HIS B 265 -2.35 12.81 -5.98
CA HIS B 265 -2.75 14.02 -5.23
C HIS B 265 -4.15 13.81 -4.67
N ASN B 266 -4.87 12.83 -5.21
CA ASN B 266 -6.21 12.48 -4.66
C ASN B 266 -5.98 11.40 -3.60
N TYR B 267 -4.72 11.14 -3.29
CA TYR B 267 -4.35 10.18 -2.22
C TYR B 267 -4.80 8.76 -2.58
N ARG B 268 -4.87 8.47 -3.88
CA ARG B 268 -5.23 7.11 -4.35
C ARG B 268 -3.95 6.47 -4.88
N MET B 269 -3.92 5.14 -4.97
CA MET B 269 -2.73 4.42 -5.48
C MET B 269 -2.43 4.84 -6.91
N ASP B 270 -1.18 5.21 -7.21
CA ASP B 270 -0.79 5.52 -8.61
C ASP B 270 -0.68 4.18 -9.33
N ILE B 271 -1.66 3.84 -10.16
CA ILE B 271 -1.67 2.51 -10.82
C ILE B 271 -0.47 2.44 -11.76
N ASN B 272 -0.12 3.59 -12.33
CA ASN B 272 1.04 3.64 -13.25
C ASN B 272 2.28 3.27 -12.43
N GLU B 273 2.44 3.86 -11.26
CA GLU B 273 3.60 3.56 -10.40
C GLU B 273 3.58 2.07 -10.02
N LEU B 274 2.41 1.47 -9.97
CA LEU B 274 2.29 0.04 -9.58
C LEU B 274 2.94 -0.81 -10.67
N GLU B 275 2.70 -0.45 -11.92
CA GLU B 275 3.28 -1.21 -13.05
C GLU B 275 4.80 -1.11 -12.97
N LYS B 276 5.32 0.07 -12.66
CA LYS B 276 6.79 0.27 -12.64
C LYS B 276 7.42 -0.65 -11.60
N ILE B 277 6.72 -0.87 -10.50
CA ILE B 277 7.30 -1.69 -9.39
C ILE B 277 7.11 -3.15 -9.75
N VAL B 278 5.91 -3.53 -10.12
CA VAL B 278 5.60 -4.96 -10.45
C VAL B 278 6.53 -5.41 -11.57
N ARG B 279 6.64 -4.61 -12.64
CA ARG B 279 7.44 -5.04 -13.81
C ARG B 279 8.92 -5.06 -13.41
N GLY B 280 9.36 -4.07 -12.66
CA GLY B 280 10.75 -4.08 -12.17
C GLY B 280 11.04 -5.32 -11.35
N LEU B 281 10.11 -5.68 -10.48
CA LEU B 281 10.30 -6.87 -9.62
C LEU B 281 10.43 -8.09 -10.52
N ALA B 282 9.63 -8.17 -11.58
CA ALA B 282 9.64 -9.38 -12.44
C ALA B 282 10.92 -9.44 -13.28
N GLU B 283 11.54 -8.30 -13.54
CA GLU B 283 12.82 -8.29 -14.27
C GLU B 283 13.85 -9.02 -13.41
N GLU B 284 13.87 -8.72 -12.11
CA GLU B 284 14.79 -9.40 -11.19
C GLU B 284 14.18 -10.74 -10.79
N GLN B 285 13.00 -11.06 -11.32
CA GLN B 285 12.31 -12.35 -11.06
C GLN B 285 11.93 -12.48 -9.58
N ILE B 286 11.44 -11.40 -8.98
CA ILE B 286 10.94 -11.45 -7.58
C ILE B 286 9.44 -11.35 -7.68
N PRO B 287 8.67 -12.32 -7.17
CA PRO B 287 7.24 -12.31 -7.34
C PRO B 287 6.48 -11.22 -6.57
N VAL B 288 5.22 -11.01 -6.93
CA VAL B 288 4.37 -10.07 -6.15
C VAL B 288 3.43 -10.93 -5.31
N LEU B 289 3.68 -11.05 -4.01
CA LEU B 289 2.81 -11.85 -3.11
C LEU B 289 1.40 -11.35 -3.31
N GLY B 290 1.24 -10.03 -3.44
CA GLY B 290 -0.09 -9.50 -3.75
C GLY B 290 -0.16 -8.00 -3.65
N VAL B 291 -1.26 -7.42 -4.13
CA VAL B 291 -1.46 -5.95 -4.05
C VAL B 291 -2.63 -5.68 -3.12
N VAL B 292 -2.52 -4.67 -2.26
CA VAL B 292 -3.68 -4.29 -1.42
C VAL B 292 -4.28 -3.00 -1.96
N GLY B 293 -5.55 -3.03 -2.36
CA GLY B 293 -6.24 -1.81 -2.77
C GLY B 293 -7.12 -1.35 -1.63
N VAL B 294 -7.06 -0.07 -1.28
CA VAL B 294 -7.81 0.42 -0.10
C VAL B 294 -9.07 1.17 -0.52
N VAL B 295 -10.22 0.59 -0.24
CA VAL B 295 -11.50 1.32 -0.51
C VAL B 295 -11.89 1.97 0.81
N GLY B 296 -11.41 3.19 1.05
CA GLY B 296 -11.67 3.86 2.33
C GLY B 296 -10.35 4.09 3.02
N SER B 297 -9.80 5.30 2.98
CA SER B 297 -8.45 5.52 3.55
C SER B 297 -8.57 5.91 5.02
N THR B 298 -7.65 5.41 5.83
CA THR B 298 -7.66 5.68 7.28
C THR B 298 -7.69 7.18 7.52
N GLU B 299 -6.89 7.94 6.79
CA GLU B 299 -6.74 9.38 7.13
C GLU B 299 -7.33 10.32 6.08
N GLU B 300 -7.84 9.84 4.96
CA GLU B 300 -8.31 10.78 3.91
C GLU B 300 -9.57 10.26 3.23
N GLY B 301 -9.92 9.00 3.45
CA GLY B 301 -11.18 8.44 2.90
C GLY B 301 -11.12 8.32 1.41
N ALA B 302 -10.10 7.66 0.89
CA ALA B 302 -9.92 7.59 -0.57
C ALA B 302 -10.28 6.21 -1.11
N VAL B 303 -10.76 6.17 -2.34
CA VAL B 303 -11.09 4.87 -2.99
C VAL B 303 -10.04 4.57 -4.06
N ASP B 304 -9.13 3.64 -3.75
CA ASP B 304 -8.12 3.22 -4.74
C ASP B 304 -8.88 2.55 -5.89
N SER B 305 -8.52 2.89 -7.13
CA SER B 305 -9.22 2.33 -8.31
C SER B 305 -8.91 0.84 -8.44
N ILE B 306 -9.77 -0.01 -7.89
CA ILE B 306 -9.56 -1.48 -7.95
C ILE B 306 -9.79 -1.91 -9.41
N ASP B 307 -10.63 -1.16 -10.12
CA ASP B 307 -10.90 -1.47 -11.54
C ASP B 307 -9.57 -1.45 -12.28
N LYS B 308 -8.69 -0.52 -11.93
CA LYS B 308 -7.43 -0.36 -12.65
C LYS B 308 -6.39 -1.35 -12.14
N ILE B 309 -6.41 -1.63 -10.84
CA ILE B 309 -5.47 -2.61 -10.25
C ILE B 309 -5.72 -3.97 -10.90
N ILE B 310 -6.98 -4.26 -11.23
CA ILE B 310 -7.32 -5.59 -11.79
C ILE B 310 -7.12 -5.55 -13.30
N ALA B 311 -7.33 -4.38 -13.91
CA ALA B 311 -7.07 -4.24 -15.35
C ALA B 311 -5.58 -4.51 -15.58
N LEU B 312 -4.74 -3.92 -14.73
CA LEU B 312 -3.28 -4.08 -14.89
C LEU B 312 -2.95 -5.56 -14.78
N ARG B 313 -3.52 -6.24 -13.81
CA ARG B 313 -3.26 -7.70 -13.61
C ARG B 313 -3.64 -8.42 -14.89
N ASP B 314 -4.82 -8.08 -15.42
CA ASP B 314 -5.32 -8.75 -16.65
C ASP B 314 -4.33 -8.48 -17.78
N GLU B 315 -3.80 -7.25 -17.83
CA GLU B 315 -2.85 -6.87 -18.90
C GLU B 315 -1.47 -7.44 -18.61
N LEU B 316 -1.21 -7.87 -17.37
CA LEU B 316 0.16 -8.32 -17.01
C LEU B 316 0.26 -9.83 -17.19
N MET B 317 -0.86 -10.53 -17.16
CA MET B 317 -0.85 -12.01 -17.25
C MET B 317 -0.37 -12.41 -18.63
N LYS B 318 -0.48 -11.49 -19.58
CA LYS B 318 -0.02 -11.76 -20.96
C LYS B 318 1.50 -11.73 -20.98
N ASP B 319 2.12 -11.18 -19.94
CA ASP B 319 3.60 -11.08 -19.87
C ASP B 319 4.11 -11.99 -18.74
N GLY B 320 3.26 -12.88 -18.23
CA GLY B 320 3.71 -13.85 -17.22
C GLY B 320 3.63 -13.31 -15.81
N ILE B 321 2.81 -12.30 -15.56
CA ILE B 321 2.76 -11.68 -14.20
C ILE B 321 1.37 -11.83 -13.57
N TYR B 322 1.30 -12.34 -12.35
CA TYR B 322 -0.01 -12.40 -11.64
C TYR B 322 0.19 -11.93 -10.21
N TYR B 323 -0.79 -11.20 -9.67
CA TYR B 323 -0.74 -10.86 -8.23
C TYR B 323 -2.10 -11.11 -7.58
N TYR B 324 -2.09 -11.46 -6.32
CA TYR B 324 -3.36 -11.63 -5.56
C TYR B 324 -3.85 -10.22 -5.26
N VAL B 325 -5.15 -9.97 -5.39
CA VAL B 325 -5.63 -8.62 -4.98
C VAL B 325 -6.45 -8.75 -3.70
N HIS B 326 -6.07 -8.03 -2.64
CA HIS B 326 -6.92 -7.99 -1.42
C HIS B 326 -7.41 -6.56 -1.27
N VAL B 327 -8.69 -6.39 -0.96
CA VAL B 327 -9.25 -5.03 -0.83
C VAL B 327 -9.50 -4.71 0.64
N ASP B 328 -8.83 -3.70 1.18
CA ASP B 328 -9.08 -3.24 2.55
C ASP B 328 -10.26 -2.28 2.48
N ALA B 329 -11.48 -2.82 2.47
CA ALA B 329 -12.67 -1.96 2.47
C ALA B 329 -13.21 -1.86 3.89
N ALA B 330 -12.32 -1.92 4.87
CA ALA B 330 -12.73 -1.90 6.28
C ALA B 330 -13.67 -0.72 6.54
N TYR B 331 -13.42 0.42 5.91
CA TYR B 331 -14.24 1.62 6.21
C TYR B 331 -15.31 1.81 5.15
N GLY B 332 -15.05 1.42 3.91
CA GLY B 332 -16.03 1.73 2.84
C GLY B 332 -16.76 0.53 2.29
N GLY B 333 -16.52 -0.66 2.82
CA GLY B 333 -17.11 -1.87 2.24
C GLY B 333 -18.61 -1.87 2.26
N TYR B 334 -19.20 -1.44 3.35
CA TYR B 334 -20.67 -1.46 3.49
C TYR B 334 -21.29 -0.48 2.50
N GLY B 335 -20.48 0.45 2.00
CA GLY B 335 -20.96 1.43 1.01
C GLY B 335 -21.34 0.76 -0.30
N ARG B 336 -20.79 -0.41 -0.57
CA ARG B 336 -21.11 -1.14 -1.81
C ARG B 336 -22.62 -1.35 -1.92
N ALA B 337 -23.32 -1.26 -0.80
CA ALA B 337 -24.78 -1.47 -0.81
C ALA B 337 -25.45 -0.33 -1.54
N ILE B 338 -24.79 0.82 -1.58
CA ILE B 338 -25.36 2.00 -2.28
C ILE B 338 -25.47 1.68 -3.78
N PHE B 339 -24.70 0.72 -4.25
CA PHE B 339 -24.68 0.44 -5.70
C PHE B 339 -25.41 -0.85 -6.02
N LEU B 340 -26.16 -1.42 -5.07
CA LEU B 340 -26.81 -2.73 -5.31
C LEU B 340 -28.33 -2.59 -5.28
N ASP B 341 -29.02 -3.27 -6.19
CA ASP B 341 -30.50 -3.16 -6.27
C ASP B 341 -31.15 -4.23 -5.40
N GLU B 342 -32.47 -4.31 -5.42
CA GLU B 342 -33.16 -5.25 -4.51
C GLU B 342 -33.03 -6.69 -4.99
N ASP B 343 -32.37 -6.91 -6.12
CA ASP B 343 -32.12 -8.29 -6.59
C ASP B 343 -30.61 -8.50 -6.60
N ASN B 344 -29.88 -7.68 -5.84
CA ASN B 344 -28.39 -7.79 -5.73
C ASN B 344 -27.73 -7.59 -7.09
N ASN B 345 -28.23 -6.66 -7.88
CA ASN B 345 -27.58 -6.36 -9.18
C ASN B 345 -26.97 -4.96 -9.12
N PHE B 346 -25.73 -4.83 -9.55
CA PHE B 346 -25.05 -3.51 -9.49
C PHE B 346 -25.81 -2.54 -10.38
N ILE B 347 -26.36 -1.49 -9.77
CA ILE B 347 -27.15 -0.48 -10.52
C ILE B 347 -26.23 0.19 -11.55
N PRO B 348 -26.61 0.38 -12.86
CA PRO B 348 -25.76 1.12 -13.78
C PRO B 348 -25.62 2.60 -13.42
N TYR B 349 -24.47 3.19 -13.73
CA TYR B 349 -24.18 4.59 -13.31
C TYR B 349 -25.18 5.56 -13.91
N GLU B 350 -25.67 5.26 -15.09
CA GLU B 350 -26.58 6.22 -15.76
C GLU B 350 -27.87 6.24 -14.97
N ASP B 351 -28.07 5.24 -14.10
CA ASP B 351 -29.37 5.12 -13.41
C ASP B 351 -29.18 5.33 -11.90
N LEU B 352 -27.95 5.43 -11.44
CA LEU B 352 -27.70 5.53 -9.97
C LEU B 352 -28.47 6.70 -9.37
N GLN B 353 -28.24 7.92 -9.84
CA GLN B 353 -28.89 9.13 -9.27
C GLN B 353 -30.40 8.96 -9.31
N ASP B 354 -30.92 8.23 -10.28
CA ASP B 354 -32.39 8.11 -10.42
C ASP B 354 -32.91 7.14 -9.37
N VAL B 355 -32.26 5.98 -9.24
CA VAL B 355 -32.72 4.94 -8.29
C VAL B 355 -32.49 5.48 -6.89
N HIS B 356 -31.45 6.27 -6.71
CA HIS B 356 -31.12 6.83 -5.38
C HIS B 356 -32.16 7.86 -4.96
N GLU B 357 -33.17 8.08 -5.80
CA GLU B 357 -34.25 9.02 -5.43
C GLU B 357 -35.52 8.22 -5.18
N GLU B 358 -35.67 7.10 -5.88
CA GLU B 358 -36.86 6.23 -5.68
C GLU B 358 -36.72 5.59 -4.31
N TYR B 359 -35.49 5.49 -3.83
CA TYR B 359 -35.25 4.78 -2.56
C TYR B 359 -34.82 5.78 -1.49
N GLY B 360 -34.75 7.07 -1.84
CA GLY B 360 -34.45 8.11 -0.85
C GLY B 360 -33.00 8.11 -0.42
N VAL B 361 -32.13 7.47 -1.21
CA VAL B 361 -30.71 7.34 -0.80
C VAL B 361 -30.12 8.74 -0.70
N PHE B 362 -30.46 9.61 -1.66
CA PHE B 362 -29.95 10.99 -1.65
C PHE B 362 -31.12 11.98 -1.64
N LYS B 363 -30.94 13.10 -0.96
CA LYS B 363 -32.05 14.08 -0.80
C LYS B 363 -31.96 15.14 -1.89
N GLU B 364 -30.97 15.02 -2.77
CA GLU B 364 -30.78 15.98 -3.88
C GLU B 364 -30.47 15.15 -5.12
N LYS B 365 -31.21 15.34 -6.21
CA LYS B 365 -30.88 14.61 -7.46
C LYS B 365 -29.69 15.28 -8.14
N LYS B 366 -28.52 15.22 -7.51
CA LYS B 366 -27.29 15.75 -8.11
C LYS B 366 -26.28 14.61 -8.15
N GLU B 367 -25.12 14.82 -8.74
CA GLU B 367 -24.08 13.76 -8.70
C GLU B 367 -23.46 13.74 -7.30
N HIS B 368 -23.23 12.54 -6.76
CA HIS B 368 -22.68 12.43 -5.39
C HIS B 368 -21.58 11.40 -5.41
N ILE B 369 -21.59 10.55 -6.44
CA ILE B 369 -20.59 9.45 -6.53
C ILE B 369 -19.96 9.52 -7.93
N SER B 370 -18.64 9.55 -7.99
CA SER B 370 -17.93 9.60 -9.28
C SER B 370 -18.03 8.23 -9.96
N ARG B 371 -17.97 8.21 -11.28
CA ARG B 371 -17.98 6.92 -12.00
C ARG B 371 -16.71 6.20 -11.60
N GLU B 372 -15.70 6.95 -11.20
CA GLU B 372 -14.39 6.34 -10.87
C GLU B 372 -14.52 5.53 -9.58
N VAL B 373 -15.24 6.05 -8.59
CA VAL B 373 -15.43 5.28 -7.32
C VAL B 373 -16.53 4.24 -7.55
N TYR B 374 -17.45 4.50 -8.47
CA TYR B 374 -18.47 3.48 -8.80
C TYR B 374 -17.72 2.30 -9.40
N ASP B 375 -16.77 2.57 -10.29
CA ASP B 375 -16.09 1.48 -11.03
C ASP B 375 -15.15 0.75 -10.09
N ALA B 376 -14.56 1.45 -9.14
CA ALA B 376 -13.64 0.82 -8.18
C ALA B 376 -14.40 -0.20 -7.34
N TYR B 377 -15.58 0.20 -6.87
CA TYR B 377 -16.40 -0.70 -6.04
C TYR B 377 -16.81 -1.86 -6.91
N LYS B 378 -17.12 -1.62 -8.18
CA LYS B 378 -17.66 -2.70 -9.03
C LYS B 378 -16.57 -3.75 -9.24
N ALA B 379 -15.30 -3.34 -9.18
CA ALA B 379 -14.21 -4.28 -9.51
C ALA B 379 -13.85 -5.14 -8.30
N ILE B 380 -14.42 -4.85 -7.15
CA ILE B 380 -14.10 -5.62 -5.91
C ILE B 380 -14.56 -7.05 -6.14
N GLU B 381 -15.53 -7.25 -7.02
CA GLU B 381 -16.09 -8.61 -7.23
C GLU B 381 -15.06 -9.50 -7.92
N LEU B 382 -13.90 -8.94 -8.26
CA LEU B 382 -12.90 -9.71 -9.03
C LEU B 382 -11.71 -9.99 -8.12
N ALA B 383 -11.66 -9.32 -6.97
CA ALA B 383 -10.56 -9.54 -6.00
C ALA B 383 -10.77 -10.85 -5.27
N GLU B 384 -9.75 -11.35 -4.59
CA GLU B 384 -9.87 -12.70 -3.97
C GLU B 384 -10.32 -12.57 -2.53
N SER B 385 -10.03 -11.44 -1.90
CA SER B 385 -10.36 -11.29 -0.47
C SER B 385 -10.65 -9.83 -0.17
N VAL B 386 -11.53 -9.57 0.79
CA VAL B 386 -11.89 -8.19 1.16
C VAL B 386 -11.99 -8.06 2.68
N THR B 387 -11.41 -7.00 3.24
CA THR B 387 -11.58 -6.72 4.69
C THR B 387 -12.75 -5.75 4.80
N ILE B 388 -13.82 -6.12 5.50
CA ILE B 388 -15.00 -5.24 5.70
C ILE B 388 -15.26 -5.14 7.20
N ASP B 389 -15.43 -3.94 7.74
CA ASP B 389 -15.59 -3.83 9.21
C ASP B 389 -17.01 -3.40 9.56
N PRO B 390 -17.88 -4.31 10.01
CA PRO B 390 -19.22 -3.94 10.47
C PRO B 390 -19.20 -2.81 11.52
N HIS B 391 -18.16 -2.76 12.35
CA HIS B 391 -18.04 -1.72 13.40
C HIS B 391 -17.57 -0.39 12.82
N LYS B 392 -17.51 -0.29 11.50
CA LYS B 392 -17.12 0.96 10.83
C LYS B 392 -18.00 1.06 9.58
N MET B 393 -19.09 1.83 9.63
CA MET B 393 -19.96 2.07 8.45
C MET B 393 -21.01 0.97 8.36
N GLY B 394 -20.97 0.00 9.26
CA GLY B 394 -22.05 -0.99 9.35
C GLY B 394 -22.86 -0.55 10.55
N TYR B 395 -22.32 0.39 11.31
CA TYR B 395 -23.01 0.96 12.49
C TYR B 395 -23.29 -0.15 13.49
N ILE B 396 -22.58 -1.26 13.34
CA ILE B 396 -22.75 -2.37 14.31
C ILE B 396 -21.73 -2.12 15.42
N PRO B 397 -22.05 -2.33 16.70
CA PRO B 397 -21.13 -1.99 17.77
C PRO B 397 -19.81 -2.76 17.81
N TYR B 398 -18.76 -2.15 18.34
CA TYR B 398 -17.45 -2.83 18.49
C TYR B 398 -17.62 -3.98 19.48
N SER B 399 -16.81 -5.06 19.36
CA SER B 399 -15.80 -5.40 18.32
C SER B 399 -16.39 -6.31 17.24
N ALA B 400 -16.46 -5.81 16.01
CA ALA B 400 -17.02 -6.58 14.89
C ALA B 400 -16.31 -6.24 13.59
N GLY B 401 -15.43 -7.12 13.13
CA GLY B 401 -14.77 -6.95 11.83
C GLY B 401 -15.24 -8.02 10.87
N GLY B 402 -14.62 -8.10 9.70
CA GLY B 402 -15.12 -9.08 8.70
C GLY B 402 -14.14 -9.38 7.59
N ILE B 403 -14.21 -10.60 7.05
CA ILE B 403 -13.37 -11.00 5.91
C ILE B 403 -14.30 -11.65 4.89
N VAL B 404 -14.03 -11.45 3.60
CA VAL B 404 -14.84 -12.07 2.52
C VAL B 404 -13.86 -12.76 1.59
N ILE B 405 -14.16 -13.98 1.15
CA ILE B 405 -13.30 -14.68 0.15
C ILE B 405 -14.12 -14.88 -1.11
N GLN B 406 -13.50 -14.84 -2.29
CA GLN B 406 -14.23 -14.93 -3.57
C GLN B 406 -14.63 -16.37 -3.84
N ASP B 407 -13.79 -17.30 -3.39
CA ASP B 407 -14.08 -18.75 -3.56
C ASP B 407 -14.11 -19.36 -2.17
N ILE B 408 -15.23 -19.99 -1.81
CA ILE B 408 -15.38 -20.63 -0.49
C ILE B 408 -14.29 -21.69 -0.35
N ARG B 409 -13.76 -22.14 -1.48
CA ARG B 409 -12.79 -23.25 -1.45
C ARG B 409 -11.43 -22.76 -0.95
N MET B 410 -11.19 -21.45 -1.03
CA MET B 410 -9.87 -20.92 -0.63
C MET B 410 -9.68 -21.17 0.85
N ARG B 411 -10.76 -21.53 1.55
CA ARG B 411 -10.69 -21.70 3.02
C ARG B 411 -9.97 -22.99 3.34
N ASP B 412 -9.84 -23.87 2.35
CA ASP B 412 -9.19 -25.19 2.57
C ASP B 412 -7.67 -25.00 2.64
N VAL B 413 -7.18 -23.79 2.35
CA VAL B 413 -5.73 -23.50 2.35
C VAL B 413 -5.28 -23.15 3.76
N ILE B 414 -6.23 -22.71 4.58
CA ILE B 414 -5.92 -22.27 5.97
C ILE B 414 -6.52 -23.30 6.91
N SER B 415 -7.40 -24.13 6.38
CA SER B 415 -8.14 -25.10 7.22
C SER B 415 -7.28 -26.00 8.08
N TYR B 416 -7.79 -26.33 9.27
CA TYR B 416 -7.12 -27.30 10.15
C TYR B 416 -8.20 -28.29 10.55
N PHE B 417 -7.82 -29.46 11.02
CA PHE B 417 -8.82 -30.43 11.52
C PHE B 417 -8.20 -31.12 12.75
N ILE B 428 -22.58 -25.45 6.94
CA ILE B 428 -22.14 -24.66 8.12
C ILE B 428 -20.95 -25.38 8.77
N PRO B 429 -19.82 -24.71 9.04
CA PRO B 429 -18.73 -25.36 9.75
C PRO B 429 -19.19 -25.81 11.15
N ALA B 430 -18.74 -26.98 11.58
CA ALA B 430 -19.07 -27.46 12.94
C ALA B 430 -18.02 -26.85 13.86
N LEU B 431 -16.98 -26.32 13.25
CA LEU B 431 -15.90 -25.66 14.02
C LEU B 431 -15.35 -24.55 13.14
N LEU B 432 -15.94 -23.37 13.24
CA LEU B 432 -15.47 -22.20 12.47
C LEU B 432 -14.02 -21.94 12.84
N GLY B 433 -13.62 -22.36 14.03
CA GLY B 433 -12.25 -22.12 14.52
C GLY B 433 -11.22 -22.81 13.66
N ALA B 434 -11.68 -23.75 12.83
CA ALA B 434 -10.76 -24.52 11.97
C ALA B 434 -10.66 -23.87 10.60
N TYR B 435 -11.42 -22.80 10.39
CA TYR B 435 -11.44 -22.13 9.07
C TYR B 435 -11.13 -20.65 9.25
N ILE B 436 -10.71 -20.27 10.45
CA ILE B 436 -10.47 -18.83 10.74
C ILE B 436 -9.12 -18.65 11.41
N LEU B 437 -8.70 -17.40 11.63
CA LEU B 437 -7.40 -17.10 12.26
C LEU B 437 -7.60 -17.06 13.77
N GLU B 438 -8.76 -16.60 14.21
CA GLU B 438 -9.00 -16.46 15.66
C GLU B 438 -9.60 -17.75 16.19
N GLY B 439 -9.98 -17.73 17.47
CA GLY B 439 -10.62 -18.91 18.07
C GLY B 439 -11.98 -18.57 18.64
N SER B 440 -12.03 -18.36 19.95
CA SER B 440 -13.32 -18.08 20.63
C SER B 440 -13.91 -16.77 20.15
N LYS B 441 -15.15 -16.82 19.71
CA LYS B 441 -15.83 -15.63 19.19
C LYS B 441 -17.14 -15.53 19.96
N ALA B 442 -17.67 -14.33 20.12
CA ALA B 442 -19.00 -14.22 20.75
C ALA B 442 -20.06 -14.43 19.70
N GLY B 443 -21.09 -15.19 20.04
CA GLY B 443 -22.21 -15.36 19.11
C GLY B 443 -23.08 -14.13 19.14
N ALA B 444 -22.94 -13.35 20.19
CA ALA B 444 -23.72 -12.10 20.33
C ALA B 444 -23.26 -11.11 19.28
N THR B 445 -22.00 -11.23 18.88
CA THR B 445 -21.46 -10.33 17.83
C THR B 445 -22.18 -10.69 16.54
N ALA B 446 -22.29 -11.97 16.26
CA ALA B 446 -22.96 -12.43 15.04
C ALA B 446 -24.40 -11.96 15.03
N ALA B 447 -25.03 -11.98 16.19
CA ALA B 447 -26.45 -11.61 16.28
C ALA B 447 -26.60 -10.12 16.07
N SER B 448 -25.58 -9.33 16.44
CA SER B 448 -25.63 -7.86 16.26
C SER B 448 -25.52 -7.54 14.78
N VAL B 449 -24.67 -8.27 14.06
CA VAL B 449 -24.45 -8.01 12.61
C VAL B 449 -25.66 -8.54 11.85
N TRP B 450 -26.16 -9.71 12.22
CA TRP B 450 -27.31 -10.33 11.53
C TRP B 450 -28.53 -9.44 11.67
N ALA B 451 -28.81 -8.99 12.88
CA ALA B 451 -29.96 -8.10 13.12
C ALA B 451 -29.91 -6.94 12.16
N ALA B 452 -28.74 -6.34 12.02
CA ALA B 452 -28.58 -5.15 11.16
C ALA B 452 -28.77 -5.53 9.70
N HIS B 453 -28.23 -6.66 9.28
CA HIS B 453 -28.33 -7.10 7.87
C HIS B 453 -29.77 -7.50 7.57
N HIS B 454 -30.59 -7.64 8.58
CA HIS B 454 -31.98 -8.14 8.38
C HIS B 454 -32.97 -7.01 8.60
N VAL B 455 -32.58 -5.98 9.35
CA VAL B 455 -33.44 -4.78 9.49
C VAL B 455 -33.09 -3.87 8.33
N LEU B 456 -31.80 -3.79 8.02
CA LEU B 456 -31.34 -2.92 6.90
C LEU B 456 -30.71 -3.81 5.84
N PRO B 457 -31.42 -4.20 4.75
CA PRO B 457 -30.79 -4.99 3.71
C PRO B 457 -29.51 -4.38 3.14
N LEU B 458 -28.59 -5.24 2.68
CA LEU B 458 -27.29 -4.75 2.17
C LEU B 458 -27.48 -4.26 0.73
N ASN B 459 -28.42 -3.35 0.52
CA ASN B 459 -28.69 -2.77 -0.82
C ASN B 459 -29.24 -1.37 -0.63
N VAL B 460 -29.85 -0.80 -1.67
CA VAL B 460 -30.36 0.59 -1.62
C VAL B 460 -31.59 0.67 -0.73
N ALA B 461 -32.21 -0.47 -0.43
CA ALA B 461 -33.47 -0.48 0.36
C ALA B 461 -33.15 -0.46 1.85
N GLY B 462 -31.88 -0.55 2.19
CA GLY B 462 -31.50 -0.50 3.60
C GLY B 462 -30.23 0.27 3.84
N TYR B 463 -29.12 -0.44 3.87
CA TYR B 463 -27.83 0.22 4.19
C TYR B 463 -27.58 1.38 3.23
N GLY B 464 -28.16 1.32 2.04
CA GLY B 464 -27.93 2.38 1.04
C GLY B 464 -28.41 3.73 1.53
N LYS B 465 -29.61 3.78 2.08
CA LYS B 465 -30.19 5.04 2.59
C LYS B 465 -29.27 5.57 3.68
N LEU B 466 -28.67 4.68 4.46
CA LEU B 466 -27.80 5.09 5.58
C LEU B 466 -26.49 5.66 5.06
N ILE B 467 -25.80 4.91 4.18
CA ILE B 467 -24.51 5.38 3.60
C ILE B 467 -24.79 6.67 2.83
N GLY B 468 -25.89 6.74 2.10
CA GLY B 468 -26.21 7.93 1.31
C GLY B 468 -26.35 9.15 2.20
N ALA B 469 -26.89 8.96 3.38
CA ALA B 469 -27.14 10.11 4.27
C ALA B 469 -25.83 10.57 4.91
N SER B 470 -24.86 9.69 5.00
CA SER B 470 -23.56 10.05 5.61
C SER B 470 -22.78 10.83 4.57
N ILE B 471 -23.05 10.54 3.30
CA ILE B 471 -22.27 11.18 2.20
C ILE B 471 -22.85 12.56 1.95
N GLU B 472 -24.16 12.71 1.99
CA GLU B 472 -24.78 14.04 1.77
C GLU B 472 -24.38 14.96 2.92
N GLY B 473 -24.27 14.43 4.12
CA GLY B 473 -23.85 15.24 5.27
C GLY B 473 -22.39 15.63 5.15
N SER B 474 -21.60 14.77 4.53
CA SER B 474 -20.16 15.06 4.32
C SER B 474 -20.05 16.13 3.25
N HIS B 475 -21.00 16.13 2.32
CA HIS B 475 -20.92 17.06 1.18
C HIS B 475 -21.30 18.46 1.65
N HIS B 476 -22.29 18.55 2.52
CA HIS B 476 -22.74 19.87 3.01
C HIS B 476 -21.63 20.45 3.87
N PHE B 477 -20.92 19.61 4.61
CA PHE B 477 -19.79 20.09 5.44
C PHE B 477 -18.71 20.63 4.52
N TYR B 478 -18.35 19.88 3.49
CA TYR B 478 -17.31 20.32 2.53
C TYR B 478 -17.63 21.73 2.07
N ASN B 479 -18.88 21.97 1.66
CA ASN B 479 -19.27 23.30 1.11
C ASN B 479 -19.27 24.36 2.21
N PHE B 480 -19.65 23.98 3.43
CA PHE B 480 -19.67 24.95 4.55
C PHE B 480 -18.23 25.37 4.84
N LEU B 481 -17.31 24.41 4.84
CA LEU B 481 -15.89 24.71 5.14
C LEU B 481 -15.29 25.47 3.95
N ASN B 482 -15.79 25.19 2.75
CA ASN B 482 -15.27 25.88 1.56
C ASN B 482 -15.58 27.36 1.70
N ASP B 483 -14.58 28.20 1.47
CA ASP B 483 -14.76 29.67 1.56
C ASP B 483 -15.33 30.04 2.93
N LEU B 484 -14.79 29.45 4.00
CA LEU B 484 -15.23 29.84 5.37
C LEU B 484 -14.12 30.69 5.97
N THR B 485 -14.39 31.97 6.20
CA THR B 485 -13.39 32.84 6.82
C THR B 485 -13.87 33.27 8.20
N PHE B 486 -12.95 33.42 9.15
CA PHE B 486 -13.29 33.91 10.50
C PHE B 486 -12.43 35.16 10.75
N LYS B 487 -12.68 35.88 11.83
CA LYS B 487 -11.86 37.06 12.19
C LYS B 487 -11.60 37.00 13.70
N VAL B 488 -10.39 36.61 14.09
CA VAL B 488 -10.03 36.54 15.53
C VAL B 488 -9.23 37.77 15.95
N GLY B 489 -9.85 38.64 16.73
CA GLY B 489 -9.18 39.90 17.13
C GLY B 489 -8.73 40.68 15.92
N ASP B 490 -7.44 40.60 15.58
CA ASP B 490 -6.89 41.42 14.48
C ASP B 490 -6.61 40.52 13.27
N LYS B 491 -6.37 39.23 13.49
CA LYS B 491 -5.97 38.33 12.38
C LYS B 491 -7.19 37.73 11.67
N GLU B 492 -7.04 37.33 10.40
CA GLU B 492 -8.14 36.67 9.64
C GLU B 492 -7.76 35.20 9.42
N ILE B 493 -8.66 34.28 9.75
CA ILE B 493 -8.36 32.83 9.63
C ILE B 493 -9.26 32.20 8.55
N GLU B 494 -8.66 31.58 7.53
CA GLU B 494 -9.44 30.95 6.45
C GLU B 494 -9.31 29.43 6.56
N VAL B 495 -10.41 28.71 6.29
CA VAL B 495 -10.39 27.22 6.32
C VAL B 495 -10.29 26.74 4.88
N HIS B 496 -9.47 25.71 4.65
CA HIS B 496 -9.35 25.14 3.29
C HIS B 496 -9.57 23.64 3.34
N THR B 497 -10.21 23.09 2.33
CA THR B 497 -10.50 21.63 2.30
C THR B 497 -9.42 20.90 1.50
N LEU B 498 -9.06 19.69 1.92
CA LEU B 498 -8.03 18.88 1.22
C LEU B 498 -8.74 17.94 0.25
N THR B 499 -8.94 18.34 -1.01
CA THR B 499 -9.60 17.52 -2.07
C THR B 499 -11.08 17.22 -1.80
N HIS B 500 -11.75 16.69 -2.82
CA HIS B 500 -13.18 16.35 -2.68
C HIS B 500 -13.25 14.96 -2.07
N PRO B 501 -14.12 14.73 -1.06
CA PRO B 501 -14.26 13.42 -0.50
C PRO B 501 -14.65 12.34 -1.52
N ASP B 502 -13.92 11.23 -1.52
CA ASP B 502 -14.28 10.09 -2.41
C ASP B 502 -15.44 9.35 -1.77
N PHE B 503 -15.63 9.50 -0.46
CA PHE B 503 -16.73 8.83 0.27
C PHE B 503 -17.37 9.80 1.25
N ASN B 504 -16.96 9.76 2.52
CA ASN B 504 -17.62 10.59 3.57
C ASN B 504 -16.60 11.27 4.49
N MET B 505 -15.31 11.18 4.19
CA MET B 505 -14.27 11.78 5.05
C MET B 505 -13.86 13.12 4.44
N VAL B 506 -14.10 14.20 5.18
CA VAL B 506 -13.73 15.57 4.68
C VAL B 506 -12.55 16.05 5.50
N ASP B 507 -11.40 16.21 4.85
CA ASP B 507 -10.19 16.70 5.53
C ASP B 507 -10.08 18.21 5.29
N TYR B 508 -9.47 18.93 6.21
CA TYR B 508 -9.43 20.41 6.08
C TYR B 508 -8.33 20.96 6.97
N VAL B 509 -7.92 22.21 6.73
CA VAL B 509 -6.88 22.88 7.56
C VAL B 509 -7.33 24.32 7.82
N PHE B 510 -6.78 24.94 8.86
CA PHE B 510 -7.07 26.36 9.18
C PHE B 510 -5.77 27.12 8.94
N LYS B 511 -5.82 28.23 8.21
CA LYS B 511 -4.59 28.99 7.86
C LYS B 511 -4.83 30.50 8.02
N GLU B 512 -3.83 31.21 8.52
CA GLU B 512 -3.92 32.68 8.62
C GLU B 512 -3.60 33.26 7.24
N LYS B 513 -4.39 34.23 6.79
CA LYS B 513 -4.19 34.80 5.44
C LYS B 513 -2.79 35.42 5.36
N GLY B 514 -2.02 35.08 4.33
CA GLY B 514 -0.71 35.71 4.13
C GLY B 514 0.41 35.07 4.93
N ASN B 515 0.07 34.15 5.83
CA ASN B 515 1.14 33.43 6.56
C ASN B 515 1.67 32.31 5.67
N ASP B 516 2.85 32.48 5.10
CA ASP B 516 3.47 31.41 4.27
C ASP B 516 4.37 30.54 5.15
N ASP B 517 4.13 30.51 6.46
CA ASP B 517 4.91 29.60 7.34
C ASP B 517 4.09 28.33 7.55
N LEU B 518 4.53 27.22 6.97
CA LEU B 518 3.78 25.94 7.08
C LEU B 518 3.90 25.48 8.52
N VAL B 519 5.09 25.65 9.11
CA VAL B 519 5.31 25.22 10.50
C VAL B 519 4.25 25.89 11.37
N ALA B 520 3.99 27.16 11.12
CA ALA B 520 3.03 27.91 11.96
C ALA B 520 1.61 27.34 11.77
N MET B 521 1.28 26.94 10.55
CA MET B 521 -0.08 26.42 10.27
C MET B 521 -0.18 25.03 10.86
N ASN B 522 0.92 24.29 10.84
CA ASN B 522 0.92 22.91 11.37
C ASN B 522 0.74 23.00 12.88
N LYS B 523 0.80 24.23 13.40
CA LYS B 523 0.63 24.41 14.86
C LYS B 523 -0.73 25.05 15.08
N LEU B 524 -1.21 25.86 14.14
CA LEU B 524 -2.58 26.44 14.27
C LEU B 524 -3.54 25.27 14.33
N ASN B 525 -3.26 24.24 13.56
CA ASN B 525 -4.19 23.09 13.46
C ASN B 525 -3.94 22.10 14.58
N HIS B 526 -2.71 21.99 15.09
CA HIS B 526 -2.47 21.09 16.25
C HIS B 526 -2.99 21.79 17.50
N ASP B 527 -3.37 23.06 17.36
CA ASP B 527 -3.92 23.82 18.51
C ASP B 527 -5.44 23.82 18.42
N VAL B 528 -6.01 24.03 17.22
CA VAL B 528 -7.48 23.92 17.08
C VAL B 528 -7.83 22.52 17.55
N TYR B 529 -7.07 21.52 17.10
CA TYR B 529 -7.30 20.14 17.57
C TYR B 529 -7.32 20.14 19.08
N ASP B 530 -6.27 20.66 19.72
CA ASP B 530 -6.16 20.58 21.20
C ASP B 530 -7.43 21.10 21.87
N TYR B 531 -8.10 22.09 21.27
CA TYR B 531 -9.28 22.71 21.91
C TYR B 531 -10.54 22.06 21.36
N ALA B 532 -10.41 21.37 20.25
CA ALA B 532 -11.54 20.62 19.67
C ALA B 532 -11.32 19.16 20.03
N SER B 533 -10.68 18.92 21.18
CA SER B 533 -10.39 17.53 21.60
C SER B 533 -10.34 17.40 23.11
N TYR B 534 -9.79 16.29 23.58
CA TYR B 534 -9.72 16.00 25.04
C TYR B 534 -8.50 16.68 25.63
N VAL B 535 -7.55 17.04 24.78
CA VAL B 535 -6.26 17.59 25.30
C VAL B 535 -6.56 18.78 26.20
N LYS B 536 -7.46 19.67 25.77
CA LYS B 536 -7.73 20.89 26.58
C LYS B 536 -9.19 20.95 27.03
N GLY B 537 -9.46 20.69 28.31
CA GLY B 537 -10.83 20.90 28.84
C GLY B 537 -11.66 19.65 28.97
N ASN B 538 -12.75 19.77 29.72
CA ASN B 538 -13.70 18.64 29.86
C ASN B 538 -14.43 18.53 28.52
N ILE B 539 -14.43 17.33 27.93
CA ILE B 539 -15.02 17.13 26.57
C ILE B 539 -16.53 17.10 26.68
N TYR B 540 -17.06 17.01 27.91
CA TYR B 540 -18.53 17.06 28.11
C TYR B 540 -18.99 18.51 27.94
N ASN B 541 -18.05 19.43 27.68
CA ASN B 541 -18.41 20.84 27.43
C ASN B 541 -17.70 21.31 26.16
N ASN B 542 -17.04 20.39 25.44
CA ASN B 542 -16.42 20.74 24.15
C ASN B 542 -17.51 20.89 23.09
N GLU B 543 -17.68 22.08 22.52
CA GLU B 543 -18.81 22.36 21.59
C GLU B 543 -18.53 21.95 20.14
N PHE B 544 -17.29 21.53 19.83
CA PHE B 544 -16.93 21.03 18.48
C PHE B 544 -15.76 20.05 18.67
N ILE B 545 -15.88 18.85 18.13
CA ILE B 545 -14.80 17.84 18.25
C ILE B 545 -14.35 17.43 16.85
N THR B 546 -13.03 17.28 16.62
CA THR B 546 -12.51 16.84 15.30
C THR B 546 -11.29 15.97 15.54
N SER B 547 -10.71 15.40 14.49
CA SER B 547 -9.48 14.60 14.61
C SER B 547 -8.33 15.32 13.93
N HIS B 548 -7.11 14.77 14.05
CA HIS B 548 -5.91 15.39 13.43
C HIS B 548 -5.00 14.29 12.88
N THR B 549 -4.32 14.57 11.76
CA THR B 549 -3.34 13.59 11.20
C THR B 549 -2.19 14.40 10.59
N ASP B 550 -0.99 13.85 10.63
CA ASP B 550 0.16 14.52 9.98
C ASP B 550 0.43 13.80 8.67
N PHE B 551 0.38 14.52 7.55
CA PHE B 551 0.73 13.94 6.23
C PHE B 551 2.23 14.18 6.06
N ALA B 552 3.06 13.27 6.57
CA ALA B 552 4.53 13.46 6.56
C ALA B 552 5.18 12.90 5.30
N ILE B 553 6.24 13.53 4.82
CA ILE B 553 6.99 13.07 3.61
C ILE B 553 7.37 11.58 3.74
N PRO B 554 7.93 11.03 4.85
CA PRO B 554 8.28 9.60 4.87
C PRO B 554 7.11 8.65 4.55
N ASP B 555 5.87 9.12 4.68
CA ASP B 555 4.71 8.22 4.46
C ASP B 555 3.85 8.76 3.32
N TYR B 556 3.97 10.05 3.01
CA TYR B 556 3.09 10.65 1.98
C TYR B 556 3.94 11.17 0.83
N GLY B 557 5.25 11.26 1.01
CA GLY B 557 6.10 11.81 -0.04
C GLY B 557 5.68 13.21 -0.43
N ASN B 558 5.56 13.47 -1.72
CA ASN B 558 5.16 14.82 -2.20
C ASN B 558 3.72 14.72 -2.69
N SER B 559 3.00 13.70 -2.22
CA SER B 559 1.56 13.61 -2.55
C SER B 559 0.80 14.85 -2.11
N PRO B 560 1.08 15.53 -0.97
CA PRO B 560 0.38 16.78 -0.65
C PRO B 560 0.95 18.06 -1.26
N LEU B 561 2.01 18.01 -2.07
CA LEU B 561 2.64 19.28 -2.55
C LEU B 561 1.68 20.12 -3.41
N LYS B 562 0.85 19.50 -4.25
CA LYS B 562 -0.15 20.28 -5.02
C LYS B 562 -0.97 21.13 -4.05
N PHE B 563 -1.47 20.52 -2.98
CA PHE B 563 -2.33 21.22 -2.00
C PHE B 563 -1.51 22.29 -1.27
N VAL B 564 -0.38 21.88 -0.72
CA VAL B 564 0.47 22.82 0.05
C VAL B 564 0.69 24.07 -0.80
N ASN B 565 0.97 23.88 -2.09
CA ASN B 565 1.30 25.04 -2.96
C ASN B 565 0.05 25.86 -3.22
N SER B 566 -1.09 25.19 -3.29
CA SER B 566 -2.36 25.90 -3.59
C SER B 566 -2.63 26.86 -2.47
N LEU B 567 -1.90 26.70 -1.36
CA LEU B 567 -2.18 27.54 -0.17
C LEU B 567 -1.12 28.64 -0.06
N GLY B 568 -0.13 28.66 -0.95
CA GLY B 568 0.84 29.77 -0.96
C GLY B 568 2.21 29.34 -0.46
N PHE B 569 2.30 28.11 0.01
CA PHE B 569 3.57 27.62 0.59
C PHE B 569 4.50 27.15 -0.53
N SER B 570 5.78 27.47 -0.43
CA SER B 570 6.71 27.10 -1.51
C SER B 570 7.08 25.63 -1.38
N ASP B 571 7.60 25.04 -2.45
CA ASP B 571 8.05 23.62 -2.39
C ASP B 571 9.17 23.54 -1.36
N GLU B 572 9.78 24.68 -1.04
CA GLU B 572 10.93 24.70 -0.11
C GLU B 572 10.39 24.70 1.31
N GLU B 573 9.29 25.42 1.53
CA GLU B 573 8.66 25.50 2.87
C GLU B 573 8.09 24.11 3.20
N TRP B 574 7.64 23.39 2.17
CA TRP B 574 7.11 22.03 2.38
C TRP B 574 8.19 21.15 2.98
N ASN B 575 9.40 21.20 2.43
CA ASN B 575 10.47 20.29 2.91
C ASN B 575 11.05 20.83 4.22
N ARG B 576 10.92 22.14 4.45
CA ARG B 576 11.40 22.74 5.73
C ARG B 576 10.54 22.23 6.88
N ALA B 577 9.22 22.24 6.69
CA ALA B 577 8.30 21.76 7.73
C ALA B 577 8.41 20.24 7.84
N GLY B 578 8.27 19.55 6.71
CA GLY B 578 8.37 18.08 6.69
C GLY B 578 7.01 17.41 6.71
N LYS B 579 5.93 18.18 6.90
CA LYS B 579 4.59 17.57 7.03
C LYS B 579 3.50 18.62 6.92
N VAL B 580 2.25 18.18 6.76
CA VAL B 580 1.09 19.12 6.83
C VAL B 580 0.13 18.53 7.88
N THR B 581 -0.18 19.29 8.93
CA THR B 581 -1.15 18.82 9.95
C THR B 581 -2.54 19.09 9.41
N VAL B 582 -3.32 18.03 9.19
CA VAL B 582 -4.69 18.17 8.61
C VAL B 582 -5.72 17.76 9.65
N LEU B 583 -6.89 18.38 9.61
CA LEU B 583 -7.98 18.03 10.55
C LEU B 583 -8.89 17.03 9.85
N ARG B 584 -9.20 15.90 10.50
CA ARG B 584 -9.99 14.82 9.86
C ARG B 584 -11.44 14.84 10.36
N ALA B 585 -12.39 14.72 9.42
CA ALA B 585 -13.83 14.67 9.78
C ALA B 585 -14.49 13.53 9.02
N ALA B 586 -14.66 12.37 9.66
CA ALA B 586 -15.37 11.23 9.02
C ALA B 586 -16.85 11.36 9.32
N VAL B 587 -17.63 11.84 8.36
CA VAL B 587 -19.07 12.09 8.66
C VAL B 587 -19.86 10.77 8.60
N MET B 588 -20.10 10.16 9.76
CA MET B 588 -20.89 8.91 9.82
C MET B 588 -22.28 9.24 10.34
N THR B 589 -22.48 10.48 10.79
CA THR B 589 -23.81 10.90 11.30
C THR B 589 -24.84 10.83 10.19
N PRO B 590 -26.05 10.22 10.38
CA PRO B 590 -27.07 10.23 9.34
C PRO B 590 -28.10 11.36 9.45
N TYR B 591 -27.88 12.33 10.34
CA TYR B 591 -28.90 13.38 10.59
C TYR B 591 -28.62 14.66 9.80
N MET B 592 -27.43 14.82 9.24
CA MET B 592 -27.07 16.09 8.56
C MET B 592 -27.20 15.95 7.05
N ASN B 593 -27.95 14.96 6.60
CA ASN B 593 -28.20 14.75 5.15
C ASN B 593 -29.16 15.82 4.65
N ASP B 594 -29.97 16.37 5.54
CA ASP B 594 -30.94 17.43 5.15
C ASP B 594 -30.26 18.79 5.28
N LYS B 595 -30.20 19.54 4.19
CA LYS B 595 -29.61 20.90 4.24
C LYS B 595 -30.30 21.68 5.37
N GLU B 596 -31.61 21.54 5.47
CA GLU B 596 -32.38 22.30 6.49
C GLU B 596 -31.77 22.09 7.87
N GLU B 597 -31.55 20.83 8.28
CA GLU B 597 -31.07 20.53 9.64
C GLU B 597 -29.57 20.83 9.74
N PHE B 598 -28.86 20.72 8.62
CA PHE B 598 -27.41 21.07 8.62
C PHE B 598 -27.31 22.54 8.97
N ASP B 599 -28.25 23.33 8.46
CA ASP B 599 -28.20 24.81 8.64
C ASP B 599 -28.62 25.17 10.06
N VAL B 600 -28.96 24.19 10.87
CA VAL B 600 -29.28 24.49 12.29
C VAL B 600 -28.00 24.30 13.08
N TYR B 601 -27.20 23.31 12.70
CA TYR B 601 -25.97 23.00 13.49
C TYR B 601 -24.75 23.68 12.86
N ALA B 602 -24.92 24.35 11.73
CA ALA B 602 -23.80 25.07 11.09
C ALA B 602 -23.47 26.35 11.87
N PRO B 603 -24.43 27.22 12.28
CA PRO B 603 -24.08 28.36 13.12
C PRO B 603 -23.45 27.88 14.42
N LYS B 604 -23.85 26.70 14.89
CA LYS B 604 -23.29 26.16 16.15
C LYS B 604 -21.82 25.85 15.93
N ILE B 605 -21.46 25.33 14.74
CA ILE B 605 -20.05 24.99 14.42
C ILE B 605 -19.24 26.28 14.31
N GLN B 606 -19.76 27.25 13.56
CA GLN B 606 -19.04 28.54 13.40
C GLN B 606 -18.77 29.07 14.79
N ALA B 607 -19.82 29.22 15.59
CA ALA B 607 -19.67 29.83 16.92
C ALA B 607 -18.68 29.05 17.78
N ALA B 608 -18.73 27.72 17.72
CA ALA B 608 -17.83 26.89 18.54
C ALA B 608 -16.38 27.06 18.07
N LEU B 609 -16.17 27.51 16.84
CA LEU B 609 -14.78 27.57 16.32
C LEU B 609 -14.21 28.96 16.54
N GLN B 610 -15.06 29.99 16.48
CA GLN B 610 -14.60 31.37 16.77
C GLN B 610 -14.12 31.38 18.22
N GLU B 611 -14.82 30.67 19.10
CA GLU B 611 -14.48 30.70 20.54
C GLU B 611 -13.17 29.95 20.79
N LYS B 612 -12.91 28.89 20.03
CA LYS B 612 -11.70 28.07 20.26
C LYS B 612 -10.51 28.83 19.67
N LEU B 613 -10.72 29.51 18.55
CA LEU B 613 -9.63 30.25 17.87
C LEU B 613 -9.30 31.48 18.72
N GLU B 614 -10.31 32.23 19.15
CA GLU B 614 -10.09 33.41 20.01
C GLU B 614 -9.28 32.98 21.23
N GLN B 615 -9.39 31.71 21.62
CA GLN B 615 -8.70 31.22 22.85
C GLN B 615 -7.23 30.99 22.53
N ILE B 616 -6.92 30.44 21.36
CA ILE B 616 -5.51 30.24 20.93
C ILE B 616 -4.92 31.61 20.66
N TYR B 617 -5.71 32.52 20.12
CA TYR B 617 -5.17 33.85 19.72
C TYR B 617 -5.38 34.92 20.79
N ASP B 618 -5.58 34.52 22.05
CA ASP B 618 -5.65 35.53 23.14
C ASP B 618 -5.05 34.92 24.41
N GLU C 4 -20.50 0.10 57.80
CA GLU C 4 -19.93 -1.27 57.78
C GLU C 4 -19.91 -1.77 56.33
N LYS C 5 -18.92 -2.59 55.99
CA LYS C 5 -18.81 -3.12 54.61
C LYS C 5 -18.63 -4.63 54.66
N LEU C 6 -18.10 -5.23 53.59
CA LEU C 6 -17.99 -6.70 53.51
C LEU C 6 -16.84 -7.20 54.37
N ALA C 7 -17.09 -8.24 55.15
CA ALA C 7 -16.05 -8.83 56.03
C ALA C 7 -15.45 -10.04 55.35
N LYS C 8 -14.54 -10.71 56.03
CA LYS C 8 -13.92 -11.94 55.47
C LYS C 8 -15.01 -13.00 55.31
N GLY C 9 -15.32 -13.38 54.08
CA GLY C 9 -16.28 -14.47 53.83
C GLY C 9 -17.72 -14.01 53.85
N GLU C 10 -17.95 -12.73 53.62
CA GLU C 10 -19.33 -12.21 53.58
C GLU C 10 -19.83 -12.15 52.14
N MET C 11 -18.94 -11.95 51.18
CA MET C 11 -19.34 -11.82 49.74
C MET C 11 -20.30 -12.93 49.36
N ASN C 12 -21.55 -12.58 49.07
CA ASN C 12 -22.52 -13.59 48.61
C ASN C 12 -22.41 -13.68 47.10
N LEU C 13 -22.00 -14.84 46.61
CA LEU C 13 -21.83 -15.03 45.16
C LEU C 13 -23.20 -15.27 44.54
N ASN C 14 -24.24 -15.34 45.37
CA ASN C 14 -25.61 -15.61 44.89
C ASN C 14 -26.27 -14.30 44.52
N ALA C 15 -25.53 -13.20 44.64
CA ALA C 15 -26.06 -11.87 44.25
C ALA C 15 -25.32 -11.43 43.00
N LEU C 16 -24.41 -12.25 42.50
CA LEU C 16 -23.57 -11.80 41.36
C LEU C 16 -23.90 -12.58 40.09
N PHE C 17 -25.04 -13.25 40.06
CA PHE C 17 -25.48 -14.01 38.87
C PHE C 17 -26.99 -13.86 38.73
N ILE C 18 -27.48 -13.57 37.53
CA ILE C 18 -28.94 -13.40 37.29
C ILE C 18 -29.68 -14.65 37.80
N GLY C 19 -29.03 -15.80 37.74
CA GLY C 19 -29.64 -17.00 38.34
C GLY C 19 -29.89 -18.13 37.38
N ASP C 20 -29.91 -19.35 37.89
CA ASP C 20 -30.21 -20.55 37.08
C ASP C 20 -31.69 -20.58 36.76
N LYS C 21 -32.51 -19.98 37.61
CA LYS C 21 -33.97 -19.94 37.42
C LYS C 21 -34.39 -18.48 37.51
N ALA C 22 -33.54 -17.56 37.04
CA ALA C 22 -33.85 -16.11 37.00
C ALA C 22 -34.28 -15.61 38.37
N GLU C 23 -33.53 -15.97 39.40
CA GLU C 23 -33.88 -15.58 40.77
C GLU C 23 -33.57 -14.11 40.97
N ASN C 24 -32.44 -13.65 40.43
CA ASN C 24 -32.03 -12.22 40.57
C ASN C 24 -32.23 -11.52 39.23
N GLY C 25 -33.36 -11.76 38.58
CA GLY C 25 -33.61 -11.18 37.25
C GLY C 25 -34.15 -9.77 37.34
N GLN C 26 -34.93 -9.47 38.37
CA GLN C 26 -35.43 -8.09 38.57
C GLN C 26 -34.26 -7.19 38.96
N LEU C 27 -33.34 -7.68 39.77
CA LEU C 27 -32.12 -6.92 40.14
C LEU C 27 -31.39 -6.56 38.85
N TYR C 28 -31.21 -7.55 37.98
CA TYR C 28 -30.52 -7.31 36.69
C TYR C 28 -31.29 -6.24 35.92
N LYS C 29 -32.59 -6.43 35.77
CA LYS C 29 -33.39 -5.51 34.94
C LYS C 29 -33.35 -4.11 35.54
N ASP C 30 -33.55 -3.99 36.84
CA ASP C 30 -33.61 -2.67 37.50
C ASP C 30 -32.27 -1.95 37.37
N LEU C 31 -31.17 -2.67 37.57
CA LEU C 31 -29.82 -2.07 37.50
C LEU C 31 -29.48 -1.78 36.04
N LEU C 32 -29.99 -2.58 35.11
CA LEU C 32 -29.72 -2.37 33.67
C LEU C 32 -30.37 -1.07 33.26
N ILE C 33 -31.63 -0.89 33.62
CA ILE C 33 -32.39 0.31 33.21
C ILE C 33 -31.78 1.53 33.89
N ASP C 34 -31.30 1.38 35.11
CA ASP C 34 -30.75 2.52 35.87
C ASP C 34 -29.46 2.95 35.21
N LEU C 35 -28.67 1.98 34.75
CA LEU C 35 -27.44 2.31 34.02
C LEU C 35 -27.81 2.92 32.67
N VAL C 36 -28.71 2.28 31.93
CA VAL C 36 -29.15 2.85 30.62
C VAL C 36 -29.65 4.27 30.85
N ASP C 37 -30.33 4.51 31.95
CA ASP C 37 -30.94 5.85 32.20
C ASP C 37 -29.85 6.86 32.51
N GLU C 38 -28.79 6.43 33.19
CA GLU C 38 -27.66 7.34 33.51
C GLU C 38 -26.96 7.72 32.22
N HIS C 39 -26.89 6.80 31.25
CA HIS C 39 -26.27 7.09 29.94
C HIS C 39 -27.16 8.03 29.13
N LEU C 40 -28.46 7.83 29.16
CA LEU C 40 -29.36 8.64 28.31
C LEU C 40 -29.38 10.06 28.85
N GLY C 41 -29.12 10.23 30.13
CA GLY C 41 -29.05 11.58 30.73
C GLY C 41 -27.73 12.22 30.40
N TRP C 42 -26.69 11.41 30.22
CA TRP C 42 -25.37 11.95 29.80
C TRP C 42 -25.52 12.47 28.37
N ARG C 43 -26.29 11.78 27.55
CA ARG C 43 -26.43 12.15 26.13
C ARG C 43 -27.20 13.46 26.04
N GLN C 44 -28.25 13.57 26.84
CA GLN C 44 -29.15 14.75 26.78
C GLN C 44 -28.48 15.98 27.37
N ASN C 45 -27.51 15.79 28.25
CA ASN C 45 -26.92 16.96 28.93
C ASN C 45 -25.62 17.34 28.24
N TYR C 46 -25.39 16.80 27.05
CA TYR C 46 -24.25 17.26 26.22
C TYR C 46 -24.86 18.31 25.32
N MET C 47 -24.34 19.54 25.39
CA MET C 47 -24.93 20.67 24.65
C MET C 47 -26.44 20.62 24.84
N PRO C 48 -27.00 20.83 26.07
CA PRO C 48 -28.43 20.67 26.29
C PRO C 48 -29.23 21.75 25.56
N GLN C 49 -28.52 22.76 25.07
CA GLN C 49 -29.17 23.87 24.32
C GLN C 49 -29.66 23.28 23.01
N ASP C 50 -29.09 22.16 22.61
CA ASP C 50 -29.48 21.50 21.35
C ASP C 50 -30.86 20.91 21.52
N MET C 51 -31.80 21.29 20.66
CA MET C 51 -33.15 20.69 20.72
C MET C 51 -33.12 19.37 19.97
N PRO C 52 -33.87 18.30 20.38
CA PRO C 52 -33.94 17.05 19.62
C PRO C 52 -34.10 17.14 18.09
N VAL C 53 -33.32 16.35 17.36
CA VAL C 53 -33.42 16.30 15.87
C VAL C 53 -34.62 15.45 15.51
N ILE C 54 -34.72 14.27 16.12
CA ILE C 54 -35.89 13.37 15.89
C ILE C 54 -37.08 14.02 16.60
N SER C 55 -38.12 14.37 15.85
CA SER C 55 -39.25 15.13 16.43
C SER C 55 -40.34 14.24 17.01
N SER C 56 -41.25 14.85 17.75
CA SER C 56 -42.39 14.10 18.35
C SER C 56 -43.28 13.60 17.23
N GLN C 57 -43.49 14.42 16.21
CA GLN C 57 -44.37 14.05 15.09
C GLN C 57 -43.73 12.93 14.28
N GLU C 58 -42.40 12.93 14.19
CA GLU C 58 -41.69 11.90 13.42
C GLU C 58 -41.87 10.57 14.14
N ARG C 59 -41.83 10.60 15.46
CA ARG C 59 -41.91 9.36 16.26
C ARG C 59 -43.34 8.80 16.26
N THR C 60 -44.26 9.46 15.57
CA THR C 60 -45.67 9.01 15.53
C THR C 60 -46.06 8.92 14.06
N SER C 61 -45.06 8.94 13.19
CA SER C 61 -45.31 8.87 11.72
C SER C 61 -45.50 7.42 11.30
N LYS C 62 -46.07 7.21 10.14
CA LYS C 62 -46.38 5.84 9.68
C LYS C 62 -45.08 5.17 9.23
N SER C 63 -44.18 5.92 8.63
CA SER C 63 -42.87 5.37 8.24
C SER C 63 -42.16 4.87 9.49
N TYR C 64 -42.15 5.67 10.54
CA TYR C 64 -41.49 5.29 11.81
C TYR C 64 -42.11 4.00 12.34
N GLU C 65 -43.42 3.94 12.45
CA GLU C 65 -44.09 2.76 13.05
C GLU C 65 -43.79 1.53 12.22
N LYS C 66 -43.81 1.68 10.90
CA LYS C 66 -43.63 0.51 10.03
C LYS C 66 -42.18 0.07 10.13
N THR C 67 -41.27 1.00 10.41
CA THR C 67 -39.84 0.66 10.57
C THR C 67 -39.62 0.01 11.94
N VAL C 68 -40.33 0.46 12.95
CA VAL C 68 -40.21 -0.11 14.32
C VAL C 68 -40.75 -1.53 14.29
N ASN C 69 -41.82 -1.76 13.55
CA ASN C 69 -42.45 -3.09 13.55
C ASN C 69 -41.56 -4.09 12.80
N HIS C 70 -40.79 -3.61 11.82
CA HIS C 70 -39.86 -4.48 11.07
C HIS C 70 -38.71 -4.87 11.99
N MET C 71 -38.18 -3.93 12.78
CA MET C 71 -37.12 -4.23 13.76
C MET C 71 -37.67 -5.23 14.75
N LYS C 72 -38.88 -5.01 15.24
CA LYS C 72 -39.54 -5.94 16.18
C LYS C 72 -39.62 -7.32 15.54
N ASP C 73 -39.99 -7.38 14.27
CA ASP C 73 -40.10 -8.66 13.53
C ASP C 73 -38.74 -9.35 13.48
N VAL C 74 -37.69 -8.61 13.14
CA VAL C 74 -36.33 -9.22 13.01
C VAL C 74 -35.89 -9.69 14.38
N LEU C 75 -36.15 -8.91 15.42
CA LEU C 75 -35.71 -9.26 16.80
C LEU C 75 -36.54 -10.43 17.32
N ASN C 76 -37.78 -10.57 16.87
CA ASN C 76 -38.63 -11.72 17.25
C ASN C 76 -38.12 -12.97 16.53
N GLU C 77 -37.56 -12.80 15.34
CA GLU C 77 -36.95 -13.95 14.66
C GLU C 77 -35.69 -14.36 15.41
N ILE C 78 -34.92 -13.38 15.85
CA ILE C 78 -33.71 -13.69 16.66
C ILE C 78 -34.16 -14.40 17.93
N SER C 79 -35.21 -13.90 18.57
CA SER C 79 -35.71 -14.53 19.81
C SER C 79 -36.00 -16.01 19.60
N SER C 80 -36.79 -16.37 18.59
CA SER C 80 -37.19 -17.78 18.40
C SER C 80 -35.95 -18.63 18.13
N ARG C 81 -35.07 -18.16 17.27
CA ARG C 81 -33.88 -18.95 16.89
C ARG C 81 -33.02 -19.21 18.11
N MET C 82 -32.88 -18.24 19.00
CA MET C 82 -32.01 -18.39 20.19
C MET C 82 -32.73 -19.21 21.25
N ARG C 83 -34.04 -19.26 21.20
CA ARG C 83 -34.80 -19.97 22.25
C ARG C 83 -35.16 -21.36 21.74
N THR C 84 -34.80 -21.68 20.50
CA THR C 84 -35.06 -23.02 19.93
C THR C 84 -33.75 -23.80 19.92
N HIS C 85 -32.70 -23.24 19.34
CA HIS C 85 -31.43 -24.01 19.19
C HIS C 85 -30.33 -23.44 20.07
N SER C 86 -30.52 -23.41 21.38
CA SER C 86 -29.43 -22.97 22.29
C SER C 86 -29.22 -24.01 23.38
N VAL C 87 -28.30 -23.75 24.30
CA VAL C 87 -27.94 -24.79 25.33
C VAL C 87 -28.12 -24.20 26.73
N PRO C 88 -28.80 -24.91 27.66
CA PRO C 88 -29.09 -24.36 28.97
C PRO C 88 -28.04 -24.60 30.06
N TRP C 89 -26.88 -23.94 29.94
CA TRP C 89 -25.79 -24.09 30.94
C TRP C 89 -26.00 -23.10 32.07
N HIS C 90 -27.19 -22.50 32.12
CA HIS C 90 -27.55 -21.59 33.22
C HIS C 90 -27.88 -22.46 34.45
N THR C 91 -28.31 -23.70 34.22
CA THR C 91 -28.70 -24.62 35.33
C THR C 91 -27.51 -24.93 36.22
N ALA C 92 -27.80 -25.31 37.46
CA ALA C 92 -26.73 -25.71 38.39
C ALA C 92 -26.33 -27.17 38.20
N GLY C 93 -27.12 -28.12 38.70
CA GLY C 93 -26.68 -29.52 38.69
C GLY C 93 -27.25 -30.39 37.60
N ARG C 94 -27.21 -29.93 36.36
CA ARG C 94 -27.67 -30.76 35.22
C ARG C 94 -26.66 -30.62 34.08
N TYR C 95 -26.05 -29.45 33.93
CA TYR C 95 -24.99 -29.28 32.91
C TYR C 95 -23.65 -29.65 33.52
N TRP C 96 -22.99 -30.64 32.93
CA TRP C 96 -21.63 -31.05 33.40
C TRP C 96 -20.77 -31.28 32.15
N GLY C 97 -20.40 -30.23 31.43
CA GLY C 97 -19.65 -30.43 30.18
C GLY C 97 -18.62 -29.35 29.84
N HIS C 98 -18.97 -28.43 28.94
CA HIS C 98 -17.99 -27.45 28.44
C HIS C 98 -17.72 -26.30 29.39
N MET C 99 -16.65 -25.55 29.12
CA MET C 99 -16.23 -24.44 30.01
C MET C 99 -17.15 -23.24 29.82
N ASN C 100 -18.37 -23.34 30.36
CA ASN C 100 -19.37 -22.28 30.15
C ASN C 100 -20.47 -22.44 31.19
N SER C 101 -20.51 -21.54 32.17
CA SER C 101 -21.62 -21.53 33.15
C SER C 101 -22.32 -20.19 33.01
N GLU C 102 -22.70 -19.60 34.13
CA GLU C 102 -23.29 -18.25 34.02
C GLU C 102 -22.18 -17.23 34.06
N THR C 103 -22.45 -16.07 33.48
CA THR C 103 -21.47 -14.99 33.50
C THR C 103 -21.84 -14.05 34.64
N LEU C 104 -20.86 -13.32 35.14
CA LEU C 104 -21.10 -12.41 36.28
C LEU C 104 -22.03 -11.28 35.89
N MET C 105 -23.14 -11.13 36.61
CA MET C 105 -24.08 -10.01 36.38
C MET C 105 -23.32 -8.69 36.36
N PRO C 106 -22.39 -8.34 37.28
CA PRO C 106 -21.63 -7.09 37.17
C PRO C 106 -21.02 -6.85 35.78
N SER C 107 -20.42 -7.87 35.18
CA SER C 107 -19.78 -7.76 33.86
C SER C 107 -20.81 -7.60 32.74
N LEU C 108 -21.93 -8.32 32.79
CA LEU C 108 -22.99 -8.21 31.76
C LEU C 108 -23.57 -6.81 31.82
N LEU C 109 -23.70 -6.26 33.00
CA LEU C 109 -24.33 -4.92 33.18
C LEU C 109 -23.37 -3.86 32.69
N ALA C 110 -22.09 -4.05 32.94
CA ALA C 110 -21.07 -3.05 32.56
C ALA C 110 -20.82 -3.06 31.07
N TYR C 111 -20.88 -4.22 30.43
CA TYR C 111 -20.76 -4.24 28.96
C TYR C 111 -21.92 -3.50 28.32
N ASN C 112 -23.16 -3.84 28.65
CA ASN C 112 -24.30 -3.20 27.95
C ASN C 112 -24.27 -1.70 28.19
N PHE C 113 -23.81 -1.27 29.35
CA PHE C 113 -23.73 0.16 29.70
C PHE C 113 -22.70 0.81 28.79
N ALA C 114 -21.55 0.17 28.67
CA ALA C 114 -20.44 0.78 27.92
C ALA C 114 -20.64 0.71 26.41
N MET C 115 -21.37 -0.28 25.92
CA MET C 115 -21.60 -0.46 24.47
C MET C 115 -22.39 0.74 23.98
N LEU C 116 -23.08 1.42 24.87
CA LEU C 116 -23.94 2.56 24.47
C LEU C 116 -23.05 3.74 24.12
N TRP C 117 -21.79 3.70 24.54
CA TRP C 117 -20.82 4.74 24.16
C TRP C 117 -20.03 4.22 22.95
N ASN C 118 -19.94 2.90 22.78
CA ASN C 118 -19.17 2.28 21.68
C ASN C 118 -17.78 2.88 21.57
N GLY C 119 -16.97 2.71 22.60
CA GLY C 119 -15.60 3.24 22.58
C GLY C 119 -14.62 2.26 21.99
N ASN C 120 -13.57 2.76 21.35
CA ASN C 120 -12.49 1.91 20.79
C ASN C 120 -11.28 2.05 21.69
N ASN C 121 -10.73 0.94 22.16
CA ASN C 121 -9.62 0.98 23.14
C ASN C 121 -8.28 0.94 22.40
N VAL C 122 -8.31 0.93 21.07
CA VAL C 122 -7.06 0.93 20.27
C VAL C 122 -6.39 2.29 20.45
N ALA C 123 -7.16 3.26 20.95
CA ALA C 123 -6.65 4.63 21.10
C ALA C 123 -7.34 5.33 22.27
N TYR C 124 -6.56 5.97 23.15
CA TYR C 124 -7.12 6.63 24.36
C TYR C 124 -8.12 7.69 23.94
N GLU C 125 -7.87 8.35 22.82
CA GLU C 125 -8.71 9.49 22.42
C GLU C 125 -10.17 9.06 22.26
N SER C 126 -10.41 7.83 21.83
CA SER C 126 -11.79 7.39 21.55
C SER C 126 -12.58 7.30 22.85
N SER C 127 -12.04 6.55 23.81
CA SER C 127 -12.70 6.46 25.12
C SER C 127 -11.64 6.46 26.21
N PRO C 128 -11.21 7.65 26.72
CA PRO C 128 -10.24 7.70 27.81
C PRO C 128 -10.60 6.80 28.99
N ALA C 129 -11.87 6.74 29.34
CA ALA C 129 -12.32 5.97 30.51
C ALA C 129 -12.09 4.47 30.35
N THR C 130 -12.46 3.92 29.21
CA THR C 130 -12.34 2.46 28.98
C THR C 130 -10.86 2.08 28.80
N SER C 131 -10.06 3.01 28.29
CA SER C 131 -8.60 2.75 28.10
C SER C 131 -7.92 2.69 29.46
N GLN C 132 -8.27 3.59 30.36
CA GLN C 132 -7.69 3.56 31.73
C GLN C 132 -8.14 2.28 32.41
N MET C 133 -9.34 1.82 32.08
CA MET C 133 -9.89 0.61 32.73
C MET C 133 -9.10 -0.61 32.26
N GLU C 134 -8.74 -0.67 30.97
CA GLU C 134 -7.92 -1.79 30.43
C GLU C 134 -6.52 -1.73 31.04
N GLU C 135 -5.97 -0.53 31.17
CA GLU C 135 -4.61 -0.38 31.73
C GLU C 135 -4.60 -0.94 33.15
N GLU C 136 -5.62 -0.60 33.93
CA GLU C 136 -5.68 -1.09 35.32
C GLU C 136 -5.81 -2.62 35.27
N VAL C 137 -6.60 -3.13 34.34
CA VAL C 137 -6.84 -4.60 34.24
C VAL C 137 -5.51 -5.31 33.98
N GLY C 138 -4.64 -4.69 33.19
CA GLY C 138 -3.33 -5.29 32.89
C GLY C 138 -2.45 -5.35 34.11
N HIS C 139 -2.54 -4.35 34.98
CA HIS C 139 -1.77 -4.38 36.23
C HIS C 139 -2.43 -5.39 37.16
N GLU C 140 -3.74 -5.56 37.01
CA GLU C 140 -4.49 -6.52 37.85
C GLU C 140 -4.09 -7.93 37.40
N PHE C 141 -3.93 -8.13 36.10
CA PHE C 141 -3.50 -9.44 35.55
C PHE C 141 -2.08 -9.72 36.00
N ALA C 142 -1.24 -8.69 36.00
CA ALA C 142 0.18 -8.83 36.39
C ALA C 142 0.30 -9.14 37.88
N HIS C 143 -0.48 -8.45 38.69
CA HIS C 143 -0.46 -8.70 40.15
C HIS C 143 -1.07 -10.08 40.41
N LEU C 144 -2.04 -10.50 39.60
CA LEU C 144 -2.59 -11.87 39.76
C LEU C 144 -1.43 -12.82 39.53
N MET C 145 -0.56 -12.51 38.58
CA MET C 145 0.54 -13.43 38.21
C MET C 145 1.77 -13.15 39.07
N SER C 146 1.65 -12.31 40.10
CA SER C 146 2.75 -11.97 41.06
C SER C 146 3.92 -11.31 40.35
N TYR C 147 3.70 -10.85 39.13
CA TYR C 147 4.76 -10.11 38.43
C TYR C 147 4.95 -8.78 39.17
N LYS C 148 6.20 -8.35 39.33
CA LYS C 148 6.51 -7.12 40.10
C LYS C 148 6.51 -5.90 39.19
N ASN C 149 7.11 -6.01 38.00
CA ASN C 149 7.05 -4.89 37.03
C ASN C 149 6.46 -5.44 35.74
N GLY C 150 5.21 -5.87 35.78
CA GLY C 150 4.60 -6.50 34.61
C GLY C 150 3.55 -5.64 33.94
N TRP C 151 2.97 -6.15 32.86
CA TRP C 151 1.87 -5.44 32.16
C TRP C 151 0.93 -6.50 31.62
N GLY C 152 -0.14 -6.06 31.00
CA GLY C 152 -1.09 -6.98 30.38
C GLY C 152 -2.10 -6.22 29.56
N HIS C 153 -2.88 -6.93 28.76
CA HIS C 153 -3.96 -6.28 28.00
C HIS C 153 -5.01 -7.34 27.69
N ILE C 154 -6.21 -6.91 27.33
CA ILE C 154 -7.30 -7.86 26.99
C ILE C 154 -7.09 -8.26 25.54
N VAL C 155 -7.05 -9.55 25.25
CA VAL C 155 -6.93 -10.01 23.86
C VAL C 155 -8.30 -10.51 23.45
N ALA C 156 -8.58 -10.60 22.16
CA ALA C 156 -9.94 -10.96 21.71
C ALA C 156 -10.25 -12.36 22.18
N ASP C 157 -9.24 -13.23 22.14
CA ASP C 157 -9.39 -14.61 22.64
C ASP C 157 -8.01 -15.08 23.08
N GLY C 158 -7.93 -16.28 23.62
CA GLY C 158 -6.65 -16.80 24.11
C GLY C 158 -5.85 -17.37 22.98
N SER C 159 -6.51 -17.63 21.86
CA SER C 159 -5.80 -18.13 20.67
C SER C 159 -4.93 -17.01 20.16
N LEU C 160 -5.49 -15.81 20.09
CA LEU C 160 -4.74 -14.66 19.54
C LEU C 160 -3.80 -14.17 20.62
N ALA C 161 -4.04 -14.59 21.85
CA ALA C 161 -3.13 -14.24 22.96
C ALA C 161 -1.98 -15.21 22.93
N ASN C 162 -2.27 -16.48 22.66
CA ASN C 162 -1.22 -17.51 22.55
C ASN C 162 -0.31 -17.09 21.40
N LEU C 163 -0.87 -16.59 20.31
CA LEU C 163 -0.09 -16.16 19.14
C LEU C 163 0.71 -14.91 19.49
N GLU C 164 0.17 -14.05 20.34
CA GLU C 164 0.93 -12.85 20.76
C GLU C 164 2.11 -13.30 21.61
N GLY C 165 1.94 -14.38 22.36
CA GLY C 165 3.05 -14.91 23.17
C GLY C 165 4.11 -15.48 22.26
N LEU C 166 3.70 -16.12 21.18
CA LEU C 166 4.68 -16.65 20.18
C LEU C 166 5.34 -15.45 19.52
N TRP C 167 4.58 -14.41 19.20
CA TRP C 167 5.17 -13.18 18.62
C TRP C 167 6.26 -12.71 19.57
N TYR C 168 5.93 -12.58 20.85
CA TYR C 168 6.89 -12.05 21.84
C TYR C 168 8.15 -12.89 21.82
N ALA C 169 7.99 -14.20 21.76
CA ALA C 169 9.16 -15.09 21.84
C ALA C 169 9.95 -15.09 20.54
N ARG C 170 9.26 -15.22 19.40
CA ARG C 170 9.91 -15.22 18.06
C ARG C 170 10.85 -14.04 18.05
N ASN C 171 10.27 -12.88 18.29
CA ASN C 171 11.08 -11.66 18.25
C ASN C 171 12.15 -11.80 19.33
N ILE C 172 11.82 -12.31 20.52
CA ILE C 172 12.79 -12.38 21.66
C ILE C 172 14.03 -13.23 21.37
N LYS C 173 13.88 -14.38 20.71
CA LYS C 173 15.07 -15.23 20.50
C LYS C 173 15.88 -14.66 19.35
N SER C 174 15.26 -13.76 18.57
CA SER C 174 15.94 -13.17 17.40
C SER C 174 16.64 -11.89 17.83
N LEU C 175 16.16 -11.29 18.92
CA LEU C 175 16.71 -9.98 19.35
C LEU C 175 18.24 -10.07 19.47
N PRO C 176 18.85 -11.06 20.19
CA PRO C 176 20.30 -11.22 20.21
C PRO C 176 20.99 -11.07 18.85
N PHE C 177 20.78 -12.02 17.92
CA PHE C 177 21.46 -12.00 16.60
C PHE C 177 21.40 -10.61 15.99
N ALA C 178 20.27 -9.93 16.14
CA ALA C 178 20.10 -8.59 15.56
C ALA C 178 21.09 -7.63 16.18
N MET C 179 21.34 -7.76 17.48
CA MET C 179 22.21 -6.78 18.16
C MET C 179 23.64 -6.93 17.63
N LYS C 180 24.00 -8.14 17.22
CA LYS C 180 25.35 -8.41 16.64
C LYS C 180 25.44 -7.65 15.32
N GLU C 181 24.30 -7.24 14.79
CA GLU C 181 24.30 -6.58 13.46
C GLU C 181 24.11 -5.08 13.65
N VAL C 182 23.91 -4.60 14.87
CA VAL C 182 23.63 -3.15 15.00
C VAL C 182 24.72 -2.54 15.87
N LYS C 183 24.89 -3.05 17.07
CA LYS C 183 26.01 -2.60 17.91
C LYS C 183 26.53 -3.85 18.61
N PRO C 184 27.41 -4.68 18.00
CA PRO C 184 27.79 -5.94 18.62
C PRO C 184 28.45 -5.72 19.97
N GLU C 185 28.76 -4.47 20.31
CA GLU C 185 29.48 -4.18 21.57
C GLU C 185 28.71 -4.77 22.76
N LEU C 186 27.39 -4.80 22.71
CA LEU C 186 26.65 -5.28 23.91
C LEU C 186 26.58 -6.80 23.93
N VAL C 187 26.82 -7.43 22.78
CA VAL C 187 26.78 -8.92 22.70
C VAL C 187 28.19 -9.38 22.36
N ALA C 188 29.17 -8.50 22.60
CA ALA C 188 30.57 -8.76 22.25
C ALA C 188 31.10 -10.10 22.75
N GLY C 189 31.85 -10.80 21.91
CA GLY C 189 32.50 -12.05 22.34
C GLY C 189 31.48 -13.07 22.76
N LYS C 190 30.39 -13.17 22.01
CA LYS C 190 29.38 -14.22 22.30
C LYS C 190 29.20 -15.10 21.07
N SER C 191 29.39 -16.40 21.25
CA SER C 191 29.20 -17.35 20.12
C SER C 191 27.72 -17.35 19.71
N ASP C 192 27.44 -17.86 18.52
CA ASP C 192 26.04 -17.87 18.02
C ASP C 192 25.20 -18.66 19.01
N TRP C 193 25.67 -19.83 19.44
CA TRP C 193 24.91 -20.68 20.40
C TRP C 193 24.66 -19.87 21.66
N GLU C 194 25.66 -19.07 22.05
CA GLU C 194 25.52 -18.24 23.28
C GLU C 194 24.38 -17.25 23.03
N LEU C 195 24.32 -16.67 21.83
CA LEU C 195 23.30 -15.63 21.54
C LEU C 195 21.94 -16.29 21.62
N LEU C 196 21.80 -17.43 20.96
CA LEU C 196 20.50 -18.12 20.88
C LEU C 196 20.22 -18.84 22.19
N ASN C 197 20.91 -18.48 23.27
CA ASN C 197 20.60 -19.08 24.59
C ASN C 197 20.81 -18.04 25.68
N MET C 198 20.64 -16.77 25.35
CA MET C 198 20.75 -15.73 26.40
C MET C 198 19.40 -15.64 27.13
N PRO C 199 19.34 -15.46 28.48
CA PRO C 199 18.05 -15.31 29.15
C PRO C 199 17.27 -14.05 28.75
N THR C 200 15.93 -14.15 28.74
CA THR C 200 15.08 -13.03 28.25
C THR C 200 15.42 -11.75 29.00
N LYS C 201 15.65 -11.85 30.31
CA LYS C 201 15.96 -10.66 31.12
C LYS C 201 17.22 -10.01 30.57
N GLU C 202 18.23 -10.83 30.24
CA GLU C 202 19.51 -10.26 29.76
C GLU C 202 19.26 -9.56 28.44
N ILE C 203 18.58 -10.25 27.53
CA ILE C 203 18.30 -9.68 26.17
C ILE C 203 17.66 -8.32 26.38
N MET C 204 16.75 -8.21 27.33
CA MET C 204 16.01 -6.94 27.50
C MET C 204 16.92 -5.93 28.17
N ASP C 205 17.63 -6.33 29.22
CA ASP C 205 18.47 -5.37 29.96
C ASP C 205 19.42 -4.74 28.94
N LEU C 206 19.86 -5.53 27.96
CA LEU C 206 20.79 -5.02 26.93
C LEU C 206 20.04 -4.16 25.90
N LEU C 207 18.84 -4.57 25.50
CA LEU C 207 18.09 -3.83 24.45
C LEU C 207 17.85 -2.44 24.97
N GLU C 208 17.48 -2.34 26.24
CA GLU C 208 17.11 -1.03 26.79
C GLU C 208 18.37 -0.15 26.86
N SER C 209 19.53 -0.77 27.10
CA SER C 209 20.80 0.00 27.23
C SER C 209 21.07 0.78 25.94
N ALA C 210 20.54 0.30 24.82
CA ALA C 210 20.79 0.93 23.51
C ALA C 210 19.64 1.87 23.17
N GLU C 211 19.41 2.88 23.99
CA GLU C 211 18.24 3.77 23.81
C GLU C 211 18.10 4.29 22.37
N ASP C 212 19.11 5.00 21.87
CA ASP C 212 18.99 5.65 20.54
C ASP C 212 19.10 4.68 19.37
N GLU C 213 19.25 3.38 19.64
CA GLU C 213 19.46 2.42 18.52
C GLU C 213 18.35 1.37 18.52
N ILE C 214 17.54 1.31 19.57
CA ILE C 214 16.52 0.21 19.72
C ILE C 214 15.69 -0.02 18.45
N ASP C 215 15.30 1.03 17.74
CA ASP C 215 14.40 0.83 16.59
C ASP C 215 15.09 0.03 15.48
N GLU C 216 16.39 0.24 15.31
CA GLU C 216 17.10 -0.46 14.21
C GLU C 216 17.38 -1.90 14.63
N ILE C 217 17.66 -2.12 15.91
CA ILE C 217 17.86 -3.51 16.39
C ILE C 217 16.57 -4.29 16.11
N LYS C 218 15.42 -3.60 16.20
CA LYS C 218 14.12 -4.26 15.98
C LYS C 218 13.94 -4.46 14.48
N ALA C 219 14.57 -3.59 13.69
CA ALA C 219 14.41 -3.69 12.23
C ALA C 219 15.20 -4.89 11.74
N HIS C 220 16.13 -5.37 12.56
CA HIS C 220 16.97 -6.51 12.15
C HIS C 220 16.46 -7.76 12.88
N SER C 221 15.38 -7.61 13.64
CA SER C 221 14.81 -8.77 14.35
C SER C 221 13.94 -9.58 13.40
N ALA C 222 13.25 -10.59 13.93
CA ALA C 222 12.40 -11.47 13.11
C ALA C 222 11.29 -10.66 12.49
N ARG C 223 11.22 -9.39 12.86
CA ARG C 223 10.17 -8.50 12.30
C ARG C 223 10.48 -8.26 10.83
N SER C 224 11.73 -8.49 10.42
CA SER C 224 12.16 -8.23 9.01
C SER C 224 11.88 -9.45 8.15
N GLY C 225 11.73 -10.63 8.77
CA GLY C 225 11.48 -11.86 8.01
C GLY C 225 12.70 -12.74 8.06
N LYS C 226 13.69 -12.37 8.87
CA LYS C 226 14.96 -13.14 8.84
C LYS C 226 15.14 -13.98 10.09
N HIS C 227 15.95 -15.03 10.01
CA HIS C 227 16.31 -15.90 11.17
C HIS C 227 15.10 -16.65 11.71
N LEU C 228 14.05 -16.81 10.91
CA LEU C 228 12.80 -17.42 11.43
C LEU C 228 12.95 -18.93 11.69
N GLN C 229 14.03 -19.53 11.19
CA GLN C 229 14.20 -21.00 11.32
C GLN C 229 15.41 -21.28 12.19
N ALA C 230 16.12 -20.23 12.57
CA ALA C 230 17.28 -20.38 13.46
C ALA C 230 16.83 -20.16 14.89
N ILE C 231 15.76 -19.37 15.06
CA ILE C 231 15.32 -18.99 16.42
C ILE C 231 15.03 -20.25 17.24
N GLY C 232 14.59 -21.31 16.60
CA GLY C 232 14.48 -22.54 17.39
C GLY C 232 13.17 -23.29 17.27
N LYS C 233 12.91 -24.16 18.24
CA LYS C 233 11.74 -25.04 18.18
C LYS C 233 10.74 -24.68 19.27
N TRP C 234 9.44 -24.74 18.93
CA TRP C 234 8.37 -24.47 19.92
C TRP C 234 7.98 -25.79 20.58
N LEU C 235 8.35 -25.95 21.84
CA LEU C 235 8.02 -27.18 22.57
C LEU C 235 6.67 -26.97 23.23
N VAL C 236 5.71 -27.81 22.90
CA VAL C 236 4.34 -27.65 23.43
C VAL C 236 3.92 -29.01 23.93
N PRO C 237 2.99 -29.10 24.89
CA PRO C 237 2.51 -30.39 25.33
C PRO C 237 1.81 -31.07 24.16
N GLN C 238 1.87 -32.40 24.08
CA GLN C 238 1.27 -33.14 22.95
C GLN C 238 -0.24 -33.00 23.01
N THR C 239 -0.80 -32.85 24.21
CA THR C 239 -2.25 -32.68 24.38
C THR C 239 -2.56 -31.19 24.25
N LYS C 240 -1.81 -30.49 23.41
CA LYS C 240 -1.96 -29.03 23.29
C LYS C 240 -3.21 -28.66 22.53
N HIS C 241 -3.51 -27.37 22.53
CA HIS C 241 -4.70 -26.88 21.81
C HIS C 241 -4.25 -26.46 20.42
N TYR C 242 -5.10 -26.66 19.43
CA TYR C 242 -4.74 -26.35 18.03
C TYR C 242 -4.32 -24.90 17.88
N SER C 243 -4.56 -24.08 18.90
CA SER C 243 -4.19 -22.65 18.87
C SER C 243 -2.68 -22.54 18.73
N TRP C 244 -1.96 -23.54 19.21
CA TRP C 244 -0.48 -23.49 19.19
C TRP C 244 0.07 -23.91 17.83
N LEU C 245 -0.53 -24.94 17.22
CA LEU C 245 -0.12 -25.34 15.85
C LEU C 245 -0.49 -24.19 14.92
N LYS C 246 -1.71 -23.68 15.05
CA LYS C 246 -2.13 -22.52 14.22
C LYS C 246 -1.11 -21.40 14.43
N ALA C 247 -0.77 -21.07 15.66
CA ALA C 247 0.12 -19.91 15.90
C ALA C 247 1.43 -20.06 15.15
N ALA C 248 2.01 -21.25 15.17
CA ALA C 248 3.30 -21.48 14.51
C ALA C 248 3.16 -21.12 13.03
N ASP C 249 2.18 -21.69 12.37
CA ASP C 249 1.86 -21.36 10.97
C ASP C 249 1.86 -19.85 10.80
N ILE C 250 0.99 -19.14 11.51
CA ILE C 250 0.81 -17.67 11.30
C ILE C 250 2.10 -16.90 11.60
N ILE C 251 2.78 -17.20 12.71
CA ILE C 251 3.99 -16.42 13.12
C ILE C 251 5.14 -16.69 12.15
N GLY C 252 5.08 -17.77 11.38
CA GLY C 252 6.08 -18.00 10.33
C GLY C 252 7.15 -19.00 10.68
N ILE C 253 7.23 -19.37 11.95
CA ILE C 253 8.22 -20.42 12.33
C ILE C 253 7.82 -21.69 11.61
N GLY C 254 6.52 -21.90 11.46
CA GLY C 254 6.04 -23.07 10.71
C GLY C 254 5.61 -24.22 11.59
N LEU C 255 4.80 -25.10 11.03
CA LEU C 255 4.27 -26.24 11.78
C LEU C 255 5.40 -27.24 11.96
N ASP C 256 6.44 -27.13 11.14
CA ASP C 256 7.52 -28.13 11.15
C ASP C 256 8.50 -27.83 12.30
N GLN C 257 8.37 -26.68 12.93
CA GLN C 257 9.31 -26.28 14.01
C GLN C 257 8.60 -26.41 15.36
N VAL C 258 7.62 -27.29 15.43
CA VAL C 258 6.86 -27.50 16.69
C VAL C 258 7.07 -28.95 17.11
N ILE C 259 7.54 -29.18 18.34
CA ILE C 259 7.83 -30.55 18.81
C ILE C 259 6.89 -30.90 19.96
N PRO C 260 6.08 -31.99 19.88
CA PRO C 260 5.26 -32.40 21.02
C PRO C 260 6.04 -33.08 22.15
N VAL C 261 5.95 -32.53 23.35
CA VAL C 261 6.62 -33.15 24.53
C VAL C 261 5.60 -34.08 25.17
N PRO C 262 5.88 -35.40 25.36
CA PRO C 262 4.90 -36.31 25.90
C PRO C 262 4.35 -35.99 27.30
N VAL C 263 3.20 -36.56 27.63
CA VAL C 263 2.54 -36.23 28.92
C VAL C 263 2.54 -37.47 29.81
N ASP C 264 2.33 -37.28 31.10
CA ASP C 264 2.38 -38.42 32.04
C ASP C 264 1.01 -39.06 32.13
N HIS C 265 0.84 -39.95 33.09
CA HIS C 265 -0.47 -40.62 33.28
C HIS C 265 -1.43 -39.64 33.94
N ASN C 266 -0.90 -38.51 34.42
CA ASN C 266 -1.76 -37.48 35.03
C ASN C 266 -1.99 -36.43 33.95
N TYR C 267 -1.57 -36.73 32.72
CA TYR C 267 -1.79 -35.85 31.55
C TYR C 267 -1.12 -34.50 31.71
N ARG C 268 -0.01 -34.45 32.46
CA ARG C 268 0.81 -33.23 32.58
C ARG C 268 2.15 -33.50 31.91
N MET C 269 2.79 -32.48 31.34
CA MET C 269 4.06 -32.68 30.58
C MET C 269 5.08 -33.47 31.41
N ASP C 270 5.70 -34.49 30.82
CA ASP C 270 6.79 -35.22 31.51
C ASP C 270 8.06 -34.35 31.39
N ILE C 271 8.48 -33.72 32.48
CA ILE C 271 9.66 -32.82 32.46
C ILE C 271 10.89 -33.67 32.19
N ASN C 272 10.76 -34.99 32.32
CA ASN C 272 11.89 -35.89 32.01
C ASN C 272 12.01 -36.00 30.49
N GLU C 273 10.90 -36.17 29.78
CA GLU C 273 10.93 -36.22 28.31
C GLU C 273 11.22 -34.82 27.78
N LEU C 274 11.06 -33.80 28.62
CA LEU C 274 11.44 -32.43 28.20
C LEU C 274 12.94 -32.38 28.22
N GLU C 275 13.54 -32.74 29.35
CA GLU C 275 15.02 -32.74 29.48
C GLU C 275 15.60 -33.47 28.28
N LYS C 276 15.13 -34.69 28.03
CA LYS C 276 15.64 -35.49 26.90
C LYS C 276 15.55 -34.68 25.60
N ILE C 277 14.36 -34.16 25.28
CA ILE C 277 14.16 -33.43 24.00
C ILE C 277 15.10 -32.22 24.00
N VAL C 278 15.01 -31.35 25.00
CA VAL C 278 15.83 -30.11 25.00
C VAL C 278 17.29 -30.48 24.84
N ARG C 279 17.78 -31.46 25.59
CA ARG C 279 19.22 -31.76 25.56
C ARG C 279 19.66 -32.32 24.20
N GLY C 280 18.77 -33.05 23.55
CA GLY C 280 19.10 -33.63 22.23
C GLY C 280 19.15 -32.54 21.20
N LEU C 281 18.17 -31.63 21.27
CA LEU C 281 18.16 -30.48 20.33
C LEU C 281 19.45 -29.71 20.60
N ALA C 282 19.87 -29.69 21.86
CA ALA C 282 21.05 -28.88 22.22
C ALA C 282 22.32 -29.52 21.69
N GLU C 283 22.38 -30.84 21.65
CA GLU C 283 23.56 -31.53 21.10
C GLU C 283 23.78 -31.04 19.68
N GLU C 284 22.71 -30.95 18.88
CA GLU C 284 22.85 -30.58 17.46
C GLU C 284 22.85 -29.06 17.34
N GLN C 285 23.15 -28.37 18.45
CA GLN C 285 23.14 -26.89 18.45
C GLN C 285 21.84 -26.36 17.84
N ILE C 286 20.72 -27.06 18.07
CA ILE C 286 19.39 -26.54 17.62
C ILE C 286 18.74 -25.88 18.84
N PRO C 287 18.38 -24.56 18.83
CA PRO C 287 17.86 -23.90 20.02
C PRO C 287 16.40 -24.20 20.35
N VAL C 288 15.96 -23.78 21.53
CA VAL C 288 14.53 -23.95 21.92
C VAL C 288 13.90 -22.57 21.95
N LEU C 289 13.12 -22.21 20.93
CA LEU C 289 12.43 -20.89 20.87
C LEU C 289 11.60 -20.72 22.12
N GLY C 290 11.09 -21.81 22.67
CA GLY C 290 10.36 -21.71 23.94
C GLY C 290 9.57 -22.95 24.30
N VAL C 291 9.14 -23.05 25.56
CA VAL C 291 8.31 -24.17 26.05
C VAL C 291 6.98 -23.57 26.53
N VAL C 292 5.87 -24.26 26.28
CA VAL C 292 4.55 -23.77 26.78
C VAL C 292 4.06 -24.69 27.90
N GLY C 293 3.82 -24.13 29.07
CA GLY C 293 3.26 -24.91 30.18
C GLY C 293 1.78 -24.65 30.30
N VAL C 294 0.99 -25.70 30.42
CA VAL C 294 -0.49 -25.49 30.41
C VAL C 294 -1.08 -25.58 31.82
N VAL C 295 -1.43 -24.43 32.39
CA VAL C 295 -2.15 -24.43 33.69
C VAL C 295 -3.62 -24.43 33.33
N GLY C 296 -4.18 -25.61 33.08
CA GLY C 296 -5.60 -25.72 32.73
C GLY C 296 -5.79 -26.42 31.40
N SER C 297 -5.51 -27.72 31.37
CA SER C 297 -5.57 -28.47 30.09
C SER C 297 -6.94 -28.34 29.45
N THR C 298 -6.97 -28.33 28.12
CA THR C 298 -8.24 -28.16 27.37
C THR C 298 -9.22 -29.28 27.65
N GLU C 299 -8.77 -30.54 27.67
CA GLU C 299 -9.74 -31.66 27.77
C GLU C 299 -9.64 -32.44 29.08
N GLU C 300 -8.59 -32.24 29.87
CA GLU C 300 -8.42 -33.05 31.10
C GLU C 300 -8.28 -32.14 32.33
N GLY C 301 -8.00 -30.86 32.11
CA GLY C 301 -7.94 -29.92 33.24
C GLY C 301 -6.67 -30.10 34.03
N ALA C 302 -5.60 -30.48 33.35
CA ALA C 302 -4.33 -30.76 34.04
C ALA C 302 -3.50 -29.50 34.18
N VAL C 303 -2.71 -29.43 35.25
CA VAL C 303 -1.85 -28.24 35.47
C VAL C 303 -0.41 -28.74 35.34
N ASP C 304 0.28 -28.28 34.31
CA ASP C 304 1.67 -28.76 34.07
C ASP C 304 2.53 -28.22 35.20
N SER C 305 3.59 -28.94 35.54
CA SER C 305 4.48 -28.54 36.66
C SER C 305 5.34 -27.37 36.23
N ILE C 306 4.76 -26.17 36.18
CA ILE C 306 5.58 -24.97 35.87
C ILE C 306 6.71 -24.90 36.89
N ASP C 307 6.49 -25.42 38.09
CA ASP C 307 7.55 -25.44 39.14
C ASP C 307 8.76 -26.19 38.60
N LYS C 308 8.53 -27.34 37.98
CA LYS C 308 9.65 -28.21 37.54
C LYS C 308 10.19 -27.75 36.20
N ILE C 309 9.39 -27.06 35.39
CA ILE C 309 9.84 -26.54 34.07
C ILE C 309 10.90 -25.46 34.31
N ILE C 310 10.70 -24.59 35.28
CA ILE C 310 11.64 -23.45 35.49
C ILE C 310 12.86 -23.97 36.24
N ALA C 311 12.70 -25.07 36.97
CA ALA C 311 13.86 -25.65 37.67
C ALA C 311 14.79 -26.31 36.65
N LEU C 312 14.23 -26.97 35.64
CA LEU C 312 15.07 -27.58 34.58
C LEU C 312 15.77 -26.47 33.82
N ARG C 313 15.06 -25.40 33.50
CA ARG C 313 15.67 -24.24 32.82
C ARG C 313 16.91 -23.80 33.59
N ASP C 314 16.81 -23.74 34.92
CA ASP C 314 17.94 -23.30 35.77
C ASP C 314 19.11 -24.28 35.64
N GLU C 315 18.82 -25.58 35.71
CA GLU C 315 19.87 -26.62 35.61
C GLU C 315 20.45 -26.64 34.19
N LEU C 316 19.62 -26.34 33.18
CA LEU C 316 20.08 -26.41 31.77
C LEU C 316 20.93 -25.18 31.47
N MET C 317 20.73 -24.12 32.21
CA MET C 317 21.48 -22.87 31.95
C MET C 317 22.89 -23.06 32.48
N LYS C 318 23.08 -24.04 33.36
CA LYS C 318 24.45 -24.36 33.83
C LYS C 318 25.21 -24.95 32.64
N ASP C 319 24.50 -25.61 31.73
CA ASP C 319 25.14 -26.16 30.51
C ASP C 319 24.87 -25.19 29.36
N GLY C 320 24.48 -23.94 29.67
CA GLY C 320 24.27 -22.91 28.64
C GLY C 320 23.06 -23.14 27.75
N ILE C 321 22.00 -23.77 28.26
CA ILE C 321 20.75 -23.96 27.48
C ILE C 321 19.63 -23.17 28.15
N TYR C 322 19.04 -22.21 27.44
CA TYR C 322 17.94 -21.39 28.01
C TYR C 322 16.69 -21.53 27.17
N TYR C 323 15.51 -21.54 27.80
CA TYR C 323 14.26 -21.54 27.01
C TYR C 323 13.28 -20.51 27.56
N TYR C 324 12.42 -19.97 26.71
CA TYR C 324 11.35 -19.03 27.13
C TYR C 324 10.24 -19.90 27.68
N VAL C 325 9.55 -19.46 28.73
CA VAL C 325 8.37 -20.24 29.18
C VAL C 325 7.11 -19.40 29.03
N HIS C 326 6.14 -19.91 28.27
CA HIS C 326 4.84 -19.21 28.17
C HIS C 326 3.79 -20.08 28.86
N VAL C 327 3.01 -19.48 29.75
CA VAL C 327 2.00 -20.26 30.52
C VAL C 327 0.66 -20.17 29.81
N ASP C 328 0.16 -21.28 29.28
CA ASP C 328 -1.20 -21.29 28.71
C ASP C 328 -2.16 -21.51 29.87
N ALA C 329 -2.58 -20.43 30.50
CA ALA C 329 -3.50 -20.51 31.65
C ALA C 329 -4.85 -19.93 31.21
N ALA C 330 -5.15 -20.04 29.93
CA ALA C 330 -6.42 -19.53 29.39
C ALA C 330 -7.53 -20.03 30.30
N TYR C 331 -7.48 -21.30 30.66
CA TYR C 331 -8.51 -21.88 31.54
C TYR C 331 -8.26 -21.59 33.01
N GLY C 332 -7.19 -22.10 33.60
CA GLY C 332 -6.98 -21.98 35.05
C GLY C 332 -6.27 -20.73 35.51
N GLY C 333 -6.10 -19.74 34.67
CA GLY C 333 -5.32 -18.57 35.07
C GLY C 333 -5.92 -17.81 36.22
N TYR C 334 -7.23 -17.62 36.17
CA TYR C 334 -7.91 -16.83 37.23
C TYR C 334 -7.77 -17.63 38.51
N GLY C 335 -7.56 -18.93 38.38
CA GLY C 335 -7.45 -19.82 39.54
C GLY C 335 -6.32 -19.49 40.48
N ARG C 336 -5.47 -18.54 40.12
CA ARG C 336 -4.30 -18.22 40.97
C ARG C 336 -4.76 -17.28 42.08
N ALA C 337 -6.02 -16.85 42.01
CA ALA C 337 -6.57 -15.90 43.01
C ALA C 337 -6.83 -16.64 44.30
N ILE C 338 -7.09 -17.94 44.20
CA ILE C 338 -7.36 -18.79 45.39
C ILE C 338 -6.09 -18.85 46.22
N PHE C 339 -4.97 -18.35 45.70
CA PHE C 339 -3.69 -18.52 46.40
C PHE C 339 -3.14 -17.18 46.87
N LEU C 340 -3.88 -16.10 46.67
CA LEU C 340 -3.36 -14.77 47.04
C LEU C 340 -4.20 -14.17 48.17
N ASP C 341 -3.58 -13.35 49.02
CA ASP C 341 -4.30 -12.69 50.13
C ASP C 341 -4.63 -11.26 49.74
N GLU C 342 -5.22 -10.47 50.62
CA GLU C 342 -5.67 -9.11 50.26
C GLU C 342 -4.47 -8.18 50.11
N ASP C 343 -3.26 -8.66 50.39
CA ASP C 343 -2.05 -7.83 50.18
C ASP C 343 -1.30 -8.44 49.01
N ASN C 344 -1.94 -9.32 48.26
CA ASN C 344 -1.35 -9.97 47.06
C ASN C 344 -0.11 -10.79 47.42
N ASN C 345 -0.14 -11.47 48.55
CA ASN C 345 0.98 -12.38 48.88
C ASN C 345 0.50 -13.81 48.70
N PHE C 346 1.34 -14.66 48.13
CA PHE C 346 0.97 -16.07 47.92
C PHE C 346 0.86 -16.75 49.28
N ILE C 347 -0.35 -17.10 49.68
CA ILE C 347 -0.56 -17.73 51.00
C ILE C 347 0.26 -19.00 51.06
N PRO C 348 1.14 -19.24 52.07
CA PRO C 348 1.82 -20.53 52.19
C PRO C 348 0.86 -21.71 52.17
N TYR C 349 1.32 -22.87 51.71
CA TYR C 349 0.42 -24.03 51.50
C TYR C 349 -0.27 -24.49 52.77
N GLU C 350 0.41 -24.41 53.89
CA GLU C 350 -0.15 -24.98 55.15
C GLU C 350 -1.15 -24.02 55.76
N ASP C 351 -1.11 -22.76 55.33
CA ASP C 351 -2.02 -21.74 55.86
C ASP C 351 -3.30 -21.75 55.01
N LEU C 352 -3.24 -22.33 53.82
CA LEU C 352 -4.36 -22.29 52.86
C LEU C 352 -5.66 -22.73 53.51
N GLN C 353 -5.71 -23.94 54.05
CA GLN C 353 -7.01 -24.43 54.59
C GLN C 353 -7.57 -23.47 55.63
N ASP C 354 -6.69 -22.79 56.38
CA ASP C 354 -7.17 -21.89 57.45
C ASP C 354 -7.69 -20.59 56.84
N VAL C 355 -7.01 -20.08 55.82
CA VAL C 355 -7.42 -18.82 55.16
C VAL C 355 -8.65 -19.11 54.30
N HIS C 356 -8.70 -20.29 53.68
CA HIS C 356 -9.86 -20.67 52.84
C HIS C 356 -11.10 -20.81 53.72
N GLU C 357 -10.94 -21.18 54.98
CA GLU C 357 -12.09 -21.25 55.90
C GLU C 357 -12.42 -19.85 56.41
N GLU C 358 -11.40 -19.01 56.56
CA GLU C 358 -11.61 -17.61 57.02
C GLU C 358 -12.32 -16.82 55.93
N TYR C 359 -12.21 -17.25 54.67
CA TYR C 359 -12.77 -16.42 53.57
C TYR C 359 -13.91 -17.11 52.84
N GLY C 360 -14.38 -18.24 53.32
CA GLY C 360 -15.56 -18.90 52.73
C GLY C 360 -15.25 -19.58 51.42
N VAL C 361 -13.98 -19.62 51.04
CA VAL C 361 -13.57 -20.22 49.74
C VAL C 361 -13.97 -21.69 49.69
N PHE C 362 -13.72 -22.39 50.77
CA PHE C 362 -14.13 -23.81 50.83
C PHE C 362 -15.04 -24.01 52.03
N LYS C 363 -16.09 -24.80 51.88
CA LYS C 363 -17.07 -25.01 52.97
C LYS C 363 -16.58 -26.12 53.89
N GLU C 364 -15.86 -27.09 53.34
CA GLU C 364 -15.34 -28.24 54.13
C GLU C 364 -13.85 -28.05 54.32
N LYS C 365 -13.36 -28.11 55.55
CA LYS C 365 -11.92 -27.95 55.83
C LYS C 365 -11.21 -29.27 55.52
N LYS C 366 -10.63 -29.37 54.35
CA LYS C 366 -9.90 -30.58 53.95
C LYS C 366 -8.96 -30.14 52.84
N GLU C 367 -7.97 -30.96 52.49
CA GLU C 367 -7.10 -30.62 51.34
C GLU C 367 -7.98 -30.59 50.11
N HIS C 368 -7.88 -29.52 49.32
CA HIS C 368 -8.67 -29.43 48.08
C HIS C 368 -7.68 -29.20 46.94
N ILE C 369 -6.61 -28.48 47.22
CA ILE C 369 -5.54 -28.23 46.21
C ILE C 369 -4.29 -28.97 46.65
N SER C 370 -3.63 -29.66 45.71
CA SER C 370 -2.39 -30.39 46.02
C SER C 370 -1.23 -29.42 46.03
N ARG C 371 -0.15 -29.78 46.72
CA ARG C 371 1.03 -28.89 46.81
C ARG C 371 1.61 -28.78 45.42
N GLU C 372 1.44 -29.81 44.62
CA GLU C 372 2.01 -29.82 43.25
C GLU C 372 1.33 -28.74 42.42
N VAL C 373 0.00 -28.69 42.42
CA VAL C 373 -0.75 -27.67 41.66
C VAL C 373 -0.42 -26.31 42.24
N TYR C 374 -0.25 -26.23 43.57
CA TYR C 374 0.10 -24.96 44.26
C TYR C 374 1.47 -24.47 43.79
N ASP C 375 2.43 -25.38 43.71
CA ASP C 375 3.82 -24.97 43.38
C ASP C 375 3.88 -24.55 41.92
N ALA C 376 3.09 -25.19 41.08
CA ALA C 376 3.05 -24.83 39.65
C ALA C 376 2.49 -23.42 39.51
N TYR C 377 1.39 -23.15 40.20
CA TYR C 377 0.71 -21.84 40.08
C TYR C 377 1.62 -20.74 40.59
N LYS C 378 2.47 -21.06 41.55
CA LYS C 378 3.38 -20.04 42.14
C LYS C 378 4.53 -19.76 41.19
N ALA C 379 4.82 -20.70 40.30
CA ALA C 379 6.00 -20.56 39.42
C ALA C 379 5.67 -19.80 38.14
N ILE C 380 4.42 -19.36 37.98
CA ILE C 380 4.02 -18.56 36.80
C ILE C 380 4.69 -17.19 36.93
N GLU C 381 5.09 -16.83 38.14
CA GLU C 381 5.74 -15.53 38.41
C GLU C 381 7.11 -15.46 37.72
N LEU C 382 7.70 -16.61 37.42
CA LEU C 382 9.05 -16.65 36.84
C LEU C 382 8.96 -16.90 35.34
N ALA C 383 7.74 -17.06 34.83
CA ALA C 383 7.54 -17.21 33.37
C ALA C 383 7.49 -15.83 32.73
N GLU C 384 7.65 -15.75 31.42
CA GLU C 384 7.74 -14.42 30.76
C GLU C 384 6.37 -13.98 30.25
N SER C 385 5.51 -14.93 29.91
CA SER C 385 4.17 -14.59 29.35
C SER C 385 3.12 -15.55 29.89
N VAL C 386 1.90 -15.06 30.07
CA VAL C 386 0.79 -15.92 30.54
C VAL C 386 -0.45 -15.61 29.71
N THR C 387 -1.08 -16.66 29.17
CA THR C 387 -2.35 -16.47 28.46
C THR C 387 -3.43 -16.66 29.52
N ILE C 388 -4.32 -15.70 29.68
CA ILE C 388 -5.42 -15.79 30.67
C ILE C 388 -6.71 -15.36 29.98
N ASP C 389 -7.74 -16.17 30.04
CA ASP C 389 -9.01 -15.85 29.36
C ASP C 389 -10.06 -15.44 30.39
N PRO C 390 -10.39 -14.13 30.49
CA PRO C 390 -11.50 -13.70 31.33
C PRO C 390 -12.81 -14.41 30.96
N HIS C 391 -12.99 -14.83 29.71
CA HIS C 391 -14.24 -15.47 29.25
C HIS C 391 -14.23 -16.96 29.58
N LYS C 392 -13.35 -17.36 30.47
CA LYS C 392 -13.36 -18.75 30.94
C LYS C 392 -13.59 -18.69 32.45
N MET C 393 -12.55 -18.94 33.24
CA MET C 393 -12.72 -18.98 34.71
C MET C 393 -12.74 -17.56 35.27
N GLY C 394 -12.89 -16.57 34.41
CA GLY C 394 -13.07 -15.18 34.88
C GLY C 394 -14.54 -14.88 34.89
N TYR C 395 -15.33 -15.81 34.38
CA TYR C 395 -16.80 -15.67 34.40
C TYR C 395 -17.19 -14.36 33.74
N ILE C 396 -16.34 -13.91 32.83
CA ILE C 396 -16.63 -12.65 32.09
C ILE C 396 -17.19 -13.05 30.74
N PRO C 397 -18.20 -12.33 30.20
CA PRO C 397 -18.79 -12.73 28.94
C PRO C 397 -17.88 -12.66 27.72
N TYR C 398 -18.13 -13.54 26.75
CA TYR C 398 -17.31 -13.58 25.52
C TYR C 398 -17.61 -12.31 24.75
N SER C 399 -16.65 -11.85 23.90
CA SER C 399 -15.23 -12.29 23.72
C SER C 399 -14.27 -11.46 24.57
N ALA C 400 -13.54 -12.13 25.45
CA ALA C 400 -12.54 -11.45 26.31
C ALA C 400 -11.41 -12.39 26.68
N GLY C 401 -10.24 -12.23 26.07
CA GLY C 401 -9.06 -13.01 26.44
C GLY C 401 -8.06 -12.11 27.10
N GLY C 402 -6.84 -12.57 27.31
CA GLY C 402 -5.87 -11.73 28.04
C GLY C 402 -4.45 -12.19 27.90
N ILE C 403 -3.52 -11.24 27.94
CA ILE C 403 -2.07 -11.55 27.88
C ILE C 403 -1.41 -10.88 29.07
N VAL C 404 -0.49 -11.58 29.73
CA VAL C 404 0.28 -10.97 30.84
C VAL C 404 1.76 -11.11 30.50
N ILE C 405 2.55 -10.07 30.70
CA ILE C 405 4.02 -10.13 30.47
C ILE C 405 4.75 -9.85 31.78
N GLN C 406 5.89 -10.49 32.02
CA GLN C 406 6.65 -10.38 33.29
C GLN C 406 7.30 -9.01 33.40
N ASP C 407 7.59 -8.40 32.25
CA ASP C 407 8.29 -7.10 32.24
C ASP C 407 7.52 -6.14 31.34
N ILE C 408 7.11 -4.98 31.87
CA ILE C 408 6.40 -3.97 31.04
C ILE C 408 7.36 -3.54 29.93
N ARG C 409 8.63 -3.89 30.06
CA ARG C 409 9.62 -3.40 29.08
C ARG C 409 9.61 -4.31 27.86
N MET C 410 9.17 -5.56 28.02
CA MET C 410 9.27 -6.52 26.91
C MET C 410 8.22 -6.26 25.84
N ARG C 411 7.38 -5.24 26.02
CA ARG C 411 6.33 -4.91 25.03
C ARG C 411 6.90 -4.06 23.92
N ASP C 412 8.15 -3.65 24.08
CA ASP C 412 8.79 -2.75 23.08
C ASP C 412 9.36 -3.62 21.97
N VAL C 413 9.41 -4.92 22.21
CA VAL C 413 9.95 -5.90 21.22
C VAL C 413 8.92 -6.07 20.10
N ILE C 414 7.67 -5.70 20.34
CA ILE C 414 6.58 -5.83 19.32
C ILE C 414 5.97 -4.46 19.11
N SER C 415 6.54 -3.44 19.75
CA SER C 415 5.94 -2.09 19.67
C SER C 415 6.02 -1.54 18.26
N TYR C 416 5.05 -0.72 17.89
CA TYR C 416 5.08 -0.09 16.56
C TYR C 416 4.71 1.36 16.74
N PHE C 417 5.09 2.20 15.81
CA PHE C 417 4.68 3.62 15.83
C PHE C 417 4.64 4.02 14.34
N ASP C 427 1.52 4.96 33.34
CA ASP C 427 1.50 5.61 32.01
C ASP C 427 0.64 4.78 31.05
N ILE C 428 -0.45 5.36 30.56
CA ILE C 428 -1.36 4.63 29.65
C ILE C 428 -0.96 4.91 28.21
N PRO C 429 -0.86 3.90 27.32
CA PRO C 429 -0.56 4.15 25.93
C PRO C 429 -1.62 5.03 25.27
N ALA C 430 -1.21 5.91 24.37
CA ALA C 430 -2.16 6.75 23.64
C ALA C 430 -2.76 5.90 22.53
N LEU C 431 -1.98 4.95 22.03
CA LEU C 431 -2.51 3.99 21.03
C LEU C 431 -2.08 2.61 21.51
N LEU C 432 -3.00 1.89 22.16
CA LEU C 432 -2.70 0.54 22.68
C LEU C 432 -2.51 -0.40 21.50
N GLY C 433 -2.97 0.01 20.33
CA GLY C 433 -2.81 -0.81 19.12
C GLY C 433 -1.36 -0.90 18.72
N ALA C 434 -0.51 -0.17 19.41
CA ALA C 434 0.94 -0.17 19.11
C ALA C 434 1.64 -1.20 19.96
N TYR C 435 0.94 -1.81 20.91
CA TYR C 435 1.59 -2.76 21.85
C TYR C 435 0.80 -4.06 21.90
N ILE C 436 -0.12 -4.23 20.94
CA ILE C 436 -0.99 -5.44 20.92
C ILE C 436 -0.91 -6.07 19.53
N LEU C 437 -1.20 -7.37 19.44
CA LEU C 437 -1.18 -8.07 18.13
C LEU C 437 -2.43 -7.64 17.35
N GLU C 438 -3.50 -7.32 18.06
CA GLU C 438 -4.76 -6.99 17.36
C GLU C 438 -4.86 -5.49 17.16
N GLY C 439 -6.02 -5.02 16.71
CA GLY C 439 -6.25 -3.60 16.50
C GLY C 439 -7.44 -3.11 17.27
N SER C 440 -8.54 -2.81 16.58
CA SER C 440 -9.73 -2.25 17.26
C SER C 440 -10.25 -3.18 18.34
N LYS C 441 -10.52 -2.64 19.51
CA LYS C 441 -11.06 -3.43 20.62
C LYS C 441 -12.29 -2.69 21.14
N ALA C 442 -13.22 -3.41 21.75
CA ALA C 442 -14.37 -2.75 22.39
C ALA C 442 -13.93 -2.27 23.77
N GLY C 443 -14.24 -1.04 24.12
CA GLY C 443 -13.92 -0.55 25.47
C GLY C 443 -14.89 -1.18 26.42
N ALA C 444 -16.01 -1.66 25.90
CA ALA C 444 -17.03 -2.32 26.71
C ALA C 444 -16.46 -3.60 27.30
N THR C 445 -15.52 -4.21 26.59
CA THR C 445 -14.90 -5.48 27.05
C THR C 445 -14.05 -5.15 28.25
N ALA C 446 -13.49 -3.94 28.30
CA ALA C 446 -12.59 -3.59 29.40
C ALA C 446 -13.41 -3.24 30.62
N ALA C 447 -14.54 -2.59 30.41
CA ALA C 447 -15.44 -2.27 31.53
C ALA C 447 -15.97 -3.56 32.11
N SER C 448 -16.15 -4.57 31.26
CA SER C 448 -16.70 -5.86 31.70
C SER C 448 -15.70 -6.57 32.61
N VAL C 449 -14.43 -6.52 32.24
CA VAL C 449 -13.39 -7.25 33.01
C VAL C 449 -13.12 -6.44 34.27
N TRP C 450 -13.12 -5.12 34.14
CA TRP C 450 -12.87 -4.22 35.29
C TRP C 450 -13.97 -4.43 36.32
N ALA C 451 -15.22 -4.44 35.89
CA ALA C 451 -16.34 -4.58 36.84
C ALA C 451 -16.15 -5.83 37.67
N ALA C 452 -15.74 -6.91 37.04
CA ALA C 452 -15.60 -8.19 37.75
C ALA C 452 -14.42 -8.16 38.70
N HIS C 453 -13.38 -7.44 38.34
CA HIS C 453 -12.14 -7.42 39.16
C HIS C 453 -12.39 -6.54 40.37
N HIS C 454 -13.36 -5.64 40.29
CA HIS C 454 -13.59 -4.67 41.39
C HIS C 454 -14.76 -5.13 42.27
N VAL C 455 -15.61 -6.01 41.77
CA VAL C 455 -16.68 -6.60 42.60
C VAL C 455 -16.05 -7.83 43.23
N LEU C 456 -15.27 -8.57 42.45
CA LEU C 456 -14.58 -9.77 42.96
C LEU C 456 -13.08 -9.56 42.89
N PRO C 457 -12.38 -9.07 43.94
CA PRO C 457 -10.94 -8.95 43.91
C PRO C 457 -10.21 -10.21 43.43
N LEU C 458 -9.05 -10.02 42.82
CA LEU C 458 -8.27 -11.17 42.31
C LEU C 458 -7.50 -11.76 43.48
N ASN C 459 -8.20 -11.98 44.59
CA ASN C 459 -7.59 -12.62 45.77
C ASN C 459 -8.62 -13.54 46.41
N VAL C 460 -8.35 -13.99 47.63
CA VAL C 460 -9.22 -14.97 48.34
C VAL C 460 -10.50 -14.28 48.80
N ALA C 461 -10.57 -12.95 48.63
CA ALA C 461 -11.73 -12.18 49.11
C ALA C 461 -12.70 -11.94 47.97
N GLY C 462 -12.38 -12.48 46.80
CA GLY C 462 -13.30 -12.37 45.66
C GLY C 462 -13.25 -13.60 44.78
N TYR C 463 -12.44 -13.57 43.74
CA TYR C 463 -12.41 -14.69 42.76
C TYR C 463 -12.03 -15.99 43.43
N GLY C 464 -11.33 -15.94 44.54
CA GLY C 464 -10.97 -17.17 45.25
C GLY C 464 -12.18 -17.92 45.71
N LYS C 465 -13.21 -17.21 46.14
CA LYS C 465 -14.44 -17.83 46.67
C LYS C 465 -15.22 -18.46 45.52
N LEU C 466 -15.20 -17.84 44.34
CA LEU C 466 -15.88 -18.40 43.16
C LEU C 466 -15.11 -19.61 42.66
N ILE C 467 -13.79 -19.48 42.53
CA ILE C 467 -12.97 -20.59 41.97
C ILE C 467 -12.99 -21.73 42.98
N GLY C 468 -13.12 -21.43 44.26
CA GLY C 468 -13.23 -22.47 45.30
C GLY C 468 -14.60 -23.11 45.27
N ALA C 469 -15.63 -22.35 44.93
CA ALA C 469 -16.98 -22.93 44.80
C ALA C 469 -17.02 -23.87 43.61
N SER C 470 -16.27 -23.55 42.57
CA SER C 470 -16.23 -24.41 41.36
C SER C 470 -15.44 -25.68 41.68
N ILE C 471 -14.33 -25.52 42.41
CA ILE C 471 -13.45 -26.68 42.70
C ILE C 471 -14.17 -27.62 43.69
N GLU C 472 -14.83 -27.08 44.70
CA GLU C 472 -15.45 -27.99 45.69
C GLU C 472 -16.59 -28.72 45.01
N GLY C 473 -17.26 -28.07 44.06
CA GLY C 473 -18.33 -28.72 43.29
C GLY C 473 -17.76 -29.80 42.40
N SER C 474 -16.59 -29.55 41.82
CA SER C 474 -15.90 -30.56 41.00
C SER C 474 -15.61 -31.77 41.87
N HIS C 475 -15.31 -31.53 43.14
CA HIS C 475 -14.90 -32.63 44.03
C HIS C 475 -16.13 -33.38 44.51
N HIS C 476 -17.25 -32.68 44.65
CA HIS C 476 -18.52 -33.35 45.06
C HIS C 476 -18.95 -34.25 43.92
N PHE C 477 -18.80 -33.79 42.69
CA PHE C 477 -19.13 -34.63 41.51
C PHE C 477 -18.14 -35.77 41.44
N TYR C 478 -16.85 -35.51 41.66
CA TYR C 478 -15.81 -36.55 41.53
C TYR C 478 -16.15 -37.70 42.45
N ASN C 479 -16.50 -37.40 43.68
CA ASN C 479 -16.71 -38.49 44.66
C ASN C 479 -18.02 -39.20 44.36
N PHE C 480 -18.94 -38.51 43.68
CA PHE C 480 -20.25 -39.12 43.33
C PHE C 480 -20.05 -40.07 42.17
N LEU C 481 -19.20 -39.69 41.22
CA LEU C 481 -18.97 -40.54 40.02
C LEU C 481 -18.26 -41.80 40.50
N ASN C 482 -17.29 -41.64 41.39
CA ASN C 482 -16.65 -42.84 41.97
C ASN C 482 -17.73 -43.58 42.76
N ASP C 483 -17.56 -44.88 42.97
CA ASP C 483 -18.57 -45.69 43.69
C ASP C 483 -19.99 -45.41 43.18
N LEU C 484 -20.26 -45.72 41.92
CA LEU C 484 -21.63 -45.56 41.37
C LEU C 484 -21.91 -46.69 40.37
N THR C 485 -23.14 -47.21 40.35
CA THR C 485 -23.51 -48.33 39.43
C THR C 485 -24.90 -48.06 38.84
N HIS C 496 -13.80 -45.87 36.74
CA HIS C 496 -14.85 -44.87 36.43
C HIS C 496 -14.22 -43.48 36.19
N THR C 497 -13.36 -43.00 37.10
CA THR C 497 -12.81 -41.62 36.93
C THR C 497 -11.39 -41.69 36.39
N LEU C 498 -11.04 -40.79 35.49
CA LEU C 498 -9.72 -40.80 34.82
C LEU C 498 -8.60 -40.54 35.82
N THR C 499 -8.52 -39.31 36.34
CA THR C 499 -7.46 -38.95 37.31
C THR C 499 -8.13 -38.10 38.39
N HIS C 500 -7.36 -37.59 39.34
CA HIS C 500 -7.94 -36.67 40.35
C HIS C 500 -7.88 -35.27 39.74
N PRO C 501 -8.96 -34.47 39.84
CA PRO C 501 -8.98 -33.16 39.23
C PRO C 501 -7.87 -32.23 39.74
N ASP C 502 -7.08 -31.68 38.84
CA ASP C 502 -6.03 -30.71 39.23
C ASP C 502 -6.70 -29.35 39.35
N PHE C 503 -7.84 -29.16 38.68
CA PHE C 503 -8.60 -27.90 38.79
C PHE C 503 -10.07 -28.25 39.01
N ASN C 504 -10.91 -27.98 38.00
CA ASN C 504 -12.37 -28.17 38.16
C ASN C 504 -12.93 -29.06 37.05
N MET C 505 -12.06 -29.73 36.31
CA MET C 505 -12.54 -30.63 35.23
C MET C 505 -12.45 -32.09 35.68
N VAL C 506 -13.59 -32.76 35.75
CA VAL C 506 -13.63 -34.19 36.14
C VAL C 506 -13.88 -35.00 34.87
N ASP C 507 -12.94 -35.87 34.53
CA ASP C 507 -13.07 -36.72 33.33
C ASP C 507 -13.50 -38.11 33.80
N TYR C 508 -14.48 -38.71 33.14
CA TYR C 508 -15.03 -40.01 33.61
C TYR C 508 -15.40 -40.91 32.42
N VAL C 509 -15.43 -42.22 32.67
CA VAL C 509 -15.76 -43.21 31.60
C VAL C 509 -16.75 -44.21 32.16
N PHE C 510 -17.55 -44.81 31.30
CA PHE C 510 -18.51 -45.85 31.75
C PHE C 510 -18.02 -47.18 31.17
N LYS C 511 -17.99 -48.23 31.99
CA LYS C 511 -17.44 -49.53 31.52
C LYS C 511 -18.27 -50.69 32.07
N GLU C 512 -18.59 -51.66 31.22
CA GLU C 512 -19.35 -52.86 31.67
C GLU C 512 -18.48 -53.69 32.60
N LYS C 513 -19.00 -54.11 33.74
CA LYS C 513 -18.24 -55.00 34.65
C LYS C 513 -17.90 -56.27 33.87
N GLY C 514 -16.68 -56.38 33.34
CA GLY C 514 -16.27 -57.62 32.65
C GLY C 514 -15.81 -57.40 31.21
N ASN C 515 -16.51 -56.54 30.46
CA ASN C 515 -16.15 -56.27 29.04
C ASN C 515 -14.70 -55.78 28.95
N ASP C 516 -13.95 -56.27 27.96
CA ASP C 516 -12.52 -55.90 27.80
C ASP C 516 -12.36 -55.13 26.50
N ASP C 517 -13.44 -54.92 25.77
CA ASP C 517 -13.27 -54.27 24.44
C ASP C 517 -13.25 -52.77 24.60
N LEU C 518 -12.08 -52.17 24.38
CA LEU C 518 -11.97 -50.69 24.41
C LEU C 518 -12.93 -50.18 23.35
N VAL C 519 -12.86 -50.70 22.12
CA VAL C 519 -13.81 -50.29 21.05
C VAL C 519 -15.24 -50.32 21.60
N ALA C 520 -15.59 -51.34 22.39
CA ALA C 520 -16.99 -51.48 22.87
C ALA C 520 -17.32 -50.48 23.96
N MET C 521 -16.38 -50.19 24.85
CA MET C 521 -16.75 -49.30 25.96
C MET C 521 -16.56 -47.88 25.47
N ASN C 522 -15.74 -47.74 24.43
CA ASN C 522 -15.60 -46.42 23.81
C ASN C 522 -16.94 -46.17 23.15
N LYS C 523 -17.67 -47.25 22.91
CA LYS C 523 -18.99 -47.13 22.25
C LYS C 523 -20.00 -46.65 23.28
N LEU C 524 -20.06 -47.31 24.44
CA LEU C 524 -20.98 -46.90 25.53
C LEU C 524 -20.82 -45.39 25.72
N ASN C 525 -19.59 -44.90 25.73
CA ASN C 525 -19.34 -43.47 26.04
C ASN C 525 -19.73 -42.56 24.87
N HIS C 526 -19.68 -43.04 23.64
CA HIS C 526 -20.14 -42.16 22.53
C HIS C 526 -21.67 -42.20 22.53
N ASP C 527 -22.24 -43.22 23.17
CA ASP C 527 -23.72 -43.38 23.19
C ASP C 527 -24.30 -42.46 24.25
N VAL C 528 -23.73 -42.50 25.45
CA VAL C 528 -24.24 -41.65 26.56
C VAL C 528 -24.01 -40.19 26.20
N TYR C 529 -22.88 -39.86 25.56
CA TYR C 529 -22.70 -38.45 25.14
C TYR C 529 -23.79 -38.12 24.15
N ASP C 530 -24.00 -39.02 23.19
CA ASP C 530 -24.97 -38.71 22.11
C ASP C 530 -26.30 -38.36 22.77
N TYR C 531 -26.78 -39.23 23.64
CA TYR C 531 -28.11 -38.98 24.24
C TYR C 531 -28.04 -37.69 25.07
N ALA C 532 -26.93 -37.47 25.74
CA ALA C 532 -26.77 -36.26 26.58
C ALA C 532 -26.25 -35.08 25.75
N SER C 533 -26.69 -34.96 24.50
CA SER C 533 -26.26 -33.75 23.74
C SER C 533 -27.33 -33.24 22.78
N TYR C 534 -27.00 -32.19 22.05
CA TYR C 534 -27.93 -31.61 21.04
C TYR C 534 -28.05 -32.57 19.87
N VAL C 535 -27.14 -33.53 19.79
CA VAL C 535 -27.12 -34.44 18.60
C VAL C 535 -28.34 -35.36 18.66
N LYS C 536 -28.99 -35.47 19.82
CA LYS C 536 -30.10 -36.45 19.93
C LYS C 536 -31.26 -35.83 20.70
N GLY C 537 -32.17 -35.16 20.00
CA GLY C 537 -33.37 -34.59 20.64
C GLY C 537 -33.28 -33.08 20.77
N ASN C 538 -34.17 -32.50 21.58
CA ASN C 538 -34.10 -31.04 21.87
C ASN C 538 -33.17 -30.85 23.06
N ILE C 539 -32.25 -29.90 22.97
CA ILE C 539 -31.29 -29.61 24.07
C ILE C 539 -32.02 -28.77 25.13
N TYR C 540 -33.31 -28.53 24.93
CA TYR C 540 -34.14 -27.77 25.90
C TYR C 540 -35.00 -28.75 26.70
N ASN C 541 -34.71 -30.05 26.60
CA ASN C 541 -35.45 -31.09 27.36
C ASN C 541 -34.47 -32.22 27.68
N ASN C 542 -33.18 -31.94 27.71
CA ASN C 542 -32.15 -33.01 27.88
C ASN C 542 -32.20 -33.73 29.22
N GLU C 543 -32.24 -33.03 30.35
CA GLU C 543 -32.28 -33.61 31.73
C GLU C 543 -30.86 -33.89 32.26
N PHE C 544 -29.86 -34.00 31.38
CA PHE C 544 -28.44 -34.21 31.76
C PHE C 544 -27.57 -33.92 30.54
N ILE C 545 -26.68 -32.94 30.64
CA ILE C 545 -25.76 -32.62 29.51
C ILE C 545 -24.34 -32.84 30.02
N THR C 546 -23.52 -33.53 29.22
CA THR C 546 -22.09 -33.73 29.58
C THR C 546 -21.31 -33.50 28.30
N SER C 547 -19.99 -33.59 28.36
CA SER C 547 -19.22 -33.47 27.10
C SER C 547 -18.46 -34.77 26.86
N HIS C 548 -17.68 -34.82 25.78
CA HIS C 548 -16.91 -36.04 25.44
C HIS C 548 -15.65 -35.65 24.67
N THR C 549 -14.65 -36.53 24.70
CA THR C 549 -13.41 -36.32 23.92
C THR C 549 -12.75 -37.70 23.77
N ASP C 550 -11.89 -37.83 22.77
CA ASP C 550 -11.17 -39.11 22.56
C ASP C 550 -9.71 -38.87 22.91
N PHE C 551 -9.13 -39.77 23.67
CA PHE C 551 -7.70 -39.69 24.03
C PHE C 551 -7.00 -40.65 23.08
N ALA C 552 -6.51 -40.16 21.94
CA ALA C 552 -5.95 -41.05 20.90
C ALA C 552 -4.43 -41.15 20.95
N ILE C 553 -3.89 -42.35 20.65
CA ILE C 553 -2.41 -42.56 20.61
C ILE C 553 -1.75 -41.47 19.77
N PRO C 554 -2.18 -41.11 18.53
CA PRO C 554 -1.50 -40.04 17.82
C PRO C 554 -1.26 -38.74 18.61
N ASP C 555 -2.06 -38.49 19.64
CA ASP C 555 -1.94 -37.18 20.33
C ASP C 555 -1.74 -37.33 21.85
N TYR C 556 -2.14 -38.46 22.43
CA TYR C 556 -2.04 -38.67 23.89
C TYR C 556 -0.98 -39.75 24.17
N GLY C 557 -0.55 -40.46 23.13
CA GLY C 557 0.49 -41.48 23.30
C GLY C 557 -0.02 -42.68 24.05
N ASN C 558 0.84 -43.30 24.86
CA ASN C 558 0.37 -44.42 25.71
C ASN C 558 0.18 -43.86 27.11
N SER C 559 0.09 -42.53 27.23
CA SER C 559 -0.22 -41.90 28.53
C SER C 559 -1.50 -42.46 29.16
N PRO C 560 -2.58 -42.81 28.42
CA PRO C 560 -3.74 -43.42 29.06
C PRO C 560 -3.71 -44.93 29.31
N LEU C 561 -2.58 -45.58 29.07
CA LEU C 561 -2.53 -47.06 29.18
C LEU C 561 -2.72 -47.48 30.63
N LYS C 562 -2.02 -46.83 31.56
CA LYS C 562 -2.12 -47.21 32.99
C LYS C 562 -3.59 -47.09 33.41
N PHE C 563 -4.30 -46.13 32.84
CA PHE C 563 -5.75 -46.03 33.15
C PHE C 563 -6.45 -47.21 32.47
N VAL C 564 -6.24 -47.38 31.18
CA VAL C 564 -6.88 -48.49 30.41
C VAL C 564 -6.65 -49.79 31.19
N ASN C 565 -5.47 -49.95 31.79
CA ASN C 565 -5.21 -51.12 32.65
C ASN C 565 -5.97 -50.88 33.96
N SER C 566 -7.29 -50.98 33.94
CA SER C 566 -8.13 -50.74 35.13
C SER C 566 -7.41 -51.19 36.40
N ASP C 571 -3.59 -54.17 27.06
CA ASP C 571 -2.50 -53.50 26.32
C ASP C 571 -2.72 -53.74 24.82
N GLU C 572 -3.15 -54.95 24.46
CA GLU C 572 -3.49 -55.23 23.03
C GLU C 572 -4.75 -54.46 22.71
N GLU C 573 -5.71 -54.49 23.64
CA GLU C 573 -6.97 -53.73 23.47
C GLU C 573 -6.65 -52.25 23.22
N TRP C 574 -5.63 -51.71 23.87
CA TRP C 574 -5.27 -50.29 23.72
C TRP C 574 -4.68 -50.03 22.34
N ASN C 575 -3.64 -50.78 21.98
CA ASN C 575 -2.95 -50.50 20.70
C ASN C 575 -3.85 -50.81 19.49
N ARG C 576 -4.93 -51.56 19.69
CA ARG C 576 -5.87 -51.82 18.56
C ARG C 576 -6.88 -50.69 18.41
N ALA C 577 -7.53 -50.29 19.51
CA ALA C 577 -8.59 -49.26 19.41
C ALA C 577 -7.95 -47.94 19.04
N GLY C 578 -6.72 -47.71 19.51
CA GLY C 578 -6.00 -46.49 19.14
C GLY C 578 -6.45 -45.31 19.96
N LYS C 579 -7.35 -45.52 20.92
CA LYS C 579 -7.91 -44.38 21.70
C LYS C 579 -8.77 -44.82 22.87
N VAL C 580 -9.03 -43.91 23.80
CA VAL C 580 -10.02 -44.18 24.91
C VAL C 580 -11.00 -43.00 24.89
N THR C 581 -12.29 -43.29 24.83
CA THR C 581 -13.32 -42.22 24.81
C THR C 581 -13.63 -41.84 26.25
N VAL C 582 -13.52 -40.56 26.58
CA VAL C 582 -13.74 -40.11 27.99
C VAL C 582 -14.82 -39.03 27.98
N LEU C 583 -15.64 -38.98 29.02
CA LEU C 583 -16.64 -37.89 29.16
C LEU C 583 -16.01 -36.79 30.01
N ARG C 584 -16.09 -35.54 29.57
CA ARG C 584 -15.46 -34.40 30.30
C ARG C 584 -16.53 -33.55 30.99
N ALA C 585 -16.22 -33.05 32.18
CA ALA C 585 -17.15 -32.20 32.96
C ALA C 585 -16.40 -31.06 33.60
N ALA C 586 -16.38 -29.89 32.95
CA ALA C 586 -15.75 -28.69 33.54
C ALA C 586 -16.74 -28.05 34.51
N VAL C 587 -16.78 -28.49 35.74
CA VAL C 587 -17.75 -27.99 36.74
C VAL C 587 -17.44 -26.53 37.07
N MET C 588 -18.09 -25.58 36.40
CA MET C 588 -17.88 -24.14 36.66
C MET C 588 -19.04 -23.60 37.50
N THR C 589 -20.10 -24.39 37.65
CA THR C 589 -21.27 -23.96 38.45
C THR C 589 -20.79 -23.53 39.83
N PRO C 590 -21.22 -22.37 40.40
CA PRO C 590 -20.83 -22.05 41.76
C PRO C 590 -21.88 -22.48 42.77
N TYR C 591 -22.85 -23.30 42.36
CA TYR C 591 -23.98 -23.61 43.26
C TYR C 591 -23.84 -25.00 43.89
N MET C 592 -22.90 -25.82 43.45
CA MET C 592 -22.79 -27.21 43.95
C MET C 592 -21.64 -27.37 44.93
N ASN C 593 -21.23 -26.30 45.60
CA ASN C 593 -20.13 -26.33 46.59
C ASN C 593 -20.63 -26.84 47.94
N ASP C 594 -21.93 -26.67 48.21
CA ASP C 594 -22.52 -27.18 49.46
C ASP C 594 -22.98 -28.61 49.19
N LYS C 595 -22.52 -29.54 50.00
CA LYS C 595 -22.86 -30.97 49.79
C LYS C 595 -24.38 -31.12 49.77
N GLU C 596 -25.09 -30.32 50.55
CA GLU C 596 -26.56 -30.51 50.66
C GLU C 596 -27.22 -30.19 49.32
N GLU C 597 -26.81 -29.09 48.70
CA GLU C 597 -27.41 -28.70 47.41
C GLU C 597 -26.95 -29.69 46.32
N PHE C 598 -25.76 -30.27 46.47
CA PHE C 598 -25.31 -31.29 45.49
C PHE C 598 -26.10 -32.56 45.69
N ASP C 599 -26.29 -32.94 46.95
CA ASP C 599 -27.01 -34.20 47.28
C ASP C 599 -28.47 -34.05 46.88
N VAL C 600 -28.85 -32.91 46.36
CA VAL C 600 -30.25 -32.73 45.86
C VAL C 600 -30.25 -33.13 44.39
N TYR C 601 -29.32 -32.59 43.62
CA TYR C 601 -29.27 -32.86 42.17
C TYR C 601 -28.57 -34.18 41.92
N ALA C 602 -28.01 -34.79 42.97
CA ALA C 602 -27.38 -36.12 42.82
C ALA C 602 -28.40 -37.11 42.28
N PRO C 603 -29.56 -37.41 42.93
CA PRO C 603 -30.55 -38.31 42.34
C PRO C 603 -31.01 -37.86 40.96
N LYS C 604 -31.09 -36.56 40.74
CA LYS C 604 -31.61 -36.07 39.43
C LYS C 604 -30.63 -36.49 38.34
N ILE C 605 -29.33 -36.45 38.62
CA ILE C 605 -28.32 -36.92 37.62
C ILE C 605 -28.39 -38.44 37.56
N GLN C 606 -28.43 -39.10 38.72
CA GLN C 606 -28.44 -40.59 38.76
C GLN C 606 -29.66 -41.12 38.02
N ALA C 607 -30.81 -40.48 38.18
CA ALA C 607 -32.03 -41.00 37.55
C ALA C 607 -31.92 -40.80 36.04
N ALA C 608 -31.43 -39.63 35.64
CA ALA C 608 -31.28 -39.34 34.20
C ALA C 608 -30.27 -40.32 33.62
N LEU C 609 -29.34 -40.77 34.44
CA LEU C 609 -28.31 -41.72 33.95
C LEU C 609 -28.98 -43.07 33.67
N GLN C 610 -29.89 -43.51 34.54
CA GLN C 610 -30.52 -44.84 34.34
C GLN C 610 -31.48 -44.78 33.14
N GLU C 611 -32.10 -43.63 32.89
CA GLU C 611 -33.09 -43.52 31.79
C GLU C 611 -32.34 -43.31 30.48
N LYS C 612 -31.10 -42.82 30.56
CA LYS C 612 -30.30 -42.71 29.31
C LYS C 612 -29.64 -44.08 29.13
N LEU C 613 -29.56 -44.86 30.21
CA LEU C 613 -29.04 -46.24 30.06
C LEU C 613 -30.10 -47.01 29.28
N GLU C 614 -31.37 -46.87 29.66
CA GLU C 614 -32.49 -47.51 28.91
C GLU C 614 -32.10 -48.92 28.45
#